data_2KSH
#
_entry.id   2KSH
#
_entity_poly.entity_id   1
_entity_poly.type   'polypeptide(L)'
_entity_poly.pdbx_seq_one_letter_code
;MSLKSDEVFAKIAKRLESIDPANRQVEHVYKFRITQGGKVVKNWVMDLKNVKLVESDDAAEATLTMEDDIMFAIGTGALP
AKEAMAQDKMEVDGQVELIFLLEPFIASLK
;
_entity_poly.pdbx_strand_id   A
#
# COMPACT_ATOMS: atom_id res chain seq x y z
N MET A 1 18.75 -5.66 -5.15
CA MET A 1 18.01 -6.07 -6.34
C MET A 1 16.59 -6.50 -5.97
N SER A 2 16.41 -6.95 -4.74
CA SER A 2 15.11 -7.39 -4.27
C SER A 2 14.72 -6.67 -2.98
N LEU A 3 13.45 -6.28 -2.89
CA LEU A 3 12.94 -5.58 -1.71
C LEU A 3 11.93 -6.45 -0.96
N LYS A 4 11.97 -6.35 0.37
CA LYS A 4 11.06 -7.12 1.20
C LYS A 4 9.61 -6.75 0.91
N SER A 5 9.37 -5.48 0.62
CA SER A 5 8.03 -5.00 0.32
C SER A 5 7.38 -5.84 -0.77
N ASP A 6 8.19 -6.38 -1.66
CA ASP A 6 7.71 -7.21 -2.75
C ASP A 6 6.86 -8.36 -2.22
N GLU A 7 7.27 -8.91 -1.08
CA GLU A 7 6.56 -10.03 -0.48
C GLU A 7 5.13 -9.62 -0.12
N VAL A 8 4.98 -8.43 0.44
CA VAL A 8 3.67 -7.91 0.83
C VAL A 8 2.80 -7.65 -0.39
N PHE A 9 3.39 -7.01 -1.40
CA PHE A 9 2.67 -6.69 -2.62
C PHE A 9 2.22 -7.96 -3.35
N ALA A 10 3.09 -8.98 -3.33
CA ALA A 10 2.78 -10.25 -3.97
C ALA A 10 1.58 -10.93 -3.31
N LYS A 11 1.61 -11.02 -1.99
CA LYS A 11 0.52 -11.64 -1.24
C LYS A 11 -0.76 -10.82 -1.35
N ILE A 12 -0.61 -9.50 -1.26
CA ILE A 12 -1.76 -8.60 -1.36
C ILE A 12 -2.48 -8.76 -2.69
N ALA A 13 -1.70 -8.98 -3.76
CA ALA A 13 -2.26 -9.15 -5.09
C ALA A 13 -3.11 -10.41 -5.17
N LYS A 14 -2.52 -11.54 -4.78
CA LYS A 14 -3.22 -12.81 -4.81
C LYS A 14 -4.53 -12.74 -4.02
N ARG A 15 -4.56 -11.87 -3.02
CA ARG A 15 -5.75 -11.69 -2.20
C ARG A 15 -6.80 -10.87 -2.92
N LEU A 16 -6.35 -9.96 -3.78
CA LEU A 16 -7.24 -9.10 -4.54
C LEU A 16 -8.05 -9.91 -5.54
N GLU A 17 -7.60 -11.14 -5.80
CA GLU A 17 -8.29 -12.02 -6.74
C GLU A 17 -9.48 -12.70 -6.07
N SER A 18 -9.53 -12.64 -4.75
CA SER A 18 -10.61 -13.26 -3.99
C SER A 18 -11.75 -12.27 -3.77
N ILE A 19 -11.48 -11.00 -4.05
CA ILE A 19 -12.49 -9.96 -3.89
C ILE A 19 -13.75 -10.28 -4.69
N ASP A 20 -14.91 -10.00 -4.09
CA ASP A 20 -16.19 -10.26 -4.75
C ASP A 20 -16.99 -8.98 -4.89
N PRO A 21 -17.85 -8.92 -5.92
CA PRO A 21 -18.69 -7.76 -6.19
C PRO A 21 -19.80 -7.59 -5.15
N ALA A 22 -20.09 -8.66 -4.42
CA ALA A 22 -21.13 -8.64 -3.39
C ALA A 22 -20.80 -7.59 -2.32
N ASN A 23 -19.59 -7.66 -1.78
CA ASN A 23 -19.16 -6.72 -0.75
C ASN A 23 -18.34 -5.60 -1.35
N ARG A 24 -18.87 -4.38 -1.29
CA ARG A 24 -18.18 -3.21 -1.82
C ARG A 24 -18.50 -1.97 -1.00
N GLN A 25 -17.87 -0.85 -1.36
CA GLN A 25 -18.09 0.41 -0.66
C GLN A 25 -17.24 1.53 -1.26
N VAL A 26 -15.99 1.21 -1.55
CA VAL A 26 -15.07 2.19 -2.14
C VAL A 26 -13.78 1.51 -2.62
N GLU A 27 -13.30 1.95 -3.78
CA GLU A 27 -12.08 1.39 -4.35
C GLU A 27 -11.43 2.37 -5.31
N HIS A 28 -10.19 2.75 -5.02
CA HIS A 28 -9.46 3.69 -5.86
C HIS A 28 -8.01 3.26 -6.03
N VAL A 29 -7.29 3.92 -6.92
CA VAL A 29 -5.89 3.59 -7.18
C VAL A 29 -4.99 4.14 -6.08
N TYR A 30 -4.01 3.35 -5.66
CA TYR A 30 -3.09 3.75 -4.62
C TYR A 30 -1.64 3.50 -5.04
N LYS A 31 -0.80 4.52 -4.88
CA LYS A 31 0.60 4.41 -5.25
C LYS A 31 1.47 4.24 -4.00
N PHE A 32 2.42 3.31 -4.07
CA PHE A 32 3.32 3.04 -2.96
C PHE A 32 4.76 3.39 -3.33
N ARG A 33 5.45 4.07 -2.42
CA ARG A 33 6.83 4.48 -2.65
C ARG A 33 7.77 3.71 -1.73
N ILE A 34 8.69 2.95 -2.33
CA ILE A 34 9.65 2.17 -1.57
C ILE A 34 11.00 2.87 -1.49
N THR A 35 11.41 3.22 -0.27
CA THR A 35 12.68 3.91 -0.06
C THR A 35 13.71 2.96 0.55
N GLN A 36 14.97 3.14 0.15
CA GLN A 36 16.05 2.31 0.66
C GLN A 36 16.88 3.05 1.70
N GLY A 37 16.73 2.65 2.96
CA GLY A 37 17.46 3.28 4.04
C GLY A 37 16.81 4.57 4.50
N GLY A 38 16.42 5.41 3.53
CA GLY A 38 15.80 6.67 3.86
C GLY A 38 15.53 7.53 2.64
N LYS A 39 15.75 6.96 1.46
CA LYS A 39 15.54 7.68 0.21
C LYS A 39 14.79 6.81 -0.80
N VAL A 40 13.88 7.43 -1.54
CA VAL A 40 13.10 6.71 -2.54
C VAL A 40 14.00 6.00 -3.55
N VAL A 41 13.67 4.76 -3.86
CA VAL A 41 14.44 3.97 -4.81
C VAL A 41 13.54 3.35 -5.88
N LYS A 42 12.25 3.33 -5.60
CA LYS A 42 11.29 2.77 -6.55
C LYS A 42 9.86 3.17 -6.18
N ASN A 43 8.94 3.04 -7.12
CA ASN A 43 7.54 3.40 -6.89
C ASN A 43 6.61 2.39 -7.57
N TRP A 44 5.70 1.83 -6.79
CA TRP A 44 4.75 0.86 -7.33
C TRP A 44 3.35 1.47 -7.44
N VAL A 45 2.55 0.93 -8.35
CA VAL A 45 1.19 1.43 -8.57
C VAL A 45 0.18 0.30 -8.45
N MET A 46 -0.92 0.56 -7.74
CA MET A 46 -1.97 -0.44 -7.55
C MET A 46 -3.09 -0.23 -8.56
N ASP A 47 -3.28 -1.19 -9.45
CA ASP A 47 -4.32 -1.11 -10.46
C ASP A 47 -5.65 -1.61 -9.91
N LEU A 48 -6.61 -0.69 -9.80
CA LEU A 48 -7.94 -1.04 -9.27
C LEU A 48 -8.89 -1.38 -10.40
N LYS A 49 -8.51 -1.02 -11.63
CA LYS A 49 -9.34 -1.29 -12.80
C LYS A 49 -9.21 -2.75 -13.23
N ASN A 50 -7.98 -3.27 -13.17
CA ASN A 50 -7.72 -4.65 -13.56
C ASN A 50 -7.53 -5.53 -12.33
N VAL A 51 -7.39 -4.89 -11.17
CA VAL A 51 -7.19 -5.62 -9.92
C VAL A 51 -5.86 -6.35 -9.90
N LYS A 52 -4.80 -5.64 -10.27
CA LYS A 52 -3.46 -6.21 -10.30
C LYS A 52 -2.42 -5.16 -9.94
N LEU A 53 -1.27 -5.63 -9.43
CA LEU A 53 -0.19 -4.72 -9.05
C LEU A 53 0.85 -4.62 -10.17
N VAL A 54 1.28 -3.39 -10.45
CA VAL A 54 2.27 -3.15 -11.49
C VAL A 54 3.21 -2.02 -11.10
N GLU A 55 4.35 -1.95 -11.79
CA GLU A 55 5.34 -0.92 -11.51
C GLU A 55 5.22 0.23 -12.50
N SER A 56 4.80 1.40 -12.01
CA SER A 56 4.64 2.57 -12.85
C SER A 56 4.81 3.85 -12.04
N ASP A 57 4.85 4.99 -12.72
CA ASP A 57 5.00 6.28 -12.08
C ASP A 57 3.75 7.13 -12.26
N ASP A 58 2.73 6.55 -12.87
CA ASP A 58 1.48 7.26 -13.10
C ASP A 58 0.93 7.84 -11.80
N ALA A 59 0.08 8.86 -11.93
CA ALA A 59 -0.52 9.50 -10.77
C ALA A 59 -1.48 8.57 -10.06
N ALA A 60 -1.99 9.01 -8.91
CA ALA A 60 -2.93 8.21 -8.13
C ALA A 60 -3.69 9.08 -7.14
N GLU A 61 -4.84 8.58 -6.70
CA GLU A 61 -5.67 9.31 -5.73
C GLU A 61 -4.88 9.62 -4.47
N ALA A 62 -3.86 8.82 -4.19
CA ALA A 62 -3.02 9.02 -3.01
C ALA A 62 -1.69 8.31 -3.16
N THR A 63 -0.71 8.72 -2.35
CA THR A 63 0.62 8.12 -2.40
C THR A 63 1.12 7.79 -1.00
N LEU A 64 1.57 6.55 -0.81
CA LEU A 64 2.09 6.11 0.48
C LEU A 64 3.57 5.78 0.39
N THR A 65 4.40 6.63 1.00
CA THR A 65 5.84 6.43 0.99
C THR A 65 6.34 5.98 2.36
N MET A 66 7.09 4.89 2.39
CA MET A 66 7.62 4.35 3.63
C MET A 66 8.81 3.43 3.36
N GLU A 67 9.71 3.33 4.33
CA GLU A 67 10.89 2.49 4.19
C GLU A 67 10.49 1.03 3.96
N ASP A 68 11.35 0.29 3.28
CA ASP A 68 11.08 -1.12 2.99
C ASP A 68 10.74 -1.88 4.26
N ASP A 69 11.53 -1.66 5.31
CA ASP A 69 11.30 -2.33 6.59
C ASP A 69 9.96 -1.93 7.18
N ILE A 70 9.54 -0.70 6.92
CA ILE A 70 8.26 -0.20 7.44
C ILE A 70 7.10 -0.80 6.65
N MET A 71 7.15 -0.69 5.34
CA MET A 71 6.10 -1.23 4.47
C MET A 71 5.81 -2.69 4.81
N PHE A 72 6.86 -3.44 5.14
CA PHE A 72 6.71 -4.84 5.49
C PHE A 72 5.85 -5.01 6.74
N ALA A 73 6.10 -4.17 7.74
CA ALA A 73 5.35 -4.23 8.99
C ALA A 73 3.86 -4.00 8.74
N ILE A 74 3.54 -2.95 8.00
CA ILE A 74 2.16 -2.63 7.70
C ILE A 74 1.54 -3.66 6.76
N GLY A 75 2.40 -4.44 6.10
CA GLY A 75 1.93 -5.45 5.19
C GLY A 75 1.69 -6.79 5.87
N THR A 76 2.53 -7.10 6.85
CA THR A 76 2.42 -8.35 7.58
C THR A 76 1.63 -8.16 8.89
N GLY A 77 0.72 -7.19 8.88
CA GLY A 77 -0.07 -6.92 10.06
C GLY A 77 0.77 -6.78 11.31
N ALA A 78 2.02 -6.37 11.14
CA ALA A 78 2.94 -6.20 12.26
C ALA A 78 2.65 -4.90 13.02
N LEU A 79 3.02 -3.79 12.41
CA LEU A 79 2.81 -2.47 13.02
C LEU A 79 1.73 -1.70 12.28
N PRO A 80 0.93 -0.95 13.04
CA PRO A 80 -0.17 -0.14 12.47
C PRO A 80 0.35 1.04 11.66
N ALA A 81 -0.20 1.21 10.45
CA ALA A 81 0.20 2.30 9.58
C ALA A 81 -0.04 3.66 10.24
N LYS A 82 -0.99 3.69 11.17
CA LYS A 82 -1.32 4.93 11.87
C LYS A 82 -0.17 5.36 12.79
N GLU A 83 0.22 4.48 13.69
CA GLU A 83 1.31 4.76 14.62
C GLU A 83 2.58 5.14 13.87
N ALA A 84 2.94 4.32 12.88
CA ALA A 84 4.12 4.57 12.08
C ALA A 84 4.15 6.00 11.55
N MET A 85 2.99 6.49 11.12
CA MET A 85 2.87 7.85 10.59
C MET A 85 3.08 8.88 11.70
N ALA A 86 2.74 8.50 12.93
CA ALA A 86 2.89 9.39 14.08
C ALA A 86 4.36 9.60 14.42
N GLN A 87 5.15 8.55 14.30
CA GLN A 87 6.58 8.63 14.59
C GLN A 87 7.37 9.11 13.37
N ASP A 88 6.65 9.58 12.36
CA ASP A 88 7.27 10.05 11.13
C ASP A 88 7.95 8.92 10.37
N LYS A 89 7.65 7.69 10.78
CA LYS A 89 8.24 6.51 10.15
C LYS A 89 7.65 6.29 8.76
N MET A 90 6.62 7.07 8.43
CA MET A 90 5.96 6.96 7.13
C MET A 90 5.04 8.15 6.88
N GLU A 91 4.80 8.44 5.61
CA GLU A 91 3.94 9.57 5.25
C GLU A 91 2.97 9.16 4.13
N VAL A 92 1.97 10.00 3.89
CA VAL A 92 0.98 9.74 2.86
C VAL A 92 0.47 11.03 2.24
N ASP A 93 0.16 10.98 0.95
CA ASP A 93 -0.34 12.16 0.24
C ASP A 93 -1.66 11.84 -0.46
N GLY A 94 -2.33 12.87 -0.94
CA GLY A 94 -3.60 12.68 -1.64
C GLY A 94 -4.79 12.92 -0.73
N GLN A 95 -5.72 11.96 -0.71
CA GLN A 95 -6.91 12.07 0.11
C GLN A 95 -6.71 11.37 1.45
N VAL A 96 -6.45 12.16 2.49
CA VAL A 96 -6.24 11.62 3.82
C VAL A 96 -7.45 10.83 4.30
N GLU A 97 -8.60 11.09 3.69
CA GLU A 97 -9.83 10.39 4.04
C GLU A 97 -9.83 8.97 3.50
N LEU A 98 -9.29 8.81 2.29
CA LEU A 98 -9.23 7.49 1.66
C LEU A 98 -8.07 6.68 2.21
N ILE A 99 -6.92 7.32 2.36
CA ILE A 99 -5.74 6.65 2.89
C ILE A 99 -6.03 5.94 4.20
N PHE A 100 -6.82 6.59 5.04
CA PHE A 100 -7.19 6.01 6.33
C PHE A 100 -8.30 4.97 6.18
N LEU A 101 -9.11 5.14 5.14
CA LEU A 101 -10.21 4.22 4.87
C LEU A 101 -9.69 2.83 4.55
N LEU A 102 -8.38 2.73 4.34
CA LEU A 102 -7.75 1.44 4.03
C LEU A 102 -7.31 0.73 5.30
N GLU A 103 -6.96 1.50 6.31
CA GLU A 103 -6.52 0.94 7.59
C GLU A 103 -7.45 -0.18 8.04
N PRO A 104 -8.73 0.15 8.22
CA PRO A 104 -9.75 -0.82 8.66
C PRO A 104 -10.07 -1.84 7.57
N PHE A 105 -9.50 -1.64 6.39
CA PHE A 105 -9.72 -2.56 5.27
C PHE A 105 -8.56 -3.53 5.12
N ILE A 106 -7.50 -3.30 5.91
CA ILE A 106 -6.32 -4.16 5.86
C ILE A 106 -6.70 -5.62 6.07
N ALA A 107 -7.80 -5.86 6.77
CA ALA A 107 -8.27 -7.21 7.04
C ALA A 107 -8.84 -7.84 5.78
N SER A 108 -9.50 -7.04 4.95
CA SER A 108 -10.10 -7.54 3.72
C SER A 108 -9.08 -7.54 2.59
N LEU A 109 -8.22 -6.52 2.57
CA LEU A 109 -7.20 -6.40 1.55
C LEU A 109 -6.27 -5.22 1.83
N LYS A 110 -5.00 -5.52 2.05
CA LYS A 110 -4.01 -4.47 2.33
C LYS A 110 -3.44 -3.90 1.04
N MET A 1 18.42 -4.83 -5.31
CA MET A 1 17.87 -5.74 -6.32
C MET A 1 16.47 -6.20 -5.93
N SER A 2 16.33 -6.67 -4.69
CA SER A 2 15.04 -7.15 -4.19
C SER A 2 14.68 -6.48 -2.87
N LEU A 3 13.41 -6.15 -2.71
CA LEU A 3 12.94 -5.51 -1.48
C LEU A 3 12.00 -6.43 -0.71
N LYS A 4 12.10 -6.38 0.62
CA LYS A 4 11.25 -7.20 1.48
C LYS A 4 9.78 -6.90 1.26
N SER A 5 9.48 -5.63 0.97
CA SER A 5 8.11 -5.20 0.74
C SER A 5 7.49 -5.96 -0.43
N ASP A 6 8.35 -6.50 -1.29
CA ASP A 6 7.89 -7.25 -2.46
C ASP A 6 6.94 -8.37 -2.04
N GLU A 7 7.30 -9.08 -0.98
CA GLU A 7 6.49 -10.18 -0.47
C GLU A 7 5.09 -9.70 -0.10
N VAL A 8 5.04 -8.58 0.63
CA VAL A 8 3.77 -8.01 1.04
C VAL A 8 2.84 -7.79 -0.14
N PHE A 9 3.36 -7.15 -1.18
CA PHE A 9 2.59 -6.87 -2.39
C PHE A 9 2.07 -8.15 -3.01
N ALA A 10 2.93 -9.18 -3.03
CA ALA A 10 2.56 -10.47 -3.60
C ALA A 10 1.38 -11.09 -2.86
N LYS A 11 1.46 -11.06 -1.52
CA LYS A 11 0.41 -11.63 -0.69
C LYS A 11 -0.87 -10.80 -0.80
N ILE A 12 -0.73 -9.48 -0.73
CA ILE A 12 -1.87 -8.58 -0.83
C ILE A 12 -2.56 -8.70 -2.17
N ALA A 13 -1.77 -8.74 -3.24
CA ALA A 13 -2.31 -8.86 -4.59
C ALA A 13 -3.24 -10.07 -4.70
N LYS A 14 -2.77 -11.22 -4.21
CA LYS A 14 -3.56 -12.44 -4.26
C LYS A 14 -4.92 -12.24 -3.60
N ARG A 15 -4.94 -11.47 -2.52
CA ARG A 15 -6.17 -11.19 -1.79
C ARG A 15 -7.12 -10.36 -2.64
N LEU A 16 -6.56 -9.49 -3.49
CA LEU A 16 -7.34 -8.63 -4.35
C LEU A 16 -8.19 -9.46 -5.32
N GLU A 17 -7.78 -10.69 -5.55
CA GLU A 17 -8.50 -11.59 -6.45
C GLU A 17 -9.73 -12.17 -5.76
N SER A 18 -9.80 -12.02 -4.44
CA SER A 18 -10.92 -12.54 -3.67
C SER A 18 -12.00 -11.47 -3.49
N ILE A 19 -11.62 -10.21 -3.71
CA ILE A 19 -12.54 -9.10 -3.58
C ILE A 19 -13.74 -9.26 -4.51
N ASP A 20 -14.91 -8.88 -4.03
CA ASP A 20 -16.13 -8.98 -4.83
C ASP A 20 -16.78 -7.61 -5.00
N PRO A 21 -17.52 -7.44 -6.11
CA PRO A 21 -18.20 -6.18 -6.42
C PRO A 21 -19.38 -5.92 -5.49
N ALA A 22 -19.93 -6.99 -4.91
CA ALA A 22 -21.06 -6.88 -3.99
C ALA A 22 -20.71 -5.98 -2.81
N ASN A 23 -19.61 -6.31 -2.12
CA ASN A 23 -19.18 -5.54 -0.97
C ASN A 23 -18.03 -4.61 -1.33
N ARG A 24 -18.27 -3.32 -1.24
CA ARG A 24 -17.25 -2.31 -1.56
C ARG A 24 -17.79 -0.90 -1.36
N GLN A 25 -17.33 -0.25 -0.30
CA GLN A 25 -17.78 1.11 0.01
C GLN A 25 -17.00 2.12 -0.81
N VAL A 26 -15.73 1.82 -1.09
CA VAL A 26 -14.89 2.72 -1.89
C VAL A 26 -13.66 1.99 -2.40
N GLU A 27 -13.21 2.37 -3.59
CA GLU A 27 -12.03 1.75 -4.19
C GLU A 27 -11.44 2.65 -5.27
N HIS A 28 -10.18 3.02 -5.09
CA HIS A 28 -9.49 3.89 -6.05
C HIS A 28 -8.03 3.47 -6.21
N VAL A 29 -7.36 4.07 -7.18
CA VAL A 29 -5.96 3.76 -7.43
C VAL A 29 -5.06 4.41 -6.39
N TYR A 30 -4.09 3.65 -5.90
CA TYR A 30 -3.16 4.16 -4.89
C TYR A 30 -1.72 4.06 -5.38
N LYS A 31 -0.84 4.85 -4.77
CA LYS A 31 0.57 4.86 -5.14
C LYS A 31 1.45 4.52 -3.94
N PHE A 32 2.42 3.63 -4.16
CA PHE A 32 3.32 3.23 -3.09
C PHE A 32 4.78 3.57 -3.44
N ARG A 33 5.49 4.14 -2.48
CA ARG A 33 6.89 4.53 -2.69
C ARG A 33 7.80 3.80 -1.71
N ILE A 34 8.73 3.02 -2.24
CA ILE A 34 9.67 2.28 -1.41
C ILE A 34 11.02 2.98 -1.35
N THR A 35 11.41 3.37 -0.14
CA THR A 35 12.69 4.05 0.06
C THR A 35 13.72 3.13 0.70
N GLN A 36 14.98 3.27 0.29
CA GLN A 36 16.05 2.45 0.84
C GLN A 36 16.86 3.21 1.87
N GLY A 37 16.71 2.83 3.14
CA GLY A 37 17.44 3.50 4.20
C GLY A 37 16.79 4.80 4.63
N GLY A 38 16.42 5.62 3.64
CA GLY A 38 15.79 6.89 3.94
C GLY A 38 15.56 7.72 2.69
N LYS A 39 15.73 7.11 1.53
CA LYS A 39 15.53 7.80 0.26
C LYS A 39 14.77 6.91 -0.73
N VAL A 40 13.94 7.54 -1.55
CA VAL A 40 13.15 6.81 -2.54
C VAL A 40 14.05 6.06 -3.51
N VAL A 41 13.73 4.81 -3.76
CA VAL A 41 14.51 3.97 -4.67
C VAL A 41 13.61 3.30 -5.70
N LYS A 42 12.30 3.39 -5.49
CA LYS A 42 11.34 2.80 -6.41
C LYS A 42 9.91 3.18 -6.02
N ASN A 43 9.00 3.09 -6.99
CA ASN A 43 7.60 3.43 -6.74
C ASN A 43 6.68 2.48 -7.49
N TRP A 44 5.75 1.87 -6.76
CA TRP A 44 4.80 0.92 -7.35
C TRP A 44 3.41 1.54 -7.44
N VAL A 45 2.58 0.99 -8.32
CA VAL A 45 1.22 1.48 -8.50
C VAL A 45 0.19 0.38 -8.30
N MET A 46 -0.84 0.67 -7.53
CA MET A 46 -1.90 -0.30 -7.27
C MET A 46 -3.13 -0.02 -8.11
N ASP A 47 -3.50 -0.97 -8.96
CA ASP A 47 -4.66 -0.82 -9.83
C ASP A 47 -5.91 -1.35 -9.14
N LEU A 48 -6.86 -0.46 -8.88
CA LEU A 48 -8.12 -0.83 -8.23
C LEU A 48 -9.22 -1.06 -9.26
N LYS A 49 -9.01 -0.55 -10.47
CA LYS A 49 -9.99 -0.70 -11.53
C LYS A 49 -9.87 -2.09 -12.18
N ASN A 50 -8.65 -2.57 -12.31
CA ASN A 50 -8.41 -3.88 -12.91
C ASN A 50 -8.08 -4.92 -11.83
N VAL A 51 -7.76 -4.44 -10.64
CA VAL A 51 -7.42 -5.31 -9.53
C VAL A 51 -6.12 -6.05 -9.78
N LYS A 52 -5.09 -5.31 -10.18
CA LYS A 52 -3.78 -5.88 -10.46
C LYS A 52 -2.66 -4.93 -10.06
N LEU A 53 -1.54 -5.50 -9.61
CA LEU A 53 -0.40 -4.70 -9.19
C LEU A 53 0.63 -4.60 -10.32
N VAL A 54 1.11 -3.38 -10.57
CA VAL A 54 2.10 -3.15 -11.61
C VAL A 54 3.10 -2.07 -11.19
N GLU A 55 4.23 -2.03 -11.88
CA GLU A 55 5.27 -1.05 -11.58
C GLU A 55 5.14 0.17 -12.49
N SER A 56 4.71 1.29 -11.91
CA SER A 56 4.54 2.52 -12.67
C SER A 56 4.71 3.74 -11.77
N ASP A 57 4.78 4.91 -12.38
CA ASP A 57 4.95 6.16 -11.64
C ASP A 57 3.71 7.04 -11.78
N ASP A 58 2.66 6.50 -12.40
CA ASP A 58 1.43 7.23 -12.59
C ASP A 58 0.93 7.83 -11.28
N ALA A 59 0.06 8.83 -11.38
CA ALA A 59 -0.49 9.49 -10.20
C ALA A 59 -1.82 8.85 -9.78
N ALA A 60 -2.02 8.73 -8.47
CA ALA A 60 -3.24 8.14 -7.94
C ALA A 60 -3.94 9.10 -6.99
N GLU A 61 -5.10 8.68 -6.48
CA GLU A 61 -5.87 9.51 -5.56
C GLU A 61 -5.04 9.90 -4.34
N ALA A 62 -4.00 9.11 -4.07
CA ALA A 62 -3.12 9.38 -2.94
C ALA A 62 -1.80 8.65 -3.10
N THR A 63 -0.79 9.11 -2.35
CA THR A 63 0.54 8.50 -2.40
C THR A 63 1.04 8.14 -1.01
N LEU A 64 1.48 6.90 -0.85
CA LEU A 64 1.99 6.43 0.44
C LEU A 64 3.47 6.08 0.34
N THR A 65 4.31 6.92 0.96
CA THR A 65 5.75 6.70 0.94
C THR A 65 6.25 6.22 2.30
N MET A 66 6.99 5.12 2.30
CA MET A 66 7.53 4.56 3.54
C MET A 66 8.70 3.63 3.25
N GLU A 67 9.60 3.50 4.22
CA GLU A 67 10.76 2.64 4.06
C GLU A 67 10.34 1.18 3.86
N ASP A 68 11.20 0.40 3.21
CA ASP A 68 10.92 -1.00 2.95
C ASP A 68 10.44 -1.70 4.22
N ASP A 69 11.15 -1.48 5.32
CA ASP A 69 10.81 -2.09 6.59
C ASP A 69 9.38 -1.74 6.99
N ILE A 70 8.96 -0.53 6.66
CA ILE A 70 7.61 -0.07 6.98
C ILE A 70 6.56 -0.90 6.25
N MET A 71 6.71 -1.02 4.94
CA MET A 71 5.79 -1.79 4.11
C MET A 71 5.66 -3.22 4.64
N PHE A 72 6.78 -3.82 4.99
CA PHE A 72 6.79 -5.19 5.51
C PHE A 72 6.00 -5.29 6.80
N ALA A 73 6.12 -4.26 7.64
CA ALA A 73 5.42 -4.23 8.92
C ALA A 73 3.91 -4.14 8.71
N ILE A 74 3.50 -3.17 7.89
CA ILE A 74 2.08 -2.97 7.61
C ILE A 74 1.52 -4.11 6.75
N GLY A 75 2.42 -4.86 6.12
CA GLY A 75 1.99 -5.97 5.29
C GLY A 75 1.80 -7.25 6.08
N THR A 76 2.68 -7.48 7.06
CA THR A 76 2.59 -8.67 7.89
C THR A 76 1.82 -8.40 9.17
N GLY A 77 0.92 -7.42 9.12
CA GLY A 77 0.12 -7.07 10.28
C GLY A 77 0.97 -6.81 11.51
N ALA A 78 2.24 -6.48 11.29
CA ALA A 78 3.16 -6.20 12.38
C ALA A 78 2.80 -4.90 13.08
N LEU A 79 3.10 -3.78 12.42
CA LEU A 79 2.82 -2.46 12.97
C LEU A 79 1.75 -1.75 12.16
N PRO A 80 0.88 -0.99 12.84
CA PRO A 80 -0.19 -0.23 12.20
C PRO A 80 0.33 0.94 11.37
N ALA A 81 -0.20 1.08 10.16
CA ALA A 81 0.20 2.16 9.27
C ALA A 81 -0.05 3.53 9.90
N LYS A 82 -1.02 3.59 10.81
CA LYS A 82 -1.36 4.83 11.49
C LYS A 82 -0.25 5.26 12.42
N GLU A 83 0.11 4.38 13.35
CA GLU A 83 1.17 4.68 14.31
C GLU A 83 2.47 5.06 13.60
N ALA A 84 2.84 4.25 12.61
CA ALA A 84 4.06 4.48 11.84
C ALA A 84 4.10 5.92 11.33
N MET A 85 2.95 6.43 10.90
CA MET A 85 2.85 7.78 10.38
C MET A 85 3.11 8.81 11.47
N ALA A 86 2.72 8.47 12.70
CA ALA A 86 2.90 9.35 13.84
C ALA A 86 4.37 9.41 14.26
N GLN A 87 5.10 8.34 13.97
CA GLN A 87 6.52 8.26 14.32
C GLN A 87 7.38 8.86 13.22
N ASP A 88 6.74 9.50 12.25
CA ASP A 88 7.44 10.12 11.14
C ASP A 88 8.20 9.07 10.32
N LYS A 89 7.85 7.81 10.53
CA LYS A 89 8.48 6.70 9.81
C LYS A 89 7.81 6.47 8.46
N MET A 90 6.77 7.25 8.18
CA MET A 90 6.04 7.12 6.93
C MET A 90 5.11 8.31 6.72
N GLU A 91 4.91 8.68 5.46
CA GLU A 91 4.04 9.80 5.13
C GLU A 91 3.02 9.40 4.06
N VAL A 92 2.02 10.26 3.87
CA VAL A 92 0.97 9.98 2.88
C VAL A 92 0.40 11.29 2.32
N ASP A 93 0.08 11.27 1.03
CA ASP A 93 -0.48 12.45 0.37
C ASP A 93 -1.81 12.13 -0.29
N GLY A 94 -2.47 13.16 -0.81
CA GLY A 94 -3.76 12.96 -1.46
C GLY A 94 -4.92 13.12 -0.51
N GLN A 95 -5.80 12.12 -0.45
CA GLN A 95 -6.95 12.16 0.43
C GLN A 95 -6.72 11.36 1.70
N VAL A 96 -6.41 12.07 2.79
CA VAL A 96 -6.16 11.42 4.07
C VAL A 96 -7.20 10.35 4.36
N GLU A 97 -8.44 10.60 3.96
CA GLU A 97 -9.52 9.65 4.18
C GLU A 97 -9.34 8.40 3.31
N LEU A 98 -9.06 8.61 2.03
CA LEU A 98 -8.87 7.51 1.11
C LEU A 98 -7.83 6.52 1.64
N ILE A 99 -6.63 7.02 1.87
CA ILE A 99 -5.55 6.19 2.39
C ILE A 99 -5.90 5.61 3.77
N PHE A 100 -6.69 6.36 4.53
CA PHE A 100 -7.11 5.92 5.85
C PHE A 100 -8.10 4.78 5.76
N LEU A 101 -8.93 4.81 4.73
CA LEU A 101 -9.93 3.77 4.52
C LEU A 101 -9.28 2.44 4.17
N LEU A 102 -7.98 2.49 3.90
CA LEU A 102 -7.23 1.29 3.55
C LEU A 102 -6.78 0.54 4.80
N GLU A 103 -6.41 1.28 5.83
CA GLU A 103 -5.96 0.71 7.08
C GLU A 103 -6.88 -0.43 7.52
N PRO A 104 -8.17 -0.10 7.69
CA PRO A 104 -9.19 -1.06 8.12
C PRO A 104 -9.50 -2.09 7.03
N PHE A 105 -8.94 -1.88 5.84
CA PHE A 105 -9.14 -2.79 4.72
C PHE A 105 -8.20 -3.99 4.80
N ILE A 106 -7.10 -3.81 5.52
CA ILE A 106 -6.12 -4.88 5.68
C ILE A 106 -6.73 -6.10 6.33
N ALA A 107 -7.76 -5.88 7.15
CA ALA A 107 -8.45 -6.97 7.84
C ALA A 107 -8.97 -8.00 6.84
N SER A 108 -9.41 -7.53 5.68
CA SER A 108 -9.95 -8.42 4.66
C SER A 108 -8.82 -9.19 3.98
N LEU A 109 -7.77 -8.49 3.60
CA LEU A 109 -6.62 -9.11 2.93
C LEU A 109 -5.51 -9.40 3.94
N LYS A 110 -5.47 -10.63 4.42
CA LYS A 110 -4.45 -11.05 5.38
C LYS A 110 -3.37 -11.88 4.70
N MET A 1 18.29 -5.57 -5.89
CA MET A 1 17.43 -6.05 -6.96
C MET A 1 16.12 -6.57 -6.40
N SER A 2 16.10 -6.86 -5.10
CA SER A 2 14.90 -7.38 -4.45
C SER A 2 14.61 -6.61 -3.16
N LEU A 3 13.33 -6.40 -2.88
CA LEU A 3 12.92 -5.68 -1.67
C LEU A 3 12.02 -6.56 -0.81
N LYS A 4 12.09 -6.34 0.51
CA LYS A 4 11.29 -7.09 1.45
C LYS A 4 9.80 -6.83 1.24
N SER A 5 9.46 -5.59 0.90
CA SER A 5 8.08 -5.21 0.67
C SER A 5 7.49 -5.98 -0.50
N ASP A 6 8.36 -6.56 -1.31
CA ASP A 6 7.93 -7.33 -2.47
C ASP A 6 6.94 -8.42 -2.06
N GLU A 7 7.22 -9.07 -0.93
CA GLU A 7 6.37 -10.14 -0.44
C GLU A 7 4.97 -9.60 -0.11
N VAL A 8 4.93 -8.45 0.53
CA VAL A 8 3.66 -7.83 0.91
C VAL A 8 2.76 -7.65 -0.32
N PHE A 9 3.27 -6.99 -1.34
CA PHE A 9 2.52 -6.76 -2.56
C PHE A 9 2.06 -8.07 -3.18
N ALA A 10 2.86 -9.12 -3.00
CA ALA A 10 2.54 -10.44 -3.54
C ALA A 10 1.36 -11.05 -2.80
N LYS A 11 1.39 -10.97 -1.47
CA LYS A 11 0.33 -11.53 -0.64
C LYS A 11 -0.97 -10.75 -0.83
N ILE A 12 -0.86 -9.42 -0.83
CA ILE A 12 -2.02 -8.55 -1.01
C ILE A 12 -2.68 -8.79 -2.36
N ALA A 13 -1.87 -8.86 -3.40
CA ALA A 13 -2.37 -9.09 -4.75
C ALA A 13 -3.22 -10.34 -4.82
N LYS A 14 -2.72 -11.42 -4.23
CA LYS A 14 -3.44 -12.69 -4.21
C LYS A 14 -4.78 -12.55 -3.50
N ARG A 15 -4.84 -11.67 -2.52
CA ARG A 15 -6.06 -11.43 -1.77
C ARG A 15 -7.05 -10.60 -2.58
N LEU A 16 -6.52 -9.68 -3.38
CA LEU A 16 -7.35 -8.81 -4.21
C LEU A 16 -7.96 -9.58 -5.37
N GLU A 17 -7.47 -10.80 -5.58
CA GLU A 17 -7.97 -11.64 -6.66
C GLU A 17 -9.29 -12.32 -6.28
N SER A 18 -9.60 -12.28 -4.98
CA SER A 18 -10.83 -12.89 -4.48
C SER A 18 -11.92 -11.85 -4.31
N ILE A 19 -11.58 -10.59 -4.58
CA ILE A 19 -12.54 -9.49 -4.46
C ILE A 19 -13.77 -9.75 -5.33
N ASP A 20 -14.94 -9.45 -4.77
CA ASP A 20 -16.20 -9.65 -5.49
C ASP A 20 -16.99 -8.34 -5.57
N PRO A 21 -17.81 -8.19 -6.61
CA PRO A 21 -18.63 -7.00 -6.83
C PRO A 21 -19.75 -6.90 -5.80
N ALA A 22 -20.11 -8.02 -5.18
CA ALA A 22 -21.16 -8.05 -4.19
C ALA A 22 -20.86 -7.11 -3.02
N ASN A 23 -19.68 -7.28 -2.43
CA ASN A 23 -19.26 -6.46 -1.31
C ASN A 23 -18.28 -5.38 -1.76
N ARG A 24 -18.69 -4.12 -1.66
CA ARG A 24 -17.85 -3.00 -2.06
C ARG A 24 -18.14 -1.78 -1.20
N GLN A 25 -17.49 -0.66 -1.53
CA GLN A 25 -17.68 0.58 -0.80
C GLN A 25 -16.87 1.72 -1.42
N VAL A 26 -15.58 1.46 -1.64
CA VAL A 26 -14.70 2.46 -2.23
C VAL A 26 -13.35 1.84 -2.62
N GLU A 27 -12.88 2.17 -3.81
CA GLU A 27 -11.61 1.65 -4.31
C GLU A 27 -11.03 2.56 -5.39
N HIS A 28 -9.84 3.09 -5.14
CA HIS A 28 -9.18 3.97 -6.10
C HIS A 28 -7.70 3.62 -6.22
N VAL A 29 -7.07 4.13 -7.28
CA VAL A 29 -5.65 3.87 -7.51
C VAL A 29 -4.79 4.45 -6.39
N TYR A 30 -3.87 3.63 -5.89
CA TYR A 30 -2.99 4.07 -4.82
C TYR A 30 -1.53 4.01 -5.25
N LYS A 31 -0.67 4.77 -4.56
CA LYS A 31 0.75 4.80 -4.88
C LYS A 31 1.58 4.28 -3.72
N PHE A 32 2.53 3.41 -4.02
CA PHE A 32 3.40 2.84 -2.99
C PHE A 32 4.87 3.09 -3.32
N ARG A 33 5.52 3.94 -2.52
CA ARG A 33 6.92 4.25 -2.73
C ARG A 33 7.78 3.62 -1.64
N ILE A 34 8.74 2.81 -2.06
CA ILE A 34 9.65 2.15 -1.13
C ILE A 34 11.05 2.75 -1.19
N THR A 35 11.50 3.29 -0.06
CA THR A 35 12.82 3.90 0.01
C THR A 35 13.84 2.93 0.61
N GLN A 36 15.07 3.00 0.14
CA GLN A 36 16.14 2.14 0.63
C GLN A 36 17.01 2.87 1.64
N GLY A 37 16.89 2.48 2.91
CA GLY A 37 17.67 3.12 3.96
C GLY A 37 17.10 4.45 4.39
N GLY A 38 16.77 5.30 3.42
CA GLY A 38 16.21 6.60 3.73
C GLY A 38 15.95 7.43 2.49
N LYS A 39 16.10 6.81 1.33
CA LYS A 39 15.88 7.50 0.06
C LYS A 39 15.10 6.62 -0.91
N VAL A 40 14.21 7.22 -1.68
CA VAL A 40 13.42 6.49 -2.66
C VAL A 40 14.29 5.67 -3.60
N VAL A 41 13.85 4.47 -3.94
CA VAL A 41 14.59 3.60 -4.84
C VAL A 41 13.69 3.01 -5.91
N LYS A 42 12.41 2.83 -5.57
CA LYS A 42 11.44 2.27 -6.50
C LYS A 42 10.03 2.73 -6.15
N ASN A 43 9.18 2.84 -7.17
CA ASN A 43 7.80 3.27 -6.98
C ASN A 43 6.83 2.30 -7.64
N TRP A 44 5.86 1.82 -6.86
CA TRP A 44 4.87 0.88 -7.37
C TRP A 44 3.49 1.53 -7.42
N VAL A 45 2.70 1.15 -8.42
CA VAL A 45 1.35 1.68 -8.59
C VAL A 45 0.31 0.59 -8.51
N MET A 46 -0.81 0.89 -7.85
CA MET A 46 -1.90 -0.08 -7.70
C MET A 46 -2.97 0.14 -8.76
N ASP A 47 -3.15 -0.84 -9.63
CA ASP A 47 -4.15 -0.75 -10.69
C ASP A 47 -5.54 -1.09 -10.15
N LEU A 48 -6.45 -0.12 -10.23
CA LEU A 48 -7.82 -0.32 -9.75
C LEU A 48 -8.71 -0.84 -10.87
N LYS A 49 -8.27 -0.66 -12.10
CA LYS A 49 -9.03 -1.11 -13.27
C LYS A 49 -8.88 -2.61 -13.46
N ASN A 50 -7.66 -3.11 -13.27
CA ASN A 50 -7.38 -4.53 -13.42
C ASN A 50 -7.26 -5.22 -12.06
N VAL A 51 -7.14 -4.41 -11.00
CA VAL A 51 -7.02 -4.93 -9.65
C VAL A 51 -5.73 -5.72 -9.48
N LYS A 52 -4.66 -5.23 -10.09
CA LYS A 52 -3.35 -5.88 -10.01
C LYS A 52 -2.26 -4.85 -9.75
N LEU A 53 -1.21 -5.28 -9.05
CA LEU A 53 -0.09 -4.40 -8.74
C LEU A 53 1.06 -4.62 -9.71
N VAL A 54 1.60 -3.53 -10.25
CA VAL A 54 2.71 -3.61 -11.20
C VAL A 54 3.67 -2.44 -11.00
N GLU A 55 4.89 -2.60 -11.54
CA GLU A 55 5.90 -1.55 -11.42
C GLU A 55 5.59 -0.39 -12.38
N SER A 56 5.00 0.67 -11.83
CA SER A 56 4.65 1.84 -12.62
C SER A 56 4.78 3.12 -11.80
N ASP A 57 4.71 4.25 -12.47
CA ASP A 57 4.81 5.55 -11.81
C ASP A 57 3.57 6.40 -12.06
N ASP A 58 2.55 5.78 -12.65
CA ASP A 58 1.31 6.47 -12.95
C ASP A 58 0.78 7.21 -11.72
N ALA A 59 -0.05 8.22 -11.94
CA ALA A 59 -0.62 9.01 -10.85
C ALA A 59 -1.64 8.18 -10.07
N ALA A 60 -2.14 8.76 -8.98
CA ALA A 60 -3.12 8.08 -8.15
C ALA A 60 -3.84 9.07 -7.23
N GLU A 61 -5.01 8.67 -6.74
CA GLU A 61 -5.79 9.52 -5.85
C GLU A 61 -4.98 9.92 -4.62
N ALA A 62 -3.98 9.10 -4.28
CA ALA A 62 -3.14 9.36 -3.13
C ALA A 62 -1.77 8.72 -3.30
N THR A 63 -0.79 9.23 -2.57
CA THR A 63 0.57 8.71 -2.63
C THR A 63 1.06 8.25 -1.26
N LEU A 64 1.52 7.00 -1.20
CA LEU A 64 2.01 6.44 0.06
C LEU A 64 3.50 6.13 -0.04
N THR A 65 4.31 6.92 0.65
CA THR A 65 5.76 6.73 0.65
C THR A 65 6.26 6.28 2.02
N MET A 66 7.04 5.21 2.04
CA MET A 66 7.58 4.68 3.28
C MET A 66 8.77 3.77 3.02
N GLU A 67 9.59 3.55 4.05
CA GLU A 67 10.76 2.69 3.92
C GLU A 67 10.37 1.25 3.65
N ASP A 68 11.22 0.53 2.95
CA ASP A 68 10.96 -0.87 2.62
C ASP A 68 10.60 -1.66 3.87
N ASP A 69 11.45 -1.58 4.88
CA ASP A 69 11.23 -2.28 6.14
C ASP A 69 9.93 -1.83 6.80
N ILE A 70 9.58 -0.57 6.58
CA ILE A 70 8.36 -0.01 7.15
C ILE A 70 7.12 -0.56 6.45
N MET A 71 7.12 -0.47 5.12
CA MET A 71 5.99 -0.97 4.32
C MET A 71 5.64 -2.40 4.71
N PHE A 72 6.67 -3.17 5.06
CA PHE A 72 6.46 -4.57 5.45
C PHE A 72 5.73 -4.66 6.78
N ALA A 73 6.10 -3.81 7.72
CA ALA A 73 5.47 -3.79 9.03
C ALA A 73 3.95 -3.68 8.91
N ILE A 74 3.51 -2.75 8.08
CA ILE A 74 2.07 -2.55 7.88
C ILE A 74 1.54 -3.45 6.77
N GLY A 75 2.45 -3.97 5.95
CA GLY A 75 2.05 -4.85 4.87
C GLY A 75 1.70 -6.24 5.35
N THR A 76 2.48 -6.75 6.30
CA THR A 76 2.25 -8.09 6.84
C THR A 76 1.29 -8.05 8.02
N GLY A 77 0.77 -6.86 8.31
CA GLY A 77 -0.15 -6.71 9.42
C GLY A 77 0.55 -6.61 10.75
N ALA A 78 1.86 -6.38 10.72
CA ALA A 78 2.64 -6.27 11.94
C ALA A 78 2.29 -5.01 12.72
N LEU A 79 2.75 -3.86 12.23
CA LEU A 79 2.47 -2.58 12.88
C LEU A 79 1.37 -1.82 12.14
N PRO A 80 0.54 -1.10 12.90
CA PRO A 80 -0.56 -0.32 12.34
C PRO A 80 -0.07 0.90 11.56
N ALA A 81 -0.71 1.17 10.43
CA ALA A 81 -0.33 2.31 9.58
C ALA A 81 -0.41 3.61 10.37
N LYS A 82 -1.26 3.63 11.39
CA LYS A 82 -1.43 4.82 12.21
C LYS A 82 -0.16 5.13 13.01
N GLU A 83 0.28 4.15 13.81
CA GLU A 83 1.47 4.31 14.62
C GLU A 83 2.66 4.73 13.76
N ALA A 84 2.94 3.95 12.72
CA ALA A 84 4.04 4.25 11.82
C ALA A 84 3.98 5.69 11.33
N MET A 85 2.77 6.16 11.03
CA MET A 85 2.57 7.52 10.56
C MET A 85 2.79 8.54 11.68
N ALA A 86 2.55 8.10 12.91
CA ALA A 86 2.72 8.96 14.07
C ALA A 86 4.21 9.23 14.34
N GLN A 87 5.02 8.20 14.18
CA GLN A 87 6.46 8.32 14.41
C GLN A 87 7.17 8.86 13.17
N ASP A 88 6.38 9.34 12.21
CA ASP A 88 6.93 9.88 10.97
C ASP A 88 7.66 8.80 10.18
N LYS A 89 7.35 7.54 10.49
CA LYS A 89 7.98 6.41 9.81
C LYS A 89 7.35 6.19 8.44
N MET A 90 6.31 6.95 8.13
CA MET A 90 5.62 6.84 6.85
C MET A 90 4.74 8.06 6.60
N GLU A 91 4.64 8.46 5.33
CA GLU A 91 3.82 9.61 4.97
C GLU A 91 2.82 9.24 3.87
N VAL A 92 1.79 10.06 3.72
CA VAL A 92 0.76 9.82 2.71
C VAL A 92 0.18 11.13 2.19
N ASP A 93 -0.13 11.16 0.90
CA ASP A 93 -0.69 12.35 0.28
C ASP A 93 -2.05 12.06 -0.34
N GLY A 94 -2.65 13.08 -0.94
CA GLY A 94 -3.95 12.90 -1.58
C GLY A 94 -5.09 13.06 -0.60
N GLN A 95 -5.90 12.01 -0.46
CA GLN A 95 -7.04 12.03 0.44
C GLN A 95 -6.74 11.29 1.73
N VAL A 96 -6.40 12.02 2.78
CA VAL A 96 -6.07 11.42 4.07
C VAL A 96 -7.14 10.42 4.49
N GLU A 97 -8.39 10.69 4.09
CA GLU A 97 -9.49 9.80 4.42
C GLU A 97 -9.36 8.46 3.71
N LEU A 98 -9.18 8.52 2.39
CA LEU A 98 -9.03 7.31 1.59
C LEU A 98 -7.96 6.39 2.17
N ILE A 99 -6.74 6.91 2.28
CA ILE A 99 -5.64 6.13 2.82
C ILE A 99 -5.99 5.54 4.18
N PHE A 100 -6.73 6.31 4.97
CA PHE A 100 -7.14 5.86 6.30
C PHE A 100 -8.18 4.76 6.20
N LEU A 101 -9.01 4.83 5.16
CA LEU A 101 -10.06 3.83 4.96
C LEU A 101 -9.46 2.48 4.61
N LEU A 102 -8.18 2.47 4.26
CA LEU A 102 -7.49 1.24 3.90
C LEU A 102 -7.04 0.49 5.15
N GLU A 103 -6.65 1.23 6.17
CA GLU A 103 -6.20 0.63 7.42
C GLU A 103 -7.14 -0.47 7.87
N PRO A 104 -8.42 -0.10 8.09
CA PRO A 104 -9.45 -1.04 8.52
C PRO A 104 -9.81 -2.05 7.44
N PHE A 105 -9.23 -1.87 6.26
CA PHE A 105 -9.50 -2.77 5.14
C PHE A 105 -8.46 -3.88 5.07
N ILE A 106 -7.29 -3.63 5.64
CA ILE A 106 -6.21 -4.60 5.64
C ILE A 106 -6.64 -5.89 6.33
N ALA A 107 -7.58 -5.77 7.26
CA ALA A 107 -8.09 -6.94 7.98
C ALA A 107 -8.62 -7.99 7.02
N SER A 108 -9.08 -7.56 5.85
CA SER A 108 -9.62 -8.46 4.85
C SER A 108 -8.59 -8.74 3.76
N LEU A 109 -7.68 -7.78 3.55
CA LEU A 109 -6.64 -7.92 2.54
C LEU A 109 -5.35 -8.45 3.14
N LYS A 110 -5.48 -9.21 4.23
CA LYS A 110 -4.32 -9.77 4.91
C LYS A 110 -3.28 -8.70 5.20
N MET A 1 18.20 -5.53 -7.42
CA MET A 1 18.11 -5.96 -6.03
C MET A 1 16.70 -6.42 -5.70
N SER A 2 16.52 -6.89 -4.47
CA SER A 2 15.21 -7.37 -4.02
C SER A 2 14.78 -6.66 -2.73
N LEU A 3 13.50 -6.32 -2.66
CA LEU A 3 12.96 -5.63 -1.49
C LEU A 3 12.07 -6.57 -0.67
N LYS A 4 12.18 -6.47 0.65
CA LYS A 4 11.38 -7.31 1.55
C LYS A 4 9.89 -7.07 1.34
N SER A 5 9.54 -5.81 1.07
CA SER A 5 8.14 -5.45 0.86
C SER A 5 7.57 -6.17 -0.35
N ASP A 6 8.46 -6.63 -1.23
CA ASP A 6 8.04 -7.35 -2.44
C ASP A 6 7.14 -8.53 -2.09
N GLU A 7 7.51 -9.27 -1.04
CA GLU A 7 6.73 -10.42 -0.61
C GLU A 7 5.34 -10.00 -0.18
N VAL A 8 5.26 -8.99 0.68
CA VAL A 8 3.98 -8.50 1.16
C VAL A 8 3.10 -8.02 0.02
N PHE A 9 3.65 -7.16 -0.83
CA PHE A 9 2.90 -6.63 -1.97
C PHE A 9 2.47 -7.76 -2.90
N ALA A 10 3.29 -8.79 -3.02
CA ALA A 10 2.99 -9.93 -3.88
C ALA A 10 1.76 -10.68 -3.37
N LYS A 11 1.72 -10.92 -2.06
CA LYS A 11 0.60 -11.63 -1.45
C LYS A 11 -0.71 -10.87 -1.66
N ILE A 12 -0.61 -9.54 -1.69
CA ILE A 12 -1.78 -8.70 -1.90
C ILE A 12 -2.39 -8.91 -3.27
N ALA A 13 -1.57 -8.77 -4.31
CA ALA A 13 -2.03 -8.95 -5.68
C ALA A 13 -2.81 -10.26 -5.83
N LYS A 14 -2.21 -11.35 -5.37
CA LYS A 14 -2.84 -12.66 -5.43
C LYS A 14 -4.15 -12.68 -4.66
N ARG A 15 -4.22 -11.88 -3.60
CA ARG A 15 -5.41 -11.80 -2.77
C ARG A 15 -6.49 -10.97 -3.46
N LEU A 16 -6.08 -9.95 -4.19
CA LEU A 16 -7.01 -9.08 -4.90
C LEU A 16 -7.73 -9.83 -6.01
N GLU A 17 -7.21 -11.01 -6.35
CA GLU A 17 -7.80 -11.83 -7.39
C GLU A 17 -9.04 -12.57 -6.88
N SER A 18 -9.17 -12.63 -5.56
CA SER A 18 -10.29 -13.32 -4.93
C SER A 18 -11.43 -12.33 -4.67
N ILE A 19 -11.17 -11.05 -4.89
CA ILE A 19 -12.18 -10.01 -4.67
C ILE A 19 -13.43 -10.29 -5.50
N ASP A 20 -14.59 -9.97 -4.93
CA ASP A 20 -15.85 -10.18 -5.62
C ASP A 20 -16.60 -8.87 -5.81
N PRO A 21 -17.43 -8.80 -6.85
CA PRO A 21 -18.21 -7.60 -7.18
C PRO A 21 -19.31 -7.32 -6.15
N ALA A 22 -19.75 -8.39 -5.48
CA ALA A 22 -20.80 -8.27 -4.47
C ALA A 22 -20.37 -7.32 -3.35
N ASN A 23 -19.23 -7.60 -2.75
CA ASN A 23 -18.71 -6.78 -1.66
C ASN A 23 -17.64 -5.83 -2.16
N ARG A 24 -17.92 -4.53 -2.09
CA ARG A 24 -16.98 -3.52 -2.54
C ARG A 24 -17.42 -2.12 -2.10
N GLN A 25 -17.15 -1.80 -0.83
CA GLN A 25 -17.53 -0.50 -0.28
C GLN A 25 -16.92 0.64 -1.11
N VAL A 26 -15.60 0.61 -1.25
CA VAL A 26 -14.90 1.64 -2.01
C VAL A 26 -13.51 1.16 -2.43
N GLU A 27 -13.11 1.53 -3.65
CA GLU A 27 -11.81 1.13 -4.17
C GLU A 27 -11.34 2.11 -5.24
N HIS A 28 -10.19 2.73 -5.00
CA HIS A 28 -9.63 3.70 -5.95
C HIS A 28 -8.14 3.43 -6.17
N VAL A 29 -7.58 4.07 -7.19
CA VAL A 29 -6.16 3.90 -7.52
C VAL A 29 -5.29 4.40 -6.37
N TYR A 30 -4.29 3.59 -6.01
CA TYR A 30 -3.37 3.95 -4.93
C TYR A 30 -1.92 3.74 -5.36
N LYS A 31 -1.07 4.71 -5.03
CA LYS A 31 0.34 4.62 -5.37
C LYS A 31 1.20 4.38 -4.13
N PHE A 32 2.16 3.48 -4.24
CA PHE A 32 3.04 3.15 -3.12
C PHE A 32 4.49 3.49 -3.46
N ARG A 33 5.18 4.10 -2.51
CA ARG A 33 6.58 4.48 -2.71
C ARG A 33 7.50 3.69 -1.77
N ILE A 34 8.38 2.89 -2.36
CA ILE A 34 9.31 2.09 -1.58
C ILE A 34 10.68 2.76 -1.47
N THR A 35 11.10 3.03 -0.24
CA THR A 35 12.39 3.68 -0.01
C THR A 35 13.37 2.72 0.67
N GLN A 36 14.65 2.86 0.33
CA GLN A 36 15.68 2.02 0.91
C GLN A 36 16.36 2.71 2.10
N GLY A 37 15.95 2.33 3.30
CA GLY A 37 16.52 2.91 4.49
C GLY A 37 15.95 4.29 4.80
N GLY A 38 15.59 5.03 3.75
CA GLY A 38 15.03 6.35 3.93
C GLY A 38 14.97 7.13 2.64
N LYS A 39 15.55 6.57 1.57
CA LYS A 39 15.56 7.23 0.27
C LYS A 39 14.78 6.41 -0.75
N VAL A 40 13.82 7.05 -1.41
CA VAL A 40 13.00 6.38 -2.41
C VAL A 40 13.87 5.63 -3.42
N VAL A 41 13.46 4.41 -3.75
CA VAL A 41 14.20 3.58 -4.70
C VAL A 41 13.31 3.17 -5.87
N LYS A 42 12.01 3.15 -5.64
CA LYS A 42 11.06 2.77 -6.67
C LYS A 42 9.64 3.17 -6.27
N ASN A 43 8.72 3.10 -7.23
CA ASN A 43 7.32 3.45 -6.99
C ASN A 43 6.39 2.45 -7.65
N TRP A 44 5.47 1.89 -6.87
CA TRP A 44 4.50 0.92 -7.39
C TRP A 44 3.12 1.54 -7.49
N VAL A 45 2.34 1.06 -8.46
CA VAL A 45 0.98 1.56 -8.66
C VAL A 45 -0.05 0.46 -8.47
N MET A 46 -1.18 0.81 -7.89
CA MET A 46 -2.26 -0.16 -7.65
C MET A 46 -3.32 -0.05 -8.74
N ASP A 47 -3.36 -1.05 -9.62
CA ASP A 47 -4.33 -1.09 -10.70
C ASP A 47 -5.73 -1.37 -10.16
N LEU A 48 -6.60 -0.36 -10.18
CA LEU A 48 -7.97 -0.50 -9.70
C LEU A 48 -8.86 -1.09 -10.78
N LYS A 49 -8.48 -0.87 -12.04
CA LYS A 49 -9.25 -1.39 -13.17
C LYS A 49 -9.03 -2.89 -13.34
N ASN A 50 -7.79 -3.33 -13.16
CA ASN A 50 -7.45 -4.75 -13.29
C ASN A 50 -7.39 -5.41 -11.92
N VAL A 51 -7.35 -4.60 -10.87
CA VAL A 51 -7.28 -5.12 -9.50
C VAL A 51 -5.97 -5.87 -9.26
N LYS A 52 -4.89 -5.36 -9.86
CA LYS A 52 -3.58 -5.98 -9.71
C LYS A 52 -2.51 -4.93 -9.43
N LEU A 53 -1.36 -5.38 -8.95
CA LEU A 53 -0.25 -4.48 -8.64
C LEU A 53 0.89 -4.66 -9.64
N VAL A 54 1.40 -3.55 -10.16
CA VAL A 54 2.50 -3.59 -11.12
C VAL A 54 3.37 -2.35 -11.01
N GLU A 55 4.48 -2.33 -11.74
CA GLU A 55 5.40 -1.21 -11.72
C GLU A 55 5.08 -0.23 -12.85
N SER A 56 4.50 0.91 -12.49
CA SER A 56 4.14 1.93 -13.46
C SER A 56 4.30 3.33 -12.88
N ASP A 57 4.39 4.32 -13.75
CA ASP A 57 4.55 5.71 -13.32
C ASP A 57 3.22 6.45 -13.37
N ASP A 58 2.12 5.70 -13.33
CA ASP A 58 0.79 6.28 -13.38
C ASP A 58 0.45 6.99 -12.06
N ALA A 59 -0.38 8.01 -12.14
CA ALA A 59 -0.78 8.77 -10.96
C ALA A 59 -1.98 8.14 -10.28
N ALA A 60 -2.01 8.20 -8.95
CA ALA A 60 -3.11 7.63 -8.18
C ALA A 60 -3.83 8.71 -7.38
N GLU A 61 -4.98 8.36 -6.82
CA GLU A 61 -5.76 9.29 -6.03
C GLU A 61 -5.00 9.73 -4.78
N ALA A 62 -3.95 8.99 -4.45
CA ALA A 62 -3.13 9.29 -3.28
C ALA A 62 -1.77 8.62 -3.38
N THR A 63 -0.81 9.11 -2.59
CA THR A 63 0.54 8.56 -2.59
C THR A 63 0.93 8.09 -1.20
N LEU A 64 1.29 6.82 -1.08
CA LEU A 64 1.70 6.25 0.20
C LEU A 64 3.18 5.90 0.19
N THR A 65 3.97 6.66 0.93
CA THR A 65 5.41 6.43 1.01
C THR A 65 5.78 5.74 2.32
N MET A 66 6.40 4.57 2.20
CA MET A 66 6.81 3.81 3.38
C MET A 66 8.07 3.00 3.10
N GLU A 67 9.03 3.08 4.01
CA GLU A 67 10.29 2.36 3.86
C GLU A 67 10.04 0.87 3.62
N ASP A 68 11.05 0.18 3.10
CA ASP A 68 10.93 -1.24 2.83
C ASP A 68 10.81 -2.05 4.12
N ASP A 69 11.75 -1.82 5.03
CA ASP A 69 11.74 -2.51 6.32
C ASP A 69 10.51 -2.13 7.13
N ILE A 70 10.03 -0.92 6.93
CA ILE A 70 8.85 -0.44 7.65
C ILE A 70 7.57 -0.99 7.03
N MET A 71 7.43 -0.83 5.73
CA MET A 71 6.24 -1.31 5.02
C MET A 71 6.00 -2.79 5.31
N PHE A 72 7.09 -3.53 5.57
CA PHE A 72 6.99 -4.95 5.86
C PHE A 72 6.18 -5.20 7.14
N ALA A 73 6.49 -4.43 8.18
CA ALA A 73 5.79 -4.56 9.46
C ALA A 73 4.29 -4.31 9.29
N ILE A 74 3.96 -3.20 8.62
CA ILE A 74 2.56 -2.84 8.40
C ILE A 74 1.93 -3.74 7.33
N GLY A 75 2.77 -4.41 6.55
CA GLY A 75 2.28 -5.29 5.52
C GLY A 75 1.94 -6.68 6.05
N THR A 76 2.71 -7.14 7.02
CA THR A 76 2.49 -8.45 7.61
C THR A 76 1.63 -8.35 8.87
N GLY A 77 0.91 -7.24 9.01
CA GLY A 77 0.06 -7.04 10.17
C GLY A 77 0.84 -7.00 11.47
N ALA A 78 2.12 -6.63 11.37
CA ALA A 78 2.98 -6.55 12.55
C ALA A 78 2.76 -5.24 13.29
N LEU A 79 3.28 -4.15 12.74
CA LEU A 79 3.14 -2.84 13.35
C LEU A 79 1.99 -2.06 12.72
N PRO A 80 1.29 -1.27 13.56
CA PRO A 80 0.15 -0.47 13.11
C PRO A 80 0.58 0.70 12.22
N ALA A 81 -0.04 0.80 11.05
CA ALA A 81 0.26 1.87 10.11
C ALA A 81 0.07 3.24 10.75
N LYS A 82 -0.82 3.31 11.73
CA LYS A 82 -1.11 4.55 12.42
C LYS A 82 0.12 5.06 13.18
N GLU A 83 0.66 4.20 14.03
CA GLU A 83 1.84 4.55 14.82
C GLU A 83 3.01 4.91 13.90
N ALA A 84 3.32 4.02 12.97
CA ALA A 84 4.42 4.24 12.04
C ALA A 84 4.31 5.61 11.37
N MET A 85 3.10 5.95 10.93
CA MET A 85 2.86 7.23 10.27
C MET A 85 2.94 8.38 11.27
N ALA A 86 2.58 8.09 12.52
CA ALA A 86 2.61 9.10 13.58
C ALA A 86 4.04 9.35 14.04
N GLN A 87 4.91 8.37 13.84
CA GLN A 87 6.31 8.49 14.24
C GLN A 87 7.15 9.12 13.14
N ASP A 88 6.47 9.72 12.16
CA ASP A 88 7.16 10.35 11.05
C ASP A 88 7.92 9.32 10.21
N LYS A 89 7.64 8.05 10.47
CA LYS A 89 8.30 6.97 9.74
C LYS A 89 7.55 6.66 8.44
N MET A 90 6.36 7.23 8.30
CA MET A 90 5.55 7.02 7.10
C MET A 90 4.67 8.24 6.81
N GLU A 91 4.50 8.54 5.53
CA GLU A 91 3.68 9.68 5.13
C GLU A 91 2.75 9.30 3.98
N VAL A 92 1.75 10.14 3.73
CA VAL A 92 0.79 9.89 2.65
C VAL A 92 0.25 11.20 2.10
N ASP A 93 0.02 11.23 0.78
CA ASP A 93 -0.51 12.42 0.12
C ASP A 93 -1.82 12.11 -0.57
N GLY A 94 -2.40 13.14 -1.21
CA GLY A 94 -3.67 12.96 -1.89
C GLY A 94 -4.86 13.18 -0.99
N GLN A 95 -5.75 12.19 -0.92
CA GLN A 95 -6.93 12.29 -0.09
C GLN A 95 -6.71 11.60 1.26
N VAL A 96 -6.51 12.41 2.29
CA VAL A 96 -6.28 11.89 3.65
C VAL A 96 -7.49 11.12 4.14
N GLU A 97 -8.67 11.49 3.62
CA GLU A 97 -9.91 10.82 4.02
C GLU A 97 -10.01 9.42 3.42
N LEU A 98 -9.46 9.27 2.22
CA LEU A 98 -9.48 7.98 1.52
C LEU A 98 -8.42 7.04 2.10
N ILE A 99 -7.19 7.51 2.14
CA ILE A 99 -6.09 6.71 2.67
C ILE A 99 -6.42 6.18 4.06
N PHE A 100 -7.24 6.92 4.79
CA PHE A 100 -7.64 6.52 6.14
C PHE A 100 -8.59 5.32 6.10
N LEU A 101 -9.45 5.29 5.08
CA LEU A 101 -10.40 4.20 4.92
C LEU A 101 -9.70 2.89 4.62
N LEU A 102 -8.41 2.98 4.32
CA LEU A 102 -7.62 1.79 4.02
C LEU A 102 -7.08 1.14 5.30
N GLU A 103 -6.75 1.96 6.28
CA GLU A 103 -6.24 1.47 7.55
C GLU A 103 -7.08 0.30 8.06
N PRO A 104 -8.38 0.56 8.26
CA PRO A 104 -9.32 -0.45 8.75
C PRO A 104 -9.59 -1.54 7.72
N PHE A 105 -9.08 -1.34 6.50
CA PHE A 105 -9.27 -2.30 5.43
C PHE A 105 -8.13 -3.32 5.40
N ILE A 106 -7.04 -3.01 6.10
CA ILE A 106 -5.90 -3.90 6.15
C ILE A 106 -6.30 -5.29 6.63
N ALA A 107 -7.21 -5.33 7.60
CA ALA A 107 -7.69 -6.60 8.14
C ALA A 107 -8.25 -7.49 7.04
N SER A 108 -8.83 -6.87 6.01
CA SER A 108 -9.40 -7.61 4.90
C SER A 108 -8.38 -7.79 3.78
N LEU A 109 -7.59 -6.76 3.55
CA LEU A 109 -6.56 -6.80 2.50
C LEU A 109 -5.57 -5.65 2.66
N LYS A 110 -4.28 -5.97 2.55
CA LYS A 110 -3.23 -4.96 2.68
C LYS A 110 -3.33 -4.24 4.02
N MET A 1 18.27 -6.22 -8.20
CA MET A 1 18.01 -5.94 -6.79
C MET A 1 16.59 -6.37 -6.41
N SER A 2 16.43 -6.79 -5.16
CA SER A 2 15.13 -7.24 -4.67
C SER A 2 14.79 -6.59 -3.32
N LEU A 3 13.52 -6.28 -3.12
CA LEU A 3 13.07 -5.65 -1.88
C LEU A 3 12.18 -6.59 -1.09
N LYS A 4 12.31 -6.55 0.23
CA LYS A 4 11.49 -7.39 1.11
C LYS A 4 10.01 -7.10 0.93
N SER A 5 9.68 -5.84 0.72
CA SER A 5 8.29 -5.43 0.54
C SER A 5 7.64 -6.21 -0.61
N ASP A 6 8.47 -6.68 -1.53
CA ASP A 6 7.98 -7.44 -2.67
C ASP A 6 7.14 -8.62 -2.22
N GLU A 7 7.59 -9.29 -1.17
CA GLU A 7 6.87 -10.45 -0.63
C GLU A 7 5.47 -10.07 -0.18
N VAL A 8 5.37 -9.01 0.62
CA VAL A 8 4.08 -8.54 1.11
C VAL A 8 3.17 -8.12 -0.05
N PHE A 9 3.72 -7.33 -0.96
CA PHE A 9 2.96 -6.86 -2.11
C PHE A 9 2.51 -8.03 -2.99
N ALA A 10 3.32 -9.08 -3.01
CA ALA A 10 3.00 -10.26 -3.80
C ALA A 10 1.83 -11.04 -3.21
N LYS A 11 1.87 -11.24 -1.89
CA LYS A 11 0.81 -11.96 -1.21
C LYS A 11 -0.50 -11.17 -1.26
N ILE A 12 -0.40 -9.86 -1.11
CA ILE A 12 -1.58 -9.00 -1.15
C ILE A 12 -2.31 -9.11 -2.48
N ALA A 13 -1.55 -8.94 -3.57
CA ALA A 13 -2.12 -9.02 -4.91
C ALA A 13 -2.91 -10.32 -5.09
N LYS A 14 -2.30 -11.44 -4.69
CA LYS A 14 -2.95 -12.74 -4.81
C LYS A 14 -4.30 -12.75 -4.10
N ARG A 15 -4.40 -11.96 -3.03
CA ARG A 15 -5.64 -11.88 -2.26
C ARG A 15 -6.69 -11.07 -3.00
N LEU A 16 -6.22 -10.12 -3.80
CA LEU A 16 -7.12 -9.26 -4.57
C LEU A 16 -7.84 -10.06 -5.66
N GLU A 17 -7.26 -11.20 -6.02
CA GLU A 17 -7.85 -12.05 -7.06
C GLU A 17 -9.06 -12.80 -6.51
N SER A 18 -9.23 -12.77 -5.19
CA SER A 18 -10.35 -13.45 -4.55
C SER A 18 -11.51 -12.49 -4.32
N ILE A 19 -11.27 -11.21 -4.58
CA ILE A 19 -12.29 -10.19 -4.40
C ILE A 19 -13.51 -10.48 -5.28
N ASP A 20 -14.69 -10.18 -4.75
CA ASP A 20 -15.93 -10.41 -5.48
C ASP A 20 -16.71 -9.11 -5.65
N PRO A 21 -17.51 -9.03 -6.71
CA PRO A 21 -18.32 -7.84 -7.02
C PRO A 21 -19.46 -7.65 -6.02
N ALA A 22 -19.94 -8.76 -5.46
CA ALA A 22 -21.03 -8.71 -4.48
C ALA A 22 -20.61 -7.98 -3.22
N ASN A 23 -19.51 -8.43 -2.62
CA ASN A 23 -19.00 -7.82 -1.40
C ASN A 23 -17.98 -6.72 -1.73
N ARG A 24 -18.28 -5.50 -1.30
CA ARG A 24 -17.38 -4.37 -1.54
C ARG A 24 -17.95 -3.09 -0.92
N GLN A 25 -17.07 -2.28 -0.34
CA GLN A 25 -17.48 -1.03 0.29
C GLN A 25 -16.92 0.17 -0.47
N VAL A 26 -15.62 0.14 -0.74
CA VAL A 26 -14.98 1.23 -1.47
C VAL A 26 -13.60 0.81 -1.98
N GLU A 27 -13.29 1.18 -3.22
CA GLU A 27 -12.02 0.84 -3.82
C GLU A 27 -11.47 2.01 -4.62
N HIS A 28 -10.28 2.48 -4.25
CA HIS A 28 -9.65 3.60 -4.93
C HIS A 28 -8.17 3.31 -5.20
N VAL A 29 -7.65 3.86 -6.29
CA VAL A 29 -6.26 3.65 -6.66
C VAL A 29 -5.32 4.22 -5.59
N TYR A 30 -4.31 3.43 -5.23
CA TYR A 30 -3.34 3.84 -4.23
C TYR A 30 -1.92 3.70 -4.75
N LYS A 31 -1.05 4.61 -4.34
CA LYS A 31 0.35 4.59 -4.75
C LYS A 31 1.25 4.14 -3.61
N PHE A 32 2.25 3.33 -3.94
CA PHE A 32 3.19 2.83 -2.94
C PHE A 32 4.62 3.17 -3.32
N ARG A 33 5.28 3.96 -2.47
CA ARG A 33 6.66 4.37 -2.71
C ARG A 33 7.62 3.57 -1.84
N ILE A 34 8.51 2.82 -2.48
CA ILE A 34 9.49 2.02 -1.77
C ILE A 34 10.82 2.74 -1.64
N THR A 35 11.20 3.08 -0.41
CA THR A 35 12.45 3.78 -0.15
C THR A 35 13.42 2.89 0.62
N GLN A 36 14.72 3.08 0.36
CA GLN A 36 15.75 2.30 1.02
C GLN A 36 16.34 3.06 2.20
N GLY A 37 15.87 2.73 3.40
CA GLY A 37 16.35 3.39 4.60
C GLY A 37 15.75 4.77 4.78
N GLY A 38 15.42 5.42 3.66
CA GLY A 38 14.83 6.74 3.74
C GLY A 38 14.85 7.46 2.39
N LYS A 39 15.47 6.82 1.40
CA LYS A 39 15.56 7.40 0.06
C LYS A 39 14.78 6.56 -0.95
N VAL A 40 13.85 7.19 -1.65
CA VAL A 40 13.03 6.51 -2.64
C VAL A 40 13.91 5.75 -3.63
N VAL A 41 13.54 4.50 -3.89
CA VAL A 41 14.28 3.66 -4.84
C VAL A 41 13.39 3.18 -5.97
N LYS A 42 12.09 3.27 -5.78
CA LYS A 42 11.13 2.85 -6.79
C LYS A 42 9.70 3.15 -6.35
N ASN A 43 8.79 3.23 -7.31
CA ASN A 43 7.38 3.51 -7.02
C ASN A 43 6.47 2.51 -7.72
N TRP A 44 5.53 1.95 -6.97
CA TRP A 44 4.59 0.98 -7.51
C TRP A 44 3.20 1.59 -7.65
N VAL A 45 2.42 1.04 -8.58
CA VAL A 45 1.07 1.53 -8.82
C VAL A 45 0.04 0.41 -8.70
N MET A 46 -1.06 0.68 -8.01
CA MET A 46 -2.11 -0.31 -7.82
C MET A 46 -3.32 0.03 -8.67
N ASP A 47 -3.70 -0.88 -9.56
CA ASP A 47 -4.85 -0.69 -10.43
C ASP A 47 -6.13 -0.53 -9.61
N LEU A 48 -7.28 -0.67 -10.28
CA LEU A 48 -8.57 -0.54 -9.61
C LEU A 48 -9.67 -1.22 -10.43
N LYS A 49 -9.70 -0.93 -11.73
CA LYS A 49 -10.68 -1.51 -12.62
C LYS A 49 -10.37 -2.97 -12.92
N ASN A 50 -9.08 -3.30 -12.89
CA ASN A 50 -8.64 -4.67 -13.16
C ASN A 50 -8.27 -5.39 -11.87
N VAL A 51 -7.97 -4.61 -10.83
CA VAL A 51 -7.60 -5.18 -9.53
C VAL A 51 -6.27 -5.93 -9.62
N LYS A 52 -5.26 -5.28 -10.20
CA LYS A 52 -3.94 -5.89 -10.34
C LYS A 52 -2.85 -4.91 -9.93
N LEU A 53 -1.67 -5.45 -9.63
CA LEU A 53 -0.54 -4.63 -9.23
C LEU A 53 0.53 -4.62 -10.31
N VAL A 54 1.03 -3.42 -10.64
CA VAL A 54 2.07 -3.27 -11.65
C VAL A 54 2.97 -2.08 -11.35
N GLU A 55 4.06 -1.97 -12.10
CA GLU A 55 5.00 -0.87 -11.91
C GLU A 55 4.80 0.21 -12.97
N SER A 56 4.30 1.37 -12.53
CA SER A 56 4.07 2.48 -13.45
C SER A 56 4.28 3.82 -12.74
N ASP A 57 4.36 4.88 -13.53
CA ASP A 57 4.58 6.22 -12.97
C ASP A 57 3.27 7.01 -12.94
N ASP A 58 2.16 6.29 -13.04
CA ASP A 58 0.85 6.92 -13.02
C ASP A 58 0.52 7.44 -11.62
N ALA A 59 -0.44 8.37 -11.55
CA ALA A 59 -0.84 8.96 -10.28
C ALA A 59 -2.11 8.29 -9.75
N ALA A 60 -2.26 8.30 -8.43
CA ALA A 60 -3.43 7.69 -7.79
C ALA A 60 -4.12 8.69 -6.87
N GLU A 61 -5.26 8.28 -6.31
CA GLU A 61 -6.02 9.14 -5.41
C GLU A 61 -5.17 9.56 -4.22
N ALA A 62 -4.14 8.78 -3.93
CA ALA A 62 -3.24 9.08 -2.82
C ALA A 62 -1.91 8.36 -2.97
N THR A 63 -0.90 8.83 -2.26
CA THR A 63 0.43 8.23 -2.31
C THR A 63 0.93 7.87 -0.92
N LEU A 64 1.41 6.64 -0.77
CA LEU A 64 1.92 6.16 0.51
C LEU A 64 3.39 5.79 0.41
N THR A 65 4.25 6.56 1.08
CA THR A 65 5.68 6.32 1.06
C THR A 65 6.14 5.64 2.36
N MET A 66 6.90 4.56 2.21
CA MET A 66 7.41 3.82 3.37
C MET A 66 8.64 3.01 2.99
N GLU A 67 9.58 2.90 3.92
CA GLU A 67 10.80 2.15 3.69
C GLU A 67 10.50 0.66 3.49
N ASP A 68 11.52 -0.08 3.04
CA ASP A 68 11.36 -1.51 2.81
C ASP A 68 11.15 -2.26 4.12
N ASP A 69 11.96 -1.92 5.12
CA ASP A 69 11.86 -2.56 6.43
C ASP A 69 10.60 -2.11 7.16
N ILE A 70 10.15 -0.90 6.86
CA ILE A 70 8.95 -0.35 7.49
C ILE A 70 7.69 -0.90 6.84
N MET A 71 7.61 -0.82 5.52
CA MET A 71 6.45 -1.31 4.77
C MET A 71 6.18 -2.77 5.11
N PHE A 72 7.24 -3.51 5.44
CA PHE A 72 7.11 -4.92 5.78
C PHE A 72 6.23 -5.11 7.01
N ALA A 73 6.46 -4.28 8.02
CA ALA A 73 5.69 -4.35 9.26
C ALA A 73 4.21 -4.05 9.00
N ILE A 74 3.94 -2.94 8.35
CA ILE A 74 2.57 -2.53 8.04
C ILE A 74 1.95 -3.48 7.00
N GLY A 75 2.80 -4.23 6.32
CA GLY A 75 2.31 -5.16 5.31
C GLY A 75 2.03 -6.54 5.88
N THR A 76 2.83 -6.95 6.86
CA THR A 76 2.66 -8.25 7.50
C THR A 76 1.84 -8.14 8.78
N GLY A 77 0.96 -7.15 8.83
CA GLY A 77 0.13 -6.94 10.01
C GLY A 77 0.94 -6.86 11.28
N ALA A 78 2.22 -6.52 11.15
CA ALA A 78 3.11 -6.40 12.30
C ALA A 78 2.81 -5.14 13.10
N LEU A 79 3.03 -3.98 12.47
CA LEU A 79 2.79 -2.70 13.12
C LEU A 79 1.67 -1.94 12.42
N PRO A 80 0.86 -1.22 13.21
CA PRO A 80 -0.25 -0.43 12.70
C PRO A 80 0.21 0.78 11.89
N ALA A 81 -0.34 0.94 10.68
CA ALA A 81 0.02 2.05 9.83
C ALA A 81 -0.26 3.39 10.50
N LYS A 82 -1.23 3.38 11.42
CA LYS A 82 -1.59 4.60 12.15
C LYS A 82 -0.44 5.07 13.03
N GLU A 83 0.03 4.19 13.91
CA GLU A 83 1.13 4.53 14.81
C GLU A 83 2.37 4.92 14.01
N ALA A 84 2.74 4.11 13.03
CA ALA A 84 3.90 4.38 12.21
C ALA A 84 3.87 5.81 11.66
N MET A 85 2.71 6.24 11.22
CA MET A 85 2.54 7.58 10.67
C MET A 85 2.76 8.63 11.74
N ALA A 86 2.45 8.27 12.99
CA ALA A 86 2.61 9.19 14.12
C ALA A 86 4.07 9.31 14.51
N GLN A 87 4.85 8.27 14.23
CA GLN A 87 6.27 8.26 14.56
C GLN A 87 7.11 8.87 13.45
N ASP A 88 6.42 9.46 12.47
CA ASP A 88 7.10 10.09 11.34
C ASP A 88 7.87 9.06 10.53
N LYS A 89 7.60 7.78 10.78
CA LYS A 89 8.26 6.70 10.07
C LYS A 89 7.60 6.43 8.73
N MET A 90 6.51 7.15 8.46
CA MET A 90 5.78 6.98 7.20
C MET A 90 4.91 8.20 6.92
N GLU A 91 4.74 8.53 5.64
CA GLU A 91 3.93 9.66 5.24
C GLU A 91 2.96 9.28 4.13
N VAL A 92 1.95 10.11 3.92
CA VAL A 92 0.95 9.87 2.89
C VAL A 92 0.42 11.17 2.30
N ASP A 93 0.20 11.17 0.99
CA ASP A 93 -0.31 12.36 0.31
C ASP A 93 -1.58 12.03 -0.47
N GLY A 94 -2.28 13.08 -0.90
CA GLY A 94 -3.51 12.89 -1.66
C GLY A 94 -4.75 13.21 -0.84
N GLN A 95 -5.68 12.26 -0.76
CA GLN A 95 -6.90 12.45 0.00
C GLN A 95 -6.82 11.77 1.37
N VAL A 96 -6.60 12.58 2.40
CA VAL A 96 -6.50 12.06 3.76
C VAL A 96 -7.72 11.24 4.13
N GLU A 97 -8.85 11.57 3.51
CA GLU A 97 -10.10 10.86 3.78
C GLU A 97 -10.09 9.48 3.13
N LEU A 98 -9.41 9.37 2.00
CA LEU A 98 -9.33 8.11 1.26
C LEU A 98 -8.32 7.17 1.93
N ILE A 99 -7.10 7.66 2.13
CA ILE A 99 -6.05 6.87 2.75
C ILE A 99 -6.52 6.29 4.09
N PHE A 100 -7.44 6.99 4.74
CA PHE A 100 -7.98 6.55 6.02
C PHE A 100 -8.86 5.31 5.84
N LEU A 101 -9.61 5.29 4.75
CA LEU A 101 -10.50 4.18 4.45
C LEU A 101 -9.71 2.90 4.19
N LEU A 102 -8.41 3.05 4.02
CA LEU A 102 -7.54 1.90 3.76
C LEU A 102 -7.07 1.27 5.07
N GLU A 103 -6.75 2.10 6.04
CA GLU A 103 -6.30 1.63 7.34
C GLU A 103 -7.06 0.37 7.75
N PRO A 104 -8.39 0.49 7.86
CA PRO A 104 -9.26 -0.62 8.25
C PRO A 104 -9.34 -1.70 7.17
N PHE A 105 -9.15 -1.29 5.92
CA PHE A 105 -9.20 -2.23 4.80
C PHE A 105 -8.16 -3.34 4.97
N ILE A 106 -7.07 -3.01 5.65
CA ILE A 106 -6.00 -3.98 5.88
C ILE A 106 -6.50 -5.20 6.64
N ALA A 107 -7.57 -5.00 7.42
CA ALA A 107 -8.15 -6.08 8.20
C ALA A 107 -8.70 -7.17 7.28
N SER A 108 -8.97 -6.81 6.03
CA SER A 108 -9.50 -7.77 5.06
C SER A 108 -8.49 -8.89 4.80
N LEU A 109 -7.30 -8.51 4.35
CA LEU A 109 -6.25 -9.49 4.07
C LEU A 109 -5.60 -9.98 5.35
N LYS A 110 -6.39 -10.64 6.19
CA LYS A 110 -5.89 -11.18 7.45
C LYS A 110 -6.43 -12.58 7.70
N MET A 1 18.03 -5.98 -7.39
CA MET A 1 18.02 -6.17 -5.94
C MET A 1 16.72 -6.81 -5.48
N SER A 2 16.67 -7.21 -4.22
CA SER A 2 15.49 -7.85 -3.65
C SER A 2 14.92 -7.02 -2.51
N LEU A 3 13.69 -6.57 -2.66
CA LEU A 3 13.03 -5.76 -1.63
C LEU A 3 12.03 -6.60 -0.85
N LYS A 4 12.15 -6.58 0.48
CA LYS A 4 11.26 -7.33 1.35
C LYS A 4 9.80 -7.01 1.05
N SER A 5 9.54 -5.75 0.69
CA SER A 5 8.19 -5.31 0.38
C SER A 5 7.56 -6.20 -0.69
N ASP A 6 8.41 -6.81 -1.52
CA ASP A 6 7.93 -7.69 -2.58
C ASP A 6 7.04 -8.78 -2.03
N GLU A 7 7.38 -9.28 -0.84
CA GLU A 7 6.60 -10.34 -0.20
C GLU A 7 5.19 -9.85 0.12
N VAL A 8 5.10 -8.68 0.76
CA VAL A 8 3.81 -8.11 1.12
C VAL A 8 2.98 -7.80 -0.12
N PHE A 9 3.61 -7.15 -1.09
CA PHE A 9 2.93 -6.79 -2.34
C PHE A 9 2.48 -8.03 -3.09
N ALA A 10 3.26 -9.10 -2.98
CA ALA A 10 2.94 -10.35 -3.66
C ALA A 10 1.70 -11.00 -3.05
N LYS A 11 1.67 -11.08 -1.72
CA LYS A 11 0.54 -11.68 -1.02
C LYS A 11 -0.71 -10.81 -1.16
N ILE A 12 -0.53 -9.50 -1.04
CA ILE A 12 -1.64 -8.56 -1.15
C ILE A 12 -2.31 -8.67 -2.52
N ALA A 13 -1.49 -8.74 -3.57
CA ALA A 13 -2.00 -8.84 -4.92
C ALA A 13 -2.88 -10.07 -5.09
N LYS A 14 -2.39 -11.21 -4.60
CA LYS A 14 -3.14 -12.46 -4.69
C LYS A 14 -4.50 -12.34 -4.01
N ARG A 15 -4.55 -11.51 -2.96
CA ARG A 15 -5.79 -11.31 -2.22
C ARG A 15 -6.76 -10.43 -3.01
N LEU A 16 -6.22 -9.62 -3.91
CA LEU A 16 -7.03 -8.72 -4.73
C LEU A 16 -7.82 -9.52 -5.76
N GLU A 17 -7.44 -10.77 -5.95
CA GLU A 17 -8.11 -11.64 -6.92
C GLU A 17 -9.33 -12.30 -6.29
N SER A 18 -9.42 -12.23 -4.97
CA SER A 18 -10.53 -12.83 -4.24
C SER A 18 -11.62 -11.79 -3.95
N ILE A 19 -11.28 -10.52 -4.13
CA ILE A 19 -12.22 -9.43 -3.89
C ILE A 19 -13.41 -9.51 -4.84
N ASP A 20 -14.58 -9.16 -4.32
CA ASP A 20 -15.80 -9.19 -5.12
C ASP A 20 -16.41 -7.79 -5.24
N PRO A 21 -17.15 -7.56 -6.33
CA PRO A 21 -17.80 -6.27 -6.59
C PRO A 21 -18.96 -6.01 -5.62
N ALA A 22 -19.50 -7.08 -5.06
CA ALA A 22 -20.62 -6.96 -4.13
C ALA A 22 -20.24 -6.10 -2.92
N ASN A 23 -19.14 -6.47 -2.26
CA ASN A 23 -18.68 -5.73 -1.09
C ASN A 23 -17.47 -4.85 -1.45
N ARG A 24 -17.66 -3.53 -1.36
CA ARG A 24 -16.60 -2.59 -1.68
C ARG A 24 -17.08 -1.15 -1.50
N GLN A 25 -16.80 -0.58 -0.33
CA GLN A 25 -17.21 0.78 -0.03
C GLN A 25 -16.56 1.77 -1.01
N VAL A 26 -15.23 1.71 -1.10
CA VAL A 26 -14.49 2.60 -1.99
C VAL A 26 -13.15 1.99 -2.39
N GLU A 27 -12.76 2.19 -3.64
CA GLU A 27 -11.50 1.66 -4.14
C GLU A 27 -11.00 2.47 -5.34
N HIS A 28 -9.81 3.04 -5.20
CA HIS A 28 -9.23 3.84 -6.27
C HIS A 28 -7.74 3.52 -6.44
N VAL A 29 -7.15 4.03 -7.51
CA VAL A 29 -5.73 3.80 -7.78
C VAL A 29 -4.86 4.38 -6.67
N TYR A 30 -3.89 3.58 -6.22
CA TYR A 30 -2.98 4.00 -5.16
C TYR A 30 -1.53 3.77 -5.57
N LYS A 31 -0.65 4.68 -5.15
CA LYS A 31 0.75 4.58 -5.46
C LYS A 31 1.59 4.44 -4.19
N PHE A 32 2.50 3.47 -4.19
CA PHE A 32 3.35 3.23 -3.03
C PHE A 32 4.83 3.47 -3.38
N ARG A 33 5.50 4.27 -2.56
CA ARG A 33 6.90 4.57 -2.79
C ARG A 33 7.80 3.72 -1.90
N ILE A 34 8.63 2.88 -2.52
CA ILE A 34 9.53 2.01 -1.78
C ILE A 34 10.93 2.62 -1.71
N THR A 35 11.36 2.95 -0.50
CA THR A 35 12.67 3.54 -0.29
C THR A 35 13.62 2.54 0.37
N GLN A 36 14.89 2.61 -0.01
CA GLN A 36 15.91 1.70 0.55
C GLN A 36 16.71 2.40 1.64
N GLY A 37 16.46 2.02 2.89
CA GLY A 37 17.17 2.62 4.00
C GLY A 37 16.64 3.98 4.37
N GLY A 38 16.33 4.79 3.36
CA GLY A 38 15.80 6.12 3.60
C GLY A 38 15.67 6.94 2.33
N LYS A 39 15.99 6.32 1.21
CA LYS A 39 15.91 7.00 -0.09
C LYS A 39 15.11 6.17 -1.09
N VAL A 40 14.17 6.81 -1.77
CA VAL A 40 13.34 6.13 -2.76
C VAL A 40 14.19 5.35 -3.74
N VAL A 41 13.72 4.16 -4.11
CA VAL A 41 14.44 3.31 -5.05
C VAL A 41 13.53 2.87 -6.20
N LYS A 42 12.23 2.83 -5.93
CA LYS A 42 11.25 2.43 -6.94
C LYS A 42 9.84 2.76 -6.49
N ASN A 43 8.94 2.93 -7.46
CA ASN A 43 7.54 3.26 -7.17
C ASN A 43 6.60 2.32 -7.90
N TRP A 44 5.65 1.74 -7.17
CA TRP A 44 4.69 0.83 -7.76
C TRP A 44 3.31 1.48 -7.86
N VAL A 45 2.52 1.04 -8.84
CA VAL A 45 1.18 1.58 -9.04
C VAL A 45 0.12 0.50 -8.85
N MET A 46 -1.01 0.88 -8.26
CA MET A 46 -2.10 -0.05 -8.02
C MET A 46 -3.27 0.23 -8.96
N ASP A 47 -3.60 -0.76 -9.79
CA ASP A 47 -4.70 -0.63 -10.73
C ASP A 47 -6.01 -0.30 -10.02
N LEU A 48 -7.12 -0.44 -10.73
CA LEU A 48 -8.43 -0.16 -10.16
C LEU A 48 -9.52 -0.96 -10.87
N LYS A 49 -9.55 -0.86 -12.20
CA LYS A 49 -10.52 -1.58 -13.00
C LYS A 49 -10.21 -3.06 -13.05
N ASN A 50 -8.93 -3.40 -12.91
CA ASN A 50 -8.49 -4.79 -12.93
C ASN A 50 -8.18 -5.29 -11.52
N VAL A 51 -7.87 -4.37 -10.62
CA VAL A 51 -7.57 -4.71 -9.24
C VAL A 51 -6.26 -5.50 -9.16
N LYS A 52 -5.27 -5.08 -9.93
CA LYS A 52 -3.98 -5.74 -9.94
C LYS A 52 -2.85 -4.75 -9.64
N LEU A 53 -1.66 -5.27 -9.40
CA LEU A 53 -0.51 -4.43 -9.09
C LEU A 53 0.58 -4.60 -10.15
N VAL A 54 1.08 -3.47 -10.66
CA VAL A 54 2.13 -3.49 -11.68
C VAL A 54 3.12 -2.35 -11.47
N GLU A 55 4.30 -2.49 -12.05
CA GLU A 55 5.33 -1.47 -11.93
C GLU A 55 5.15 -0.37 -12.98
N SER A 56 4.64 0.78 -12.54
CA SER A 56 4.41 1.90 -13.44
C SER A 56 4.54 3.23 -12.70
N ASP A 57 4.60 4.32 -13.45
CA ASP A 57 4.72 5.64 -12.87
C ASP A 57 3.38 6.38 -12.90
N ASP A 58 2.31 5.64 -13.15
CA ASP A 58 0.97 6.22 -13.20
C ASP A 58 0.64 6.93 -11.90
N ALA A 59 -0.24 7.93 -11.99
CA ALA A 59 -0.65 8.70 -10.81
C ALA A 59 -1.80 8.02 -10.09
N ALA A 60 -1.85 8.20 -8.77
CA ALA A 60 -2.91 7.61 -7.97
C ALA A 60 -3.59 8.65 -7.09
N GLU A 61 -4.78 8.33 -6.61
CA GLU A 61 -5.54 9.25 -5.77
C GLU A 61 -4.76 9.57 -4.49
N ALA A 62 -3.81 8.72 -4.14
CA ALA A 62 -3.00 8.91 -2.95
C ALA A 62 -1.65 8.24 -3.09
N THR A 63 -0.66 8.75 -2.35
CA THR A 63 0.68 8.20 -2.40
C THR A 63 1.19 7.84 -1.01
N LEU A 64 1.66 6.61 -0.85
CA LEU A 64 2.17 6.14 0.44
C LEU A 64 3.67 5.83 0.36
N THR A 65 4.47 6.69 0.99
CA THR A 65 5.91 6.51 0.99
C THR A 65 6.39 5.87 2.29
N MET A 66 7.13 4.78 2.17
CA MET A 66 7.65 4.07 3.35
C MET A 66 8.83 3.20 2.97
N GLU A 67 9.75 3.01 3.91
CA GLU A 67 10.93 2.20 3.68
C GLU A 67 10.56 0.73 3.49
N ASP A 68 11.52 -0.07 3.05
CA ASP A 68 11.30 -1.50 2.83
C ASP A 68 11.03 -2.21 4.15
N ASP A 69 11.89 -1.97 5.13
CA ASP A 69 11.75 -2.59 6.44
C ASP A 69 10.49 -2.09 7.16
N ILE A 70 10.11 -0.85 6.86
CA ILE A 70 8.93 -0.26 7.48
C ILE A 70 7.66 -0.76 6.81
N MET A 71 7.61 -0.67 5.48
CA MET A 71 6.45 -1.12 4.73
C MET A 71 6.10 -2.56 5.06
N PHE A 72 7.11 -3.34 5.44
CA PHE A 72 6.91 -4.73 5.79
C PHE A 72 6.20 -4.87 7.14
N ALA A 73 6.55 -3.99 8.07
CA ALA A 73 5.95 -4.01 9.40
C ALA A 73 4.43 -3.80 9.31
N ILE A 74 4.03 -2.78 8.58
CA ILE A 74 2.61 -2.47 8.42
C ILE A 74 2.00 -3.28 7.27
N GLY A 75 2.86 -3.79 6.40
CA GLY A 75 2.39 -4.56 5.27
C GLY A 75 1.88 -5.93 5.68
N THR A 76 2.52 -6.52 6.68
CA THR A 76 2.12 -7.85 7.17
C THR A 76 1.24 -7.73 8.41
N GLY A 77 0.90 -6.50 8.78
CA GLY A 77 0.07 -6.28 9.95
C GLY A 77 0.87 -6.22 11.23
N ALA A 78 2.18 -6.43 11.12
CA ALA A 78 3.06 -6.40 12.28
C ALA A 78 2.84 -5.12 13.10
N LEU A 79 3.25 -3.99 12.53
CA LEU A 79 3.09 -2.71 13.20
C LEU A 79 1.90 -1.94 12.66
N PRO A 80 1.20 -1.21 13.54
CA PRO A 80 0.03 -0.43 13.18
C PRO A 80 0.38 0.79 12.32
N ALA A 81 -0.35 0.96 11.23
CA ALA A 81 -0.11 2.08 10.32
C ALA A 81 -0.30 3.42 11.04
N LYS A 82 -1.12 3.41 12.08
CA LYS A 82 -1.39 4.61 12.86
C LYS A 82 -0.14 5.09 13.59
N GLU A 83 0.43 4.21 14.41
CA GLU A 83 1.63 4.54 15.17
C GLU A 83 2.75 4.99 14.24
N ALA A 84 3.03 4.16 13.23
CA ALA A 84 4.09 4.47 12.27
C ALA A 84 3.92 5.89 11.72
N MET A 85 2.69 6.27 11.45
CA MET A 85 2.40 7.60 10.91
C MET A 85 2.65 8.67 11.97
N ALA A 86 2.35 8.34 13.22
CA ALA A 86 2.55 9.28 14.32
C ALA A 86 4.02 9.38 14.71
N GLN A 87 4.80 8.36 14.34
CA GLN A 87 6.23 8.35 14.64
C GLN A 87 7.02 9.01 13.53
N ASP A 88 6.33 9.67 12.61
CA ASP A 88 6.98 10.34 11.50
C ASP A 88 7.83 9.35 10.68
N LYS A 89 7.49 8.08 10.78
CA LYS A 89 8.21 7.04 10.05
C LYS A 89 7.51 6.71 8.73
N MET A 90 6.42 7.41 8.45
CA MET A 90 5.66 7.20 7.23
C MET A 90 4.76 8.40 6.93
N GLU A 91 4.58 8.68 5.64
CA GLU A 91 3.75 9.80 5.22
C GLU A 91 2.73 9.35 4.18
N VAL A 92 1.69 10.17 3.98
CA VAL A 92 0.65 9.86 3.02
C VAL A 92 0.17 11.12 2.30
N ASP A 93 -0.10 11.00 1.01
CA ASP A 93 -0.58 12.13 0.22
C ASP A 93 -1.86 11.77 -0.53
N GLY A 94 -2.56 12.79 -1.02
CA GLY A 94 -3.79 12.56 -1.74
C GLY A 94 -5.02 12.83 -0.89
N GLN A 95 -5.97 11.90 -0.91
CA GLN A 95 -7.20 12.04 -0.14
C GLN A 95 -7.04 11.43 1.25
N VAL A 96 -6.79 12.27 2.24
CA VAL A 96 -6.63 11.81 3.62
C VAL A 96 -7.83 11.01 4.08
N GLU A 97 -8.97 11.23 3.43
CA GLU A 97 -10.20 10.52 3.77
C GLU A 97 -10.14 9.07 3.29
N LEU A 98 -9.48 8.85 2.17
CA LEU A 98 -9.35 7.52 1.61
C LEU A 98 -8.29 6.71 2.36
N ILE A 99 -7.28 7.40 2.86
CA ILE A 99 -6.21 6.75 3.60
C ILE A 99 -6.76 5.95 4.78
N PHE A 100 -7.60 6.61 5.58
CA PHE A 100 -8.19 5.96 6.75
C PHE A 100 -9.11 4.82 6.33
N LEU A 101 -9.73 4.96 5.16
CA LEU A 101 -10.63 3.94 4.64
C LEU A 101 -9.87 2.65 4.34
N LEU A 102 -8.57 2.77 4.16
CA LEU A 102 -7.73 1.62 3.87
C LEU A 102 -7.28 0.91 5.15
N GLU A 103 -7.02 1.71 6.19
CA GLU A 103 -6.58 1.17 7.47
C GLU A 103 -7.28 -0.16 7.77
N PRO A 104 -8.62 -0.13 7.80
CA PRO A 104 -9.43 -1.31 8.07
C PRO A 104 -9.38 -2.32 6.93
N PHE A 105 -9.24 -1.82 5.71
CA PHE A 105 -9.18 -2.67 4.53
C PHE A 105 -8.03 -3.67 4.64
N ILE A 106 -6.96 -3.26 5.32
CA ILE A 106 -5.79 -4.11 5.50
C ILE A 106 -6.16 -5.42 6.18
N ALA A 107 -7.24 -5.38 6.97
CA ALA A 107 -7.69 -6.58 7.67
C ALA A 107 -8.14 -7.66 6.69
N SER A 108 -8.54 -7.25 5.49
CA SER A 108 -8.98 -8.17 4.47
C SER A 108 -7.96 -9.30 4.27
N LEU A 109 -6.80 -8.93 3.75
CA LEU A 109 -5.73 -9.91 3.51
C LEU A 109 -5.18 -10.45 4.82
N LYS A 110 -5.76 -11.54 5.30
CA LYS A 110 -5.32 -12.16 6.54
C LYS A 110 -3.84 -12.50 6.49
N MET A 1 18.62 -7.40 -6.79
CA MET A 1 17.85 -6.29 -6.22
C MET A 1 16.45 -6.76 -5.82
N SER A 2 16.28 -7.07 -4.53
CA SER A 2 15.01 -7.54 -4.02
C SER A 2 14.64 -6.79 -2.74
N LEU A 3 13.35 -6.49 -2.59
CA LEU A 3 12.85 -5.77 -1.42
C LEU A 3 11.84 -6.60 -0.65
N LYS A 4 11.86 -6.49 0.67
CA LYS A 4 10.93 -7.24 1.51
C LYS A 4 9.49 -6.87 1.20
N SER A 5 9.27 -5.60 0.88
CA SER A 5 7.93 -5.10 0.56
C SER A 5 7.31 -5.92 -0.56
N ASP A 6 8.16 -6.49 -1.42
CA ASP A 6 7.69 -7.30 -2.54
C ASP A 6 6.78 -8.42 -2.05
N GLU A 7 7.09 -8.97 -0.88
CA GLU A 7 6.30 -10.06 -0.31
C GLU A 7 4.89 -9.58 0.02
N VAL A 8 4.81 -8.45 0.72
CA VAL A 8 3.51 -7.89 1.10
C VAL A 8 2.64 -7.62 -0.12
N PHE A 9 3.22 -6.98 -1.12
CA PHE A 9 2.49 -6.67 -2.35
C PHE A 9 2.05 -7.93 -3.06
N ALA A 10 2.86 -8.99 -2.94
CA ALA A 10 2.55 -10.26 -3.56
C ALA A 10 1.35 -10.93 -2.89
N LYS A 11 1.35 -10.95 -1.57
CA LYS A 11 0.26 -11.56 -0.81
C LYS A 11 -1.01 -10.72 -0.93
N ILE A 12 -0.86 -9.40 -0.80
CA ILE A 12 -1.99 -8.49 -0.89
C ILE A 12 -2.64 -8.56 -2.27
N ALA A 13 -1.82 -8.60 -3.31
CA ALA A 13 -2.32 -8.67 -4.68
C ALA A 13 -3.24 -9.87 -4.86
N LYS A 14 -2.81 -11.03 -4.37
CA LYS A 14 -3.59 -12.25 -4.47
C LYS A 14 -4.98 -12.06 -3.88
N ARG A 15 -5.05 -11.33 -2.77
CA ARG A 15 -6.32 -11.07 -2.10
C ARG A 15 -7.22 -10.20 -2.98
N LEU A 16 -6.62 -9.35 -3.78
CA LEU A 16 -7.37 -8.46 -4.67
C LEU A 16 -8.18 -9.26 -5.68
N GLU A 17 -7.82 -10.53 -5.84
CA GLU A 17 -8.52 -11.39 -6.78
C GLU A 17 -9.73 -12.05 -6.12
N SER A 18 -9.81 -11.93 -4.80
CA SER A 18 -10.92 -12.51 -4.04
C SER A 18 -11.99 -11.47 -3.76
N ILE A 19 -11.64 -10.19 -3.92
CA ILE A 19 -12.57 -9.10 -3.69
C ILE A 19 -13.73 -9.14 -4.68
N ASP A 20 -14.89 -8.65 -4.25
CA ASP A 20 -16.07 -8.64 -5.10
C ASP A 20 -16.64 -7.23 -5.20
N PRO A 21 -17.16 -6.89 -6.39
CA PRO A 21 -17.75 -5.57 -6.66
C PRO A 21 -19.06 -5.36 -5.91
N ALA A 22 -19.80 -6.44 -5.69
CA ALA A 22 -21.06 -6.37 -4.98
C ALA A 22 -20.88 -5.80 -3.58
N ASN A 23 -19.70 -6.03 -3.00
CA ASN A 23 -19.40 -5.53 -1.66
C ASN A 23 -17.90 -5.49 -1.43
N ARG A 24 -17.35 -4.29 -1.26
CA ARG A 24 -15.92 -4.12 -1.02
C ARG A 24 -15.64 -2.74 -0.44
N GLN A 25 -16.66 -2.10 0.11
CA GLN A 25 -16.52 -0.77 0.70
C GLN A 25 -16.03 0.23 -0.34
N VAL A 26 -14.72 0.30 -0.53
CA VAL A 26 -14.13 1.21 -1.50
C VAL A 26 -12.71 0.79 -1.87
N GLU A 27 -12.28 1.16 -3.06
CA GLU A 27 -10.94 0.82 -3.54
C GLU A 27 -10.58 1.62 -4.78
N HIS A 28 -9.50 2.39 -4.69
CA HIS A 28 -9.05 3.20 -5.81
C HIS A 28 -7.55 3.02 -6.06
N VAL A 29 -7.07 3.51 -7.19
CA VAL A 29 -5.66 3.41 -7.54
C VAL A 29 -4.79 4.14 -6.53
N TYR A 30 -3.84 3.42 -5.94
CA TYR A 30 -2.94 3.99 -4.95
C TYR A 30 -1.48 3.63 -5.25
N LYS A 31 -0.65 4.64 -5.40
CA LYS A 31 0.77 4.43 -5.70
C LYS A 31 1.58 4.35 -4.41
N PHE A 32 2.49 3.37 -4.35
CA PHE A 32 3.33 3.19 -3.17
C PHE A 32 4.78 3.53 -3.49
N ARG A 33 5.44 4.20 -2.55
CA ARG A 33 6.83 4.59 -2.73
C ARG A 33 7.75 3.80 -1.79
N ILE A 34 8.66 3.03 -2.38
CA ILE A 34 9.59 2.22 -1.60
C ILE A 34 10.96 2.88 -1.53
N THR A 35 11.36 3.27 -0.32
CA THR A 35 12.65 3.91 -0.12
C THR A 35 13.66 2.93 0.48
N GLN A 36 14.92 3.07 0.07
CA GLN A 36 15.98 2.21 0.56
C GLN A 36 16.81 2.91 1.63
N GLY A 37 16.62 2.51 2.88
CA GLY A 37 17.35 3.11 3.98
C GLY A 37 16.75 4.42 4.43
N GLY A 38 16.44 5.28 3.48
CA GLY A 38 15.85 6.57 3.81
C GLY A 38 15.61 7.43 2.59
N LYS A 39 15.83 6.86 1.41
CA LYS A 39 15.63 7.58 0.15
C LYS A 39 14.88 6.71 -0.85
N VAL A 40 13.96 7.34 -1.60
CA VAL A 40 13.18 6.63 -2.59
C VAL A 40 14.08 5.87 -3.55
N VAL A 41 13.72 4.61 -3.82
CA VAL A 41 14.49 3.77 -4.72
C VAL A 41 13.62 3.21 -5.84
N LYS A 42 12.31 3.25 -5.63
CA LYS A 42 11.35 2.75 -6.62
C LYS A 42 9.93 3.13 -6.25
N ASN A 43 9.04 3.12 -7.23
CA ASN A 43 7.65 3.47 -7.01
C ASN A 43 6.72 2.48 -7.71
N TRP A 44 5.79 1.91 -6.96
CA TRP A 44 4.83 0.96 -7.52
C TRP A 44 3.45 1.57 -7.64
N VAL A 45 2.66 1.05 -8.58
CA VAL A 45 1.31 1.55 -8.80
C VAL A 45 0.29 0.44 -8.69
N MET A 46 -0.83 0.72 -8.02
CA MET A 46 -1.89 -0.26 -7.84
C MET A 46 -3.02 -0.04 -8.86
N ASP A 47 -3.21 -1.02 -9.73
CA ASP A 47 -4.25 -0.93 -10.75
C ASP A 47 -5.60 -1.35 -10.18
N LEU A 48 -6.56 -0.42 -10.23
CA LEU A 48 -7.90 -0.69 -9.72
C LEU A 48 -8.84 -1.13 -10.85
N LYS A 49 -8.44 -0.86 -12.09
CA LYS A 49 -9.24 -1.23 -13.25
C LYS A 49 -9.07 -2.71 -13.57
N ASN A 50 -7.84 -3.21 -13.47
CA ASN A 50 -7.55 -4.61 -13.74
C ASN A 50 -7.36 -5.39 -12.46
N VAL A 51 -7.21 -4.66 -11.34
CA VAL A 51 -7.03 -5.29 -10.04
C VAL A 51 -5.69 -6.01 -9.97
N LYS A 52 -4.65 -5.39 -10.52
CA LYS A 52 -3.31 -5.97 -10.52
C LYS A 52 -2.27 -4.93 -10.15
N LEU A 53 -1.16 -5.39 -9.58
CA LEU A 53 -0.08 -4.49 -9.18
C LEU A 53 1.03 -4.47 -10.23
N VAL A 54 1.51 -3.27 -10.54
CA VAL A 54 2.56 -3.11 -11.54
C VAL A 54 3.49 -1.95 -11.16
N GLU A 55 4.59 -1.83 -11.90
CA GLU A 55 5.56 -0.77 -11.65
C GLU A 55 5.37 0.38 -12.64
N SER A 56 4.87 1.51 -12.15
CA SER A 56 4.64 2.67 -13.00
C SER A 56 4.70 3.95 -12.17
N ASP A 57 4.66 5.09 -12.86
CA ASP A 57 4.70 6.39 -12.20
C ASP A 57 3.37 7.12 -12.35
N ASP A 58 2.36 6.42 -12.84
CA ASP A 58 1.04 7.00 -13.04
C ASP A 58 0.55 7.65 -11.75
N ALA A 59 -0.43 8.54 -11.89
CA ALA A 59 -1.00 9.24 -10.74
C ALA A 59 -2.12 8.43 -10.11
N ALA A 60 -2.15 8.39 -8.79
CA ALA A 60 -3.18 7.65 -8.06
C ALA A 60 -3.96 8.56 -7.12
N GLU A 61 -5.09 8.07 -6.63
CA GLU A 61 -5.93 8.84 -5.71
C GLU A 61 -5.13 9.28 -4.49
N ALA A 62 -4.10 8.50 -4.14
CA ALA A 62 -3.27 8.80 -2.99
C ALA A 62 -1.89 8.16 -3.12
N THR A 63 -0.91 8.72 -2.43
CA THR A 63 0.45 8.21 -2.47
C THR A 63 0.95 7.84 -1.09
N LEU A 64 1.41 6.61 -0.93
CA LEU A 64 1.92 6.13 0.35
C LEU A 64 3.41 5.83 0.27
N THR A 65 4.22 6.68 0.91
CA THR A 65 5.66 6.50 0.91
C THR A 65 6.16 6.04 2.27
N MET A 66 6.93 4.96 2.28
CA MET A 66 7.48 4.42 3.52
C MET A 66 8.66 3.50 3.24
N GLU A 67 9.50 3.30 4.26
CA GLU A 67 10.68 2.45 4.12
C GLU A 67 10.27 0.98 3.98
N ASP A 68 11.15 0.19 3.36
CA ASP A 68 10.88 -1.23 3.17
C ASP A 68 10.54 -1.90 4.49
N ASP A 69 11.32 -1.60 5.52
CA ASP A 69 11.10 -2.18 6.84
C ASP A 69 9.74 -1.77 7.40
N ILE A 70 9.31 -0.55 7.07
CA ILE A 70 8.02 -0.04 7.53
C ILE A 70 6.88 -0.68 6.77
N MET A 71 6.96 -0.64 5.44
CA MET A 71 5.92 -1.22 4.59
C MET A 71 5.65 -2.67 4.98
N PHE A 72 6.70 -3.39 5.33
CA PHE A 72 6.58 -4.79 5.73
C PHE A 72 5.81 -4.92 7.03
N ALA A 73 6.10 -4.03 7.98
CA ALA A 73 5.43 -4.04 9.27
C ALA A 73 3.92 -3.86 9.12
N ILE A 74 3.53 -2.85 8.34
CA ILE A 74 2.12 -2.56 8.11
C ILE A 74 1.53 -3.52 7.08
N GLY A 75 2.40 -4.16 6.32
CA GLY A 75 1.94 -5.09 5.29
C GLY A 75 1.68 -6.48 5.86
N THR A 76 2.52 -6.90 6.80
CA THR A 76 2.38 -8.22 7.42
C THR A 76 1.50 -8.15 8.66
N GLY A 77 1.22 -6.94 9.11
CA GLY A 77 0.39 -6.75 10.29
C GLY A 77 1.20 -6.50 11.54
N ALA A 78 2.52 -6.55 11.40
CA ALA A 78 3.42 -6.33 12.53
C ALA A 78 3.06 -5.04 13.27
N LEU A 79 3.34 -3.90 12.65
CA LEU A 79 3.04 -2.61 13.26
C LEU A 79 1.89 -1.93 12.53
N PRO A 80 1.06 -1.20 13.30
CA PRO A 80 -0.11 -0.49 12.75
C PRO A 80 0.30 0.71 11.90
N ALA A 81 -0.38 0.89 10.78
CA ALA A 81 -0.09 2.00 9.88
C ALA A 81 -0.18 3.33 10.61
N LYS A 82 -0.97 3.38 11.67
CA LYS A 82 -1.14 4.59 12.46
C LYS A 82 0.16 4.96 13.18
N GLU A 83 0.67 4.04 13.98
CA GLU A 83 1.91 4.27 14.72
C GLU A 83 3.03 4.69 13.77
N ALA A 84 3.26 3.89 12.75
CA ALA A 84 4.30 4.17 11.77
C ALA A 84 4.19 5.60 11.25
N MET A 85 2.96 6.03 10.97
CA MET A 85 2.73 7.38 10.46
C MET A 85 2.88 8.41 11.57
N ALA A 86 2.62 7.99 12.80
CA ALA A 86 2.73 8.88 13.95
C ALA A 86 4.19 9.08 14.35
N GLN A 87 5.02 8.09 14.04
CA GLN A 87 6.44 8.14 14.38
C GLN A 87 7.24 8.78 13.24
N ASP A 88 6.52 9.38 12.29
CA ASP A 88 7.16 10.03 11.15
C ASP A 88 7.98 9.03 10.34
N LYS A 89 7.70 7.74 10.53
CA LYS A 89 8.41 6.69 9.83
C LYS A 89 7.78 6.43 8.47
N MET A 90 6.70 7.14 8.17
CA MET A 90 6.01 6.99 6.90
C MET A 90 5.10 8.18 6.63
N GLU A 91 4.90 8.50 5.35
CA GLU A 91 4.05 9.61 4.96
C GLU A 91 3.05 9.19 3.88
N VAL A 92 2.01 10.00 3.69
CA VAL A 92 0.99 9.71 2.69
C VAL A 92 0.34 11.00 2.19
N ASP A 93 -0.02 11.01 0.91
CA ASP A 93 -0.65 12.17 0.30
C ASP A 93 -1.95 11.77 -0.39
N GLY A 94 -2.61 12.76 -1.01
CA GLY A 94 -3.86 12.50 -1.70
C GLY A 94 -5.07 12.78 -0.83
N GLN A 95 -6.00 11.82 -0.79
CA GLN A 95 -7.21 11.97 0.00
C GLN A 95 -7.04 11.33 1.37
N VAL A 96 -6.85 12.16 2.39
CA VAL A 96 -6.69 11.67 3.75
C VAL A 96 -7.71 10.59 4.08
N GLU A 97 -8.96 10.83 3.71
CA GLU A 97 -10.03 9.87 3.97
C GLU A 97 -9.73 8.53 3.30
N LEU A 98 -9.52 8.58 1.99
CA LEU A 98 -9.22 7.37 1.22
C LEU A 98 -8.06 6.59 1.85
N ILE A 99 -7.09 7.33 2.38
CA ILE A 99 -5.93 6.71 3.01
C ILE A 99 -6.33 5.92 4.25
N PHE A 100 -7.05 6.59 5.16
CA PHE A 100 -7.49 5.97 6.39
C PHE A 100 -8.42 4.79 6.10
N LEU A 101 -9.12 4.87 4.97
CA LEU A 101 -10.05 3.81 4.57
C LEU A 101 -9.31 2.51 4.31
N LEU A 102 -7.99 2.60 4.18
CA LEU A 102 -7.16 1.42 3.93
C LEU A 102 -6.70 0.79 5.24
N GLU A 103 -6.41 1.64 6.22
CA GLU A 103 -5.95 1.16 7.52
C GLU A 103 -6.67 -0.13 7.91
N PRO A 104 -8.01 -0.07 7.97
CA PRO A 104 -8.84 -1.22 8.34
C PRO A 104 -8.85 -2.30 7.25
N PHE A 105 -8.71 -1.86 6.00
CA PHE A 105 -8.71 -2.79 4.87
C PHE A 105 -7.56 -3.78 5.00
N ILE A 106 -6.50 -3.38 5.70
CA ILE A 106 -5.34 -4.24 5.89
C ILE A 106 -5.74 -5.57 6.53
N ALA A 107 -6.83 -5.55 7.30
CA ALA A 107 -7.32 -6.75 7.96
C ALA A 107 -7.77 -7.79 6.95
N SER A 108 -8.19 -7.33 5.78
CA SER A 108 -8.66 -8.21 4.72
C SER A 108 -7.48 -8.82 3.96
N LEU A 109 -6.50 -7.98 3.64
CA LEU A 109 -5.32 -8.43 2.90
C LEU A 109 -4.31 -9.07 3.85
N LYS A 110 -4.74 -10.13 4.53
CA LYS A 110 -3.88 -10.84 5.47
C LYS A 110 -3.31 -9.89 6.52
N MET A 1 19.64 -5.67 -4.39
CA MET A 1 19.06 -6.03 -5.68
C MET A 1 17.57 -6.37 -5.53
N SER A 2 17.20 -6.87 -4.36
CA SER A 2 15.82 -7.24 -4.10
C SER A 2 15.32 -6.59 -2.81
N LEU A 3 14.06 -6.16 -2.83
CA LEU A 3 13.46 -5.51 -1.67
C LEU A 3 12.45 -6.44 -0.99
N LYS A 4 12.50 -6.47 0.34
CA LYS A 4 11.61 -7.32 1.11
C LYS A 4 10.14 -6.95 0.84
N SER A 5 9.91 -5.67 0.58
CA SER A 5 8.56 -5.18 0.32
C SER A 5 7.92 -5.96 -0.84
N ASP A 6 8.77 -6.49 -1.71
CA ASP A 6 8.30 -7.25 -2.87
C ASP A 6 7.35 -8.37 -2.43
N GLU A 7 7.66 -8.99 -1.30
CA GLU A 7 6.85 -10.08 -0.77
C GLU A 7 5.44 -9.59 -0.45
N VAL A 8 5.35 -8.49 0.29
CA VAL A 8 4.06 -7.92 0.66
C VAL A 8 3.17 -7.72 -0.55
N PHE A 9 3.73 -7.11 -1.60
CA PHE A 9 3.00 -6.86 -2.83
C PHE A 9 2.44 -8.16 -3.41
N ALA A 10 3.24 -9.22 -3.32
CA ALA A 10 2.83 -10.52 -3.84
C ALA A 10 1.73 -11.13 -2.99
N LYS A 11 1.83 -10.95 -1.67
CA LYS A 11 0.83 -11.48 -0.75
C LYS A 11 -0.48 -10.72 -0.86
N ILE A 12 -0.39 -9.39 -0.85
CA ILE A 12 -1.58 -8.55 -0.96
C ILE A 12 -2.30 -8.78 -2.27
N ALA A 13 -1.53 -8.87 -3.36
CA ALA A 13 -2.09 -9.09 -4.68
C ALA A 13 -2.94 -10.36 -4.71
N LYS A 14 -2.49 -11.38 -3.98
CA LYS A 14 -3.20 -12.65 -3.93
C LYS A 14 -4.56 -12.48 -3.26
N ARG A 15 -4.60 -11.70 -2.19
CA ARG A 15 -5.83 -11.45 -1.46
C ARG A 15 -6.84 -10.70 -2.32
N LEU A 16 -6.33 -9.82 -3.18
CA LEU A 16 -7.18 -9.04 -4.06
C LEU A 16 -7.95 -9.94 -5.02
N GLU A 17 -7.42 -11.13 -5.26
CA GLU A 17 -8.07 -12.09 -6.15
C GLU A 17 -9.31 -12.68 -5.49
N SER A 18 -9.42 -12.50 -4.19
CA SER A 18 -10.57 -13.02 -3.44
C SER A 18 -11.72 -12.02 -3.43
N ILE A 19 -11.42 -10.78 -3.82
CA ILE A 19 -12.43 -9.73 -3.85
C ILE A 19 -13.61 -10.13 -4.73
N ASP A 20 -14.81 -9.74 -4.31
CA ASP A 20 -16.02 -10.06 -5.06
C ASP A 20 -16.66 -8.79 -5.61
N PRO A 21 -17.43 -8.94 -6.70
CA PRO A 21 -18.12 -7.82 -7.35
C PRO A 21 -19.27 -7.27 -6.49
N ALA A 22 -20.02 -8.16 -5.88
CA ALA A 22 -21.15 -7.77 -5.03
C ALA A 22 -20.66 -7.03 -3.79
N ASN A 23 -19.75 -7.67 -3.05
CA ASN A 23 -19.21 -7.07 -1.83
C ASN A 23 -18.08 -6.09 -2.17
N ARG A 24 -18.31 -4.82 -1.88
CA ARG A 24 -17.32 -3.78 -2.14
C ARG A 24 -17.81 -2.42 -1.68
N GLN A 25 -17.25 -1.92 -0.57
CA GLN A 25 -17.63 -0.63 -0.04
C GLN A 25 -17.03 0.51 -0.85
N VAL A 26 -15.71 0.50 -0.99
CA VAL A 26 -15.01 1.53 -1.75
C VAL A 26 -13.61 1.08 -2.12
N GLU A 27 -13.19 1.41 -3.35
CA GLU A 27 -11.87 1.04 -3.83
C GLU A 27 -11.27 2.15 -4.67
N HIS A 28 -10.11 2.66 -4.25
CA HIS A 28 -9.43 3.73 -4.96
C HIS A 28 -7.96 3.37 -5.21
N VAL A 29 -7.42 3.85 -6.32
CA VAL A 29 -6.02 3.58 -6.66
C VAL A 29 -5.08 4.16 -5.63
N TYR A 30 -4.11 3.37 -5.19
CA TYR A 30 -3.14 3.81 -4.20
C TYR A 30 -1.71 3.65 -4.73
N LYS A 31 -0.81 4.49 -4.23
CA LYS A 31 0.59 4.45 -4.65
C LYS A 31 1.48 4.02 -3.49
N PHE A 32 2.45 3.16 -3.77
CA PHE A 32 3.38 2.69 -2.75
C PHE A 32 4.82 2.81 -3.22
N ARG A 33 5.56 3.73 -2.61
CA ARG A 33 6.95 3.96 -2.96
C ARG A 33 7.88 3.47 -1.85
N ILE A 34 8.85 2.65 -2.22
CA ILE A 34 9.81 2.10 -1.25
C ILE A 34 11.13 2.86 -1.31
N THR A 35 11.54 3.41 -0.18
CA THR A 35 12.79 4.17 -0.10
C THR A 35 13.88 3.33 0.56
N GLN A 36 15.11 3.49 0.08
CA GLN A 36 16.24 2.75 0.62
C GLN A 36 17.05 3.63 1.57
N GLY A 37 17.02 3.29 2.86
CA GLY A 37 17.76 4.05 3.84
C GLY A 37 17.06 5.35 4.21
N GLY A 38 16.62 6.09 3.20
CA GLY A 38 15.93 7.34 3.44
C GLY A 38 15.63 8.10 2.16
N LYS A 39 15.75 7.41 1.03
CA LYS A 39 15.48 8.01 -0.27
C LYS A 39 14.72 7.06 -1.18
N VAL A 40 13.87 7.61 -2.03
CA VAL A 40 13.08 6.80 -2.96
C VAL A 40 13.98 6.01 -3.90
N VAL A 41 13.72 4.71 -4.01
CA VAL A 41 14.50 3.84 -4.88
C VAL A 41 13.59 3.05 -5.82
N LYS A 42 12.30 3.07 -5.54
CA LYS A 42 11.33 2.36 -6.36
C LYS A 42 9.90 2.77 -6.01
N ASN A 43 9.01 2.70 -7.00
CA ASN A 43 7.62 3.07 -6.78
C ASN A 43 6.68 2.12 -7.52
N TRP A 44 5.73 1.55 -6.80
CA TRP A 44 4.78 0.61 -7.38
C TRP A 44 3.41 1.26 -7.52
N VAL A 45 2.60 0.74 -8.45
CA VAL A 45 1.26 1.26 -8.67
C VAL A 45 0.21 0.18 -8.49
N MET A 46 -0.88 0.52 -7.79
CA MET A 46 -1.96 -0.43 -7.55
C MET A 46 -3.21 -0.05 -8.35
N ASP A 47 -3.59 -0.92 -9.28
CA ASP A 47 -4.75 -0.68 -10.10
C ASP A 47 -6.02 -0.61 -9.26
N LEU A 48 -7.17 -0.70 -9.91
CA LEU A 48 -8.46 -0.64 -9.22
C LEU A 48 -9.58 -1.20 -10.09
N LYS A 49 -9.54 -0.86 -11.38
CA LYS A 49 -10.54 -1.34 -12.32
C LYS A 49 -10.28 -2.79 -12.72
N ASN A 50 -9.01 -3.17 -12.75
CA ASN A 50 -8.61 -4.52 -13.12
C ASN A 50 -8.23 -5.33 -11.89
N VAL A 51 -7.87 -4.63 -10.82
CA VAL A 51 -7.47 -5.27 -9.57
C VAL A 51 -6.17 -6.05 -9.74
N LYS A 52 -5.13 -5.35 -10.21
CA LYS A 52 -3.83 -5.97 -10.41
C LYS A 52 -2.71 -5.03 -9.99
N LEU A 53 -1.58 -5.60 -9.61
CA LEU A 53 -0.42 -4.81 -9.18
C LEU A 53 0.71 -4.92 -10.19
N VAL A 54 1.26 -3.78 -10.59
CA VAL A 54 2.36 -3.74 -11.55
C VAL A 54 3.34 -2.63 -11.22
N GLU A 55 4.55 -2.72 -11.78
CA GLU A 55 5.58 -1.72 -11.56
C GLU A 55 5.40 -0.53 -12.50
N SER A 56 4.90 0.57 -11.95
CA SER A 56 4.68 1.78 -12.75
C SER A 56 4.81 3.04 -11.88
N ASP A 57 4.85 4.19 -12.52
CA ASP A 57 4.97 5.46 -11.82
C ASP A 57 3.75 6.34 -12.04
N ASP A 58 2.72 5.76 -12.67
CA ASP A 58 1.49 6.48 -12.94
C ASP A 58 0.95 7.14 -11.67
N ALA A 59 0.10 8.15 -11.85
CA ALA A 59 -0.48 8.86 -10.72
C ALA A 59 -1.52 8.00 -10.01
N ALA A 60 -2.03 8.50 -8.89
CA ALA A 60 -3.03 7.77 -8.11
C ALA A 60 -3.78 8.71 -7.17
N GLU A 61 -4.90 8.23 -6.64
CA GLU A 61 -5.71 9.02 -5.73
C GLU A 61 -4.89 9.49 -4.52
N ALA A 62 -3.84 8.73 -4.21
CA ALA A 62 -2.97 9.06 -3.09
C ALA A 62 -1.68 8.26 -3.14
N THR A 63 -0.67 8.74 -2.42
CA THR A 63 0.63 8.07 -2.40
C THR A 63 1.09 7.84 -0.96
N LEU A 64 1.61 6.64 -0.70
CA LEU A 64 2.09 6.29 0.63
C LEU A 64 3.56 5.91 0.60
N THR A 65 4.41 6.78 1.15
CA THR A 65 5.84 6.54 1.17
C THR A 65 6.25 5.81 2.44
N MET A 66 6.93 4.68 2.28
CA MET A 66 7.38 3.88 3.41
C MET A 66 8.63 3.09 3.06
N GLU A 67 9.56 2.99 4.02
CA GLU A 67 10.80 2.26 3.80
C GLU A 67 10.52 0.78 3.58
N ASP A 68 11.46 0.09 2.94
CA ASP A 68 11.32 -1.34 2.66
C ASP A 68 10.89 -2.08 3.93
N ASP A 69 11.67 -1.94 4.99
CA ASP A 69 11.36 -2.60 6.25
C ASP A 69 9.99 -2.17 6.78
N ILE A 70 9.61 -0.94 6.47
CA ILE A 70 8.33 -0.41 6.92
C ILE A 70 7.18 -1.09 6.18
N MET A 71 7.25 -1.10 4.85
CA MET A 71 6.22 -1.71 4.03
C MET A 71 5.94 -3.15 4.49
N PHE A 72 6.99 -3.84 4.93
CA PHE A 72 6.85 -5.21 5.39
C PHE A 72 5.97 -5.28 6.64
N ALA A 73 6.14 -4.31 7.53
CA ALA A 73 5.37 -4.25 8.77
C ALA A 73 3.89 -4.05 8.47
N ILE A 74 3.59 -3.00 7.71
CA ILE A 74 2.21 -2.70 7.36
C ILE A 74 1.65 -3.71 6.37
N GLY A 75 2.55 -4.44 5.72
CA GLY A 75 2.13 -5.44 4.76
C GLY A 75 1.81 -6.77 5.40
N THR A 76 2.57 -7.13 6.43
CA THR A 76 2.38 -8.39 7.13
C THR A 76 1.59 -8.18 8.42
N GLY A 77 0.75 -7.15 8.44
CA GLY A 77 -0.05 -6.86 9.61
C GLY A 77 0.79 -6.77 10.87
N ALA A 78 2.09 -6.51 10.70
CA ALA A 78 3.01 -6.40 11.83
C ALA A 78 2.75 -5.13 12.63
N LEU A 79 3.06 -3.98 12.02
CA LEU A 79 2.86 -2.70 12.68
C LEU A 79 1.73 -1.91 12.02
N PRO A 80 0.96 -1.19 12.83
CA PRO A 80 -0.16 -0.38 12.34
C PRO A 80 0.30 0.83 11.54
N ALA A 81 -0.26 1.01 10.35
CA ALA A 81 0.09 2.13 9.49
C ALA A 81 -0.28 3.46 10.14
N LYS A 82 -1.29 3.42 11.02
CA LYS A 82 -1.74 4.62 11.71
C LYS A 82 -0.67 5.13 12.67
N GLU A 83 -0.15 4.23 13.50
CA GLU A 83 0.88 4.59 14.47
C GLU A 83 2.16 5.04 13.77
N ALA A 84 2.62 4.23 12.81
CA ALA A 84 3.83 4.54 12.06
C ALA A 84 3.79 5.97 11.53
N MET A 85 2.61 6.41 11.13
CA MET A 85 2.44 7.77 10.59
C MET A 85 2.57 8.80 11.70
N ALA A 86 1.97 8.51 12.85
CA ALA A 86 2.02 9.43 13.99
C ALA A 86 3.40 9.44 14.62
N GLN A 87 4.19 8.39 14.36
CA GLN A 87 5.53 8.28 14.91
C GLN A 87 6.56 8.86 13.93
N ASP A 88 6.08 9.63 12.97
CA ASP A 88 6.95 10.25 11.97
C ASP A 88 7.85 9.20 11.32
N LYS A 89 7.27 8.06 10.99
CA LYS A 89 8.02 6.97 10.36
C LYS A 89 7.47 6.68 8.96
N MET A 90 6.50 7.47 8.54
CA MET A 90 5.88 7.29 7.23
C MET A 90 5.03 8.50 6.85
N GLU A 91 4.95 8.76 5.55
CA GLU A 91 4.17 9.90 5.06
C GLU A 91 3.18 9.45 3.99
N VAL A 92 2.19 10.30 3.72
CA VAL A 92 1.17 10.00 2.72
C VAL A 92 0.60 11.27 2.11
N ASP A 93 0.30 11.21 0.82
CA ASP A 93 -0.26 12.36 0.11
C ASP A 93 -1.60 12.01 -0.54
N GLY A 94 -2.31 13.03 -1.00
CA GLY A 94 -3.59 12.81 -1.64
C GLY A 94 -4.76 13.20 -0.75
N GLN A 95 -5.60 12.23 -0.44
CA GLN A 95 -6.76 12.47 0.42
C GLN A 95 -6.63 11.74 1.75
N VAL A 96 -6.33 12.49 2.80
CA VAL A 96 -6.18 11.92 4.13
C VAL A 96 -7.41 11.14 4.55
N GLU A 97 -8.56 11.51 3.98
CA GLU A 97 -9.82 10.85 4.29
C GLU A 97 -9.88 9.47 3.63
N LEU A 98 -9.16 9.32 2.52
CA LEU A 98 -9.14 8.05 1.79
C LEU A 98 -8.24 7.05 2.49
N ILE A 99 -7.01 7.47 2.80
CA ILE A 99 -6.05 6.61 3.47
C ILE A 99 -6.64 6.00 4.73
N PHE A 100 -7.50 6.77 5.40
CA PHE A 100 -8.13 6.31 6.63
C PHE A 100 -9.05 5.13 6.37
N LEU A 101 -9.75 5.18 5.23
CA LEU A 101 -10.67 4.12 4.86
C LEU A 101 -9.91 2.84 4.50
N LEU A 102 -8.61 2.97 4.27
CA LEU A 102 -7.77 1.84 3.92
C LEU A 102 -7.30 1.11 5.18
N GLU A 103 -6.94 1.88 6.19
CA GLU A 103 -6.47 1.31 7.45
C GLU A 103 -7.24 0.04 7.80
N PRO A 104 -8.57 0.17 7.92
CA PRO A 104 -9.45 -0.95 8.25
C PRO A 104 -9.56 -1.96 7.10
N PHE A 105 -9.45 -1.46 5.88
CA PHE A 105 -9.53 -2.31 4.70
C PHE A 105 -8.46 -3.39 4.72
N ILE A 106 -7.35 -3.10 5.39
CA ILE A 106 -6.25 -4.04 5.49
C ILE A 106 -6.71 -5.37 6.09
N ALA A 107 -7.74 -5.30 6.93
CA ALA A 107 -8.29 -6.49 7.56
C ALA A 107 -8.83 -7.47 6.54
N SER A 108 -9.20 -6.95 5.36
CA SER A 108 -9.74 -7.78 4.29
C SER A 108 -8.61 -8.45 3.51
N LEU A 109 -7.57 -7.68 3.20
CA LEU A 109 -6.42 -8.20 2.45
C LEU A 109 -5.36 -8.72 3.40
N LYS A 110 -5.66 -9.78 4.13
CA LYS A 110 -4.72 -10.38 5.06
C LYS A 110 -4.21 -9.34 6.05
N MET A 1 17.95 -5.10 -6.28
CA MET A 1 17.39 -6.11 -7.16
C MET A 1 16.02 -6.56 -6.65
N SER A 2 15.95 -6.92 -5.38
CA SER A 2 14.70 -7.37 -4.78
C SER A 2 14.45 -6.66 -3.46
N LEU A 3 13.18 -6.36 -3.19
CA LEU A 3 12.80 -5.68 -1.96
C LEU A 3 11.85 -6.54 -1.12
N LYS A 4 11.99 -6.45 0.19
CA LYS A 4 11.16 -7.22 1.11
C LYS A 4 9.68 -6.87 0.93
N SER A 5 9.41 -5.60 0.67
CA SER A 5 8.05 -5.14 0.48
C SER A 5 7.35 -5.94 -0.62
N ASP A 6 8.13 -6.47 -1.55
CA ASP A 6 7.59 -7.26 -2.65
C ASP A 6 6.74 -8.42 -2.12
N GLU A 7 7.17 -9.00 -1.01
CA GLU A 7 6.45 -10.11 -0.39
C GLU A 7 5.04 -9.69 0.00
N VAL A 8 4.90 -8.47 0.50
CA VAL A 8 3.61 -7.95 0.90
C VAL A 8 2.71 -7.68 -0.30
N PHE A 9 3.29 -7.07 -1.33
CA PHE A 9 2.54 -6.75 -2.54
C PHE A 9 2.08 -8.02 -3.24
N ALA A 10 2.93 -9.05 -3.23
CA ALA A 10 2.60 -10.32 -3.86
C ALA A 10 1.41 -10.99 -3.18
N LYS A 11 1.47 -11.08 -1.85
CA LYS A 11 0.40 -11.69 -1.07
C LYS A 11 -0.88 -10.87 -1.18
N ILE A 12 -0.73 -9.54 -1.14
CA ILE A 12 -1.87 -8.64 -1.22
C ILE A 12 -2.59 -8.79 -2.56
N ALA A 13 -1.82 -8.76 -3.65
CA ALA A 13 -2.37 -8.89 -4.98
C ALA A 13 -3.28 -10.12 -5.09
N LYS A 14 -2.78 -11.25 -4.61
CA LYS A 14 -3.55 -12.49 -4.65
C LYS A 14 -4.90 -12.32 -3.96
N ARG A 15 -4.91 -11.53 -2.89
CA ARG A 15 -6.15 -11.29 -2.14
C ARG A 15 -7.12 -10.45 -2.96
N LEU A 16 -6.57 -9.59 -3.81
CA LEU A 16 -7.40 -8.73 -4.66
C LEU A 16 -8.26 -9.55 -5.60
N GLU A 17 -7.89 -10.82 -5.78
CA GLU A 17 -8.63 -11.71 -6.66
C GLU A 17 -9.80 -12.35 -5.92
N SER A 18 -9.80 -12.23 -4.59
CA SER A 18 -10.85 -12.80 -3.76
C SER A 18 -11.91 -11.76 -3.44
N ILE A 19 -11.59 -10.50 -3.68
CA ILE A 19 -12.52 -9.41 -3.42
C ILE A 19 -13.76 -9.51 -4.31
N ASP A 20 -14.92 -9.20 -3.75
CA ASP A 20 -16.17 -9.25 -4.50
C ASP A 20 -16.82 -7.88 -4.56
N PRO A 21 -17.61 -7.64 -5.62
CA PRO A 21 -18.30 -6.37 -5.83
C PRO A 21 -19.42 -6.16 -4.82
N ALA A 22 -19.96 -7.25 -4.29
CA ALA A 22 -21.04 -7.19 -3.31
C ALA A 22 -20.62 -6.38 -2.09
N ASN A 23 -19.51 -6.79 -1.47
CA ASN A 23 -19.02 -6.09 -0.29
C ASN A 23 -17.86 -5.16 -0.64
N ARG A 24 -18.08 -3.86 -0.47
CA ARG A 24 -17.05 -2.88 -0.77
C ARG A 24 -17.56 -1.46 -0.48
N GLN A 25 -16.77 -0.69 0.26
CA GLN A 25 -17.14 0.67 0.61
C GLN A 25 -16.51 1.67 -0.36
N VAL A 26 -15.19 1.62 -0.47
CA VAL A 26 -14.46 2.52 -1.37
C VAL A 26 -13.10 1.94 -1.74
N GLU A 27 -12.71 2.12 -3.00
CA GLU A 27 -11.44 1.62 -3.48
C GLU A 27 -10.97 2.41 -4.71
N HIS A 28 -9.80 3.02 -4.58
CA HIS A 28 -9.23 3.82 -5.67
C HIS A 28 -7.77 3.47 -5.89
N VAL A 29 -7.20 3.95 -7.00
CA VAL A 29 -5.81 3.70 -7.32
C VAL A 29 -4.88 4.33 -6.29
N TYR A 30 -3.94 3.53 -5.79
CA TYR A 30 -2.99 4.01 -4.79
C TYR A 30 -1.56 3.77 -5.25
N LYS A 31 -0.67 4.71 -4.91
CA LYS A 31 0.74 4.60 -5.28
C LYS A 31 1.60 4.36 -4.06
N PHE A 32 2.56 3.43 -4.19
CA PHE A 32 3.46 3.11 -3.09
C PHE A 32 4.91 3.45 -3.45
N ARG A 33 5.59 4.11 -2.54
CA ARG A 33 6.98 4.49 -2.75
C ARG A 33 7.92 3.69 -1.86
N ILE A 34 8.84 2.97 -2.47
CA ILE A 34 9.80 2.15 -1.73
C ILE A 34 11.17 2.81 -1.71
N THR A 35 11.62 3.22 -0.53
CA THR A 35 12.94 3.85 -0.39
C THR A 35 13.96 2.88 0.18
N GLN A 36 15.20 3.00 -0.28
CA GLN A 36 16.27 2.12 0.18
C GLN A 36 17.15 2.84 1.19
N GLY A 37 17.02 2.44 2.46
CA GLY A 37 17.82 3.06 3.50
C GLY A 37 17.23 4.37 3.99
N GLY A 38 16.87 5.24 3.05
CA GLY A 38 16.29 6.52 3.40
C GLY A 38 16.00 7.38 2.19
N LYS A 39 16.12 6.78 1.01
CA LYS A 39 15.87 7.51 -0.24
C LYS A 39 15.08 6.65 -1.21
N VAL A 40 14.20 7.28 -1.99
CA VAL A 40 13.38 6.57 -2.96
C VAL A 40 14.25 5.77 -3.92
N VAL A 41 13.91 4.50 -4.10
CA VAL A 41 14.65 3.62 -5.00
C VAL A 41 13.71 2.88 -5.95
N LYS A 42 12.41 3.04 -5.73
CA LYS A 42 11.41 2.38 -6.55
C LYS A 42 10.00 2.85 -6.18
N ASN A 43 9.09 2.79 -7.14
CA ASN A 43 7.71 3.20 -6.91
C ASN A 43 6.73 2.23 -7.59
N TRP A 44 5.79 1.72 -6.80
CA TRP A 44 4.79 0.78 -7.31
C TRP A 44 3.42 1.45 -7.42
N VAL A 45 2.59 0.95 -8.32
CA VAL A 45 1.26 1.48 -8.51
C VAL A 45 0.20 0.39 -8.46
N MET A 46 -0.86 0.63 -7.69
CA MET A 46 -1.95 -0.34 -7.56
C MET A 46 -3.10 0.00 -8.48
N ASP A 47 -3.41 -0.91 -9.41
CA ASP A 47 -4.50 -0.70 -10.35
C ASP A 47 -5.83 -1.18 -9.77
N LEU A 48 -6.79 -0.27 -9.68
CA LEU A 48 -8.10 -0.59 -9.14
C LEU A 48 -9.07 -0.99 -10.25
N LYS A 49 -8.67 -0.70 -11.49
CA LYS A 49 -9.51 -1.02 -12.64
C LYS A 49 -9.44 -2.51 -12.97
N ASN A 50 -8.25 -3.09 -12.86
CA ASN A 50 -8.05 -4.50 -13.14
C ASN A 50 -7.95 -5.30 -11.85
N VAL A 51 -7.88 -4.60 -10.72
CA VAL A 51 -7.78 -5.24 -9.42
C VAL A 51 -6.43 -5.94 -9.25
N LYS A 52 -5.36 -5.22 -9.55
CA LYS A 52 -4.01 -5.77 -9.43
C LYS A 52 -2.97 -4.66 -9.48
N LEU A 53 -1.92 -4.81 -8.70
CA LEU A 53 -0.84 -3.82 -8.64
C LEU A 53 0.38 -4.30 -9.44
N VAL A 54 1.03 -3.37 -10.13
CA VAL A 54 2.20 -3.70 -10.92
C VAL A 54 3.23 -2.56 -10.87
N GLU A 55 4.46 -2.87 -11.25
CA GLU A 55 5.54 -1.88 -11.24
C GLU A 55 5.29 -0.81 -12.30
N SER A 56 4.75 0.33 -11.84
CA SER A 56 4.46 1.44 -12.74
C SER A 56 4.64 2.77 -12.04
N ASP A 57 4.64 3.85 -12.82
CA ASP A 57 4.80 5.19 -12.26
C ASP A 57 3.53 6.02 -12.47
N ASP A 58 2.46 5.36 -12.89
CA ASP A 58 1.19 6.03 -13.12
C ASP A 58 0.74 6.79 -11.88
N ALA A 59 -0.08 7.82 -12.08
CA ALA A 59 -0.58 8.62 -10.97
C ALA A 59 -1.57 7.82 -10.12
N ALA A 60 -1.99 8.42 -9.00
CA ALA A 60 -2.93 7.76 -8.11
C ALA A 60 -3.63 8.78 -7.21
N GLU A 61 -4.81 8.41 -6.71
CA GLU A 61 -5.58 9.30 -5.83
C GLU A 61 -4.77 9.67 -4.60
N ALA A 62 -3.77 8.85 -4.26
CA ALA A 62 -2.93 9.10 -3.11
C ALA A 62 -1.59 8.38 -3.24
N THR A 63 -0.58 8.88 -2.55
CA THR A 63 0.76 8.30 -2.59
C THR A 63 1.27 8.00 -1.19
N LEU A 64 1.68 6.76 -0.95
CA LEU A 64 2.20 6.36 0.35
C LEU A 64 3.67 5.98 0.25
N THR A 65 4.52 6.71 0.98
CA THR A 65 5.94 6.45 0.97
C THR A 65 6.40 5.87 2.31
N MET A 66 7.14 4.76 2.25
CA MET A 66 7.63 4.11 3.45
C MET A 66 8.83 3.22 3.13
N GLU A 67 9.77 3.15 4.06
CA GLU A 67 10.97 2.32 3.87
C GLU A 67 10.59 0.86 3.66
N ASP A 68 11.42 0.14 2.92
CA ASP A 68 11.18 -1.27 2.63
C ASP A 68 10.87 -2.03 3.93
N ASP A 69 11.70 -1.83 4.94
CA ASP A 69 11.51 -2.50 6.22
C ASP A 69 10.22 -2.04 6.89
N ILE A 70 9.84 -0.79 6.63
CA ILE A 70 8.63 -0.23 7.21
C ILE A 70 7.38 -0.79 6.53
N MET A 71 7.36 -0.71 5.19
CA MET A 71 6.23 -1.21 4.43
C MET A 71 5.91 -2.66 4.81
N PHE A 72 6.94 -3.43 5.14
CA PHE A 72 6.76 -4.82 5.52
C PHE A 72 6.08 -4.93 6.88
N ALA A 73 6.48 -4.05 7.80
CA ALA A 73 5.91 -4.04 9.14
C ALA A 73 4.40 -3.85 9.10
N ILE A 74 3.95 -2.84 8.36
CA ILE A 74 2.52 -2.56 8.23
C ILE A 74 1.89 -3.42 7.16
N GLY A 75 2.71 -4.01 6.30
CA GLY A 75 2.21 -4.87 5.24
C GLY A 75 1.88 -6.26 5.73
N THR A 76 2.72 -6.77 6.63
CA THR A 76 2.51 -8.12 7.17
C THR A 76 1.61 -8.08 8.40
N GLY A 77 1.05 -6.90 8.68
CA GLY A 77 0.18 -6.76 9.84
C GLY A 77 0.95 -6.67 11.14
N ALA A 78 2.24 -6.40 11.04
CA ALA A 78 3.09 -6.28 12.23
C ALA A 78 2.79 -5.01 13.00
N LEU A 79 3.22 -3.87 12.45
CA LEU A 79 3.01 -2.58 13.09
C LEU A 79 1.79 -1.88 12.50
N PRO A 80 1.04 -1.17 13.36
CA PRO A 80 -0.17 -0.44 12.94
C PRO A 80 0.17 0.77 12.08
N ALA A 81 -0.53 0.89 10.95
CA ALA A 81 -0.31 2.02 10.04
C ALA A 81 -0.63 3.34 10.71
N LYS A 82 -1.51 3.30 11.71
CA LYS A 82 -1.90 4.50 12.44
C LYS A 82 -0.73 5.05 13.24
N GLU A 83 -0.18 4.23 14.12
CA GLU A 83 0.95 4.64 14.95
C GLU A 83 2.10 5.16 14.08
N ALA A 84 2.52 4.34 13.12
CA ALA A 84 3.60 4.71 12.23
C ALA A 84 3.39 6.10 11.64
N MET A 85 2.12 6.45 11.42
CA MET A 85 1.78 7.76 10.86
C MET A 85 1.93 8.85 11.91
N ALA A 86 1.43 8.58 13.11
CA ALA A 86 1.50 9.55 14.20
C ALA A 86 2.93 9.70 14.70
N GLN A 87 3.76 8.70 14.42
CA GLN A 87 5.16 8.72 14.84
C GLN A 87 6.04 9.34 13.76
N ASP A 88 5.42 10.02 12.81
CA ASP A 88 6.15 10.65 11.72
C ASP A 88 7.10 9.65 11.05
N LYS A 89 6.76 8.38 11.15
CA LYS A 89 7.57 7.32 10.55
C LYS A 89 7.06 6.96 9.16
N MET A 90 6.13 7.75 8.65
CA MET A 90 5.55 7.51 7.33
C MET A 90 4.81 8.75 6.83
N GLU A 91 4.73 8.88 5.50
CA GLU A 91 4.04 10.01 4.90
C GLU A 91 3.00 9.55 3.89
N VAL A 92 1.98 10.38 3.68
CA VAL A 92 0.91 10.05 2.74
C VAL A 92 0.44 11.29 2.00
N ASP A 93 0.18 11.15 0.70
CA ASP A 93 -0.29 12.25 -0.12
C ASP A 93 -1.65 11.94 -0.73
N GLY A 94 -2.29 12.95 -1.29
CA GLY A 94 -3.59 12.77 -1.91
C GLY A 94 -4.73 12.92 -0.92
N GLN A 95 -5.58 11.90 -0.83
CA GLN A 95 -6.72 11.93 0.08
C GLN A 95 -6.37 11.21 1.38
N VAL A 96 -5.93 11.97 2.38
CA VAL A 96 -5.58 11.42 3.68
C VAL A 96 -6.74 10.62 4.27
N GLU A 97 -7.97 11.03 3.94
CA GLU A 97 -9.15 10.35 4.43
C GLU A 97 -9.35 9.01 3.73
N LEU A 98 -8.80 8.90 2.53
CA LEU A 98 -8.92 7.67 1.75
C LEU A 98 -7.96 6.61 2.26
N ILE A 99 -6.67 6.95 2.34
CA ILE A 99 -5.66 6.02 2.82
C ILE A 99 -6.05 5.44 4.18
N PHE A 100 -6.83 6.20 4.94
CA PHE A 100 -7.26 5.76 6.26
C PHE A 100 -8.27 4.62 6.14
N LEU A 101 -9.12 4.69 5.13
CA LEU A 101 -10.14 3.67 4.91
C LEU A 101 -9.49 2.32 4.58
N LEU A 102 -8.20 2.36 4.25
CA LEU A 102 -7.47 1.15 3.91
C LEU A 102 -6.93 0.46 5.17
N GLU A 103 -6.50 1.27 6.13
CA GLU A 103 -5.96 0.75 7.38
C GLU A 103 -6.75 -0.47 7.84
N PRO A 104 -8.07 -0.29 8.03
CA PRO A 104 -8.96 -1.37 8.46
C PRO A 104 -9.16 -2.43 7.39
N PHE A 105 -9.10 -2.01 6.13
CA PHE A 105 -9.27 -2.93 5.00
C PHE A 105 -8.14 -3.96 4.97
N ILE A 106 -7.04 -3.65 5.65
CA ILE A 106 -5.90 -4.55 5.69
C ILE A 106 -6.30 -5.94 6.18
N ALA A 107 -7.35 -5.98 7.00
CA ALA A 107 -7.85 -7.24 7.54
C ALA A 107 -8.36 -8.15 6.43
N SER A 108 -8.74 -7.55 5.30
CA SER A 108 -9.24 -8.31 4.16
C SER A 108 -8.11 -8.71 3.23
N LEU A 109 -7.11 -7.84 3.12
CA LEU A 109 -5.97 -8.10 2.26
C LEU A 109 -4.80 -8.67 3.05
N LYS A 110 -5.12 -9.37 4.14
CA LYS A 110 -4.10 -9.96 5.00
C LYS A 110 -3.08 -8.92 5.44
N MET A 1 18.23 -5.40 -7.30
CA MET A 1 17.18 -4.63 -6.65
C MET A 1 16.15 -5.56 -5.99
N SER A 2 16.43 -5.95 -4.76
CA SER A 2 15.54 -6.84 -4.02
C SER A 2 14.98 -6.14 -2.78
N LEU A 3 13.69 -5.88 -2.79
CA LEU A 3 13.02 -5.21 -1.67
C LEU A 3 12.06 -6.17 -0.96
N LYS A 4 12.17 -6.24 0.36
CA LYS A 4 11.32 -7.11 1.15
C LYS A 4 9.84 -6.79 0.91
N SER A 5 9.55 -5.53 0.63
CA SER A 5 8.18 -5.09 0.37
C SER A 5 7.58 -5.87 -0.80
N ASP A 6 8.45 -6.39 -1.66
CA ASP A 6 7.99 -7.16 -2.82
C ASP A 6 7.08 -8.31 -2.39
N GLU A 7 7.38 -8.90 -1.24
CA GLU A 7 6.58 -10.01 -0.72
C GLU A 7 5.18 -9.55 -0.36
N VAL A 8 5.09 -8.46 0.39
CA VAL A 8 3.80 -7.92 0.81
C VAL A 8 2.91 -7.65 -0.40
N PHE A 9 3.46 -6.95 -1.38
CA PHE A 9 2.70 -6.62 -2.59
C PHE A 9 2.24 -7.88 -3.31
N ALA A 10 3.06 -8.93 -3.26
CA ALA A 10 2.72 -10.20 -3.88
C ALA A 10 1.57 -10.89 -3.16
N LYS A 11 1.60 -10.85 -1.84
CA LYS A 11 0.55 -11.47 -1.03
C LYS A 11 -0.74 -10.67 -1.11
N ILE A 12 -0.64 -9.36 -0.97
CA ILE A 12 -1.81 -8.48 -1.03
C ILE A 12 -2.50 -8.60 -2.38
N ALA A 13 -1.71 -8.67 -3.45
CA ALA A 13 -2.25 -8.79 -4.80
C ALA A 13 -3.07 -10.07 -4.96
N LYS A 14 -2.57 -11.16 -4.36
CA LYS A 14 -3.26 -12.44 -4.43
C LYS A 14 -4.59 -12.39 -3.70
N ARG A 15 -4.64 -11.59 -2.64
CA ARG A 15 -5.87 -11.45 -1.85
C ARG A 15 -6.87 -10.56 -2.57
N LEU A 16 -6.37 -9.58 -3.30
CA LEU A 16 -7.23 -8.65 -4.04
C LEU A 16 -7.83 -9.33 -5.27
N GLU A 17 -7.31 -10.51 -5.60
CA GLU A 17 -7.80 -11.26 -6.75
C GLU A 17 -9.10 -11.99 -6.42
N SER A 18 -9.46 -11.99 -5.14
CA SER A 18 -10.68 -12.66 -4.69
C SER A 18 -11.77 -11.63 -4.37
N ILE A 19 -11.45 -10.36 -4.56
CA ILE A 19 -12.39 -9.28 -4.29
C ILE A 19 -13.68 -9.47 -5.08
N ASP A 20 -14.80 -9.15 -4.47
CA ASP A 20 -16.10 -9.28 -5.11
C ASP A 20 -16.88 -7.96 -5.05
N PRO A 21 -17.72 -7.73 -6.07
CA PRO A 21 -18.54 -6.51 -6.16
C PRO A 21 -19.64 -6.48 -5.11
N ALA A 22 -19.81 -7.60 -4.40
CA ALA A 22 -20.84 -7.69 -3.37
C ALA A 22 -20.32 -7.20 -2.03
N ASN A 23 -19.00 -7.09 -1.91
CA ASN A 23 -18.37 -6.62 -0.68
C ASN A 23 -17.30 -5.57 -0.98
N ARG A 24 -17.53 -4.35 -0.52
CA ARG A 24 -16.57 -3.27 -0.73
C ARG A 24 -17.07 -1.98 -0.07
N GLN A 25 -16.30 -0.91 -0.25
CA GLN A 25 -16.65 0.38 0.33
C GLN A 25 -16.21 1.53 -0.58
N VAL A 26 -14.96 1.47 -1.02
CA VAL A 26 -14.41 2.49 -1.90
C VAL A 26 -13.34 1.92 -2.81
N GLU A 27 -13.40 2.29 -4.09
CA GLU A 27 -12.44 1.81 -5.07
C GLU A 27 -11.83 2.97 -5.86
N HIS A 28 -10.52 3.11 -5.79
CA HIS A 28 -9.83 4.18 -6.50
C HIS A 28 -8.37 3.82 -6.72
N VAL A 29 -7.66 4.64 -7.50
CA VAL A 29 -6.25 4.41 -7.80
C VAL A 29 -5.37 4.80 -6.61
N TYR A 30 -4.36 3.99 -6.35
CA TYR A 30 -3.45 4.25 -5.25
C TYR A 30 -2.00 3.99 -5.66
N LYS A 31 -1.06 4.47 -4.86
CA LYS A 31 0.36 4.29 -5.13
C LYS A 31 1.16 4.16 -3.84
N PHE A 32 2.11 3.23 -3.83
CA PHE A 32 2.94 3.01 -2.65
C PHE A 32 4.42 3.04 -3.02
N ARG A 33 5.06 4.17 -2.74
CA ARG A 33 6.48 4.34 -3.04
C ARG A 33 7.35 3.84 -1.89
N ILE A 34 8.18 2.85 -2.18
CA ILE A 34 9.06 2.27 -1.16
C ILE A 34 10.39 3.02 -1.12
N THR A 35 10.83 3.36 0.09
CA THR A 35 12.09 4.07 0.27
C THR A 35 13.15 3.16 0.89
N GLN A 36 14.39 3.35 0.46
CA GLN A 36 15.51 2.54 0.97
C GLN A 36 16.33 3.33 1.98
N GLY A 37 16.23 2.95 3.25
CA GLY A 37 16.98 3.62 4.30
C GLY A 37 16.30 4.91 4.75
N GLY A 38 15.83 5.69 3.78
CA GLY A 38 15.17 6.95 4.10
C GLY A 38 14.85 7.76 2.87
N LYS A 39 15.13 7.20 1.70
CA LYS A 39 14.87 7.89 0.43
C LYS A 39 14.16 6.96 -0.55
N VAL A 40 13.16 7.50 -1.23
CA VAL A 40 12.39 6.72 -2.21
C VAL A 40 13.32 6.06 -3.23
N VAL A 41 12.97 4.83 -3.61
CA VAL A 41 13.77 4.09 -4.58
C VAL A 41 12.92 3.64 -5.75
N LYS A 42 11.63 3.43 -5.50
CA LYS A 42 10.70 3.00 -6.54
C LYS A 42 9.27 3.42 -6.20
N ASN A 43 8.36 3.19 -7.14
CA ASN A 43 6.96 3.53 -6.95
C ASN A 43 6.04 2.42 -7.44
N TRP A 44 5.11 2.01 -6.59
CA TRP A 44 4.18 0.94 -6.94
C TRP A 44 2.79 1.51 -7.21
N VAL A 45 2.07 0.91 -8.16
CA VAL A 45 0.73 1.35 -8.50
C VAL A 45 -0.28 0.22 -8.35
N MET A 46 -1.48 0.57 -7.91
CA MET A 46 -2.55 -0.43 -7.73
C MET A 46 -3.47 -0.47 -8.94
N ASP A 47 -3.33 -1.51 -9.75
CA ASP A 47 -4.15 -1.67 -10.94
C ASP A 47 -5.60 -2.02 -10.56
N LEU A 48 -6.51 -1.09 -10.80
CA LEU A 48 -7.92 -1.30 -10.49
C LEU A 48 -8.61 -2.10 -11.59
N LYS A 49 -7.99 -2.13 -12.77
CA LYS A 49 -8.54 -2.86 -13.90
C LYS A 49 -8.31 -4.36 -13.74
N ASN A 50 -7.10 -4.72 -13.34
CA ASN A 50 -6.74 -6.13 -13.16
C ASN A 50 -6.76 -6.50 -11.68
N VAL A 51 -6.89 -5.49 -10.82
CA VAL A 51 -6.91 -5.71 -9.37
C VAL A 51 -5.62 -6.38 -8.90
N LYS A 52 -4.51 -5.97 -9.49
CA LYS A 52 -3.21 -6.53 -9.13
C LYS A 52 -2.20 -5.41 -8.84
N LEU A 53 -1.11 -5.77 -8.18
CA LEU A 53 -0.07 -4.81 -7.85
C LEU A 53 1.07 -4.85 -8.86
N VAL A 54 1.45 -3.68 -9.36
CA VAL A 54 2.52 -3.57 -10.34
C VAL A 54 3.29 -2.27 -10.20
N GLU A 55 4.35 -2.12 -10.97
CA GLU A 55 5.17 -0.91 -10.93
C GLU A 55 4.89 -0.03 -12.14
N SER A 56 4.35 1.16 -11.90
CA SER A 56 4.05 2.09 -12.98
C SER A 56 4.11 3.53 -12.49
N ASP A 57 4.10 4.48 -13.42
CA ASP A 57 4.15 5.89 -13.08
C ASP A 57 2.78 6.56 -13.26
N ASP A 58 1.78 5.74 -13.58
CA ASP A 58 0.43 6.24 -13.79
C ASP A 58 0.00 7.13 -12.62
N ALA A 59 -0.86 8.11 -12.92
CA ALA A 59 -1.35 9.02 -11.90
C ALA A 59 -2.19 8.28 -10.86
N ALA A 60 -1.99 8.64 -9.59
CA ALA A 60 -2.73 8.01 -8.50
C ALA A 60 -3.48 9.06 -7.67
N GLU A 61 -4.59 8.64 -7.06
CA GLU A 61 -5.40 9.54 -6.24
C GLU A 61 -4.65 9.94 -4.97
N ALA A 62 -3.59 9.19 -4.66
CA ALA A 62 -2.79 9.47 -3.47
C ALA A 62 -1.45 8.75 -3.54
N THR A 63 -0.50 9.22 -2.73
CA THR A 63 0.83 8.62 -2.69
C THR A 63 1.19 8.16 -1.29
N LEU A 64 1.52 6.87 -1.16
CA LEU A 64 1.89 6.31 0.14
C LEU A 64 3.38 6.00 0.19
N THR A 65 4.12 6.79 0.96
CA THR A 65 5.56 6.60 1.09
C THR A 65 5.89 5.86 2.39
N MET A 66 6.51 4.69 2.24
CA MET A 66 6.89 3.89 3.39
C MET A 66 8.15 3.08 3.10
N GLU A 67 9.10 3.11 4.04
CA GLU A 67 10.35 2.37 3.89
C GLU A 67 10.09 0.90 3.59
N ASP A 68 11.11 0.21 3.09
CA ASP A 68 10.99 -1.20 2.78
C ASP A 68 10.87 -2.04 4.04
N ASP A 69 11.82 -1.87 4.95
CA ASP A 69 11.81 -2.60 6.21
C ASP A 69 10.57 -2.26 7.04
N ILE A 70 10.08 -1.04 6.87
CA ILE A 70 8.91 -0.58 7.61
C ILE A 70 7.62 -1.09 6.95
N MET A 71 7.52 -0.88 5.64
CA MET A 71 6.34 -1.32 4.89
C MET A 71 6.08 -2.81 5.09
N PHE A 72 7.16 -3.56 5.31
CA PHE A 72 7.07 -5.00 5.51
C PHE A 72 6.37 -5.31 6.83
N ALA A 73 6.75 -4.59 7.88
CA ALA A 73 6.17 -4.80 9.20
C ALA A 73 4.65 -4.59 9.17
N ILE A 74 4.23 -3.50 8.53
CA ILE A 74 2.80 -3.20 8.43
C ILE A 74 2.14 -4.02 7.33
N GLY A 75 2.89 -4.30 6.27
CA GLY A 75 2.36 -5.07 5.16
C GLY A 75 1.95 -6.47 5.59
N THR A 76 2.65 -7.02 6.57
CA THR A 76 2.36 -8.36 7.06
C THR A 76 1.52 -8.31 8.33
N GLY A 77 1.15 -7.09 8.74
CA GLY A 77 0.34 -6.93 9.94
C GLY A 77 1.20 -6.86 11.20
N ALA A 78 2.48 -7.17 11.06
CA ALA A 78 3.39 -7.14 12.21
C ALA A 78 3.21 -5.87 13.02
N LEU A 79 3.69 -4.75 12.49
CA LEU A 79 3.58 -3.47 13.18
C LEU A 79 2.32 -2.72 12.73
N PRO A 80 1.70 -2.00 13.67
CA PRO A 80 0.48 -1.22 13.40
C PRO A 80 0.76 -0.01 12.51
N ALA A 81 0.00 0.10 11.43
CA ALA A 81 0.16 1.22 10.50
C ALA A 81 -0.03 2.56 11.22
N LYS A 82 -0.80 2.54 12.30
CA LYS A 82 -1.08 3.75 13.08
C LYS A 82 0.20 4.26 13.73
N GLU A 83 0.84 3.41 14.55
CA GLU A 83 2.06 3.78 15.23
C GLU A 83 3.12 4.28 14.24
N ALA A 84 3.42 3.45 13.24
CA ALA A 84 4.41 3.79 12.23
C ALA A 84 4.13 5.17 11.65
N MET A 85 2.86 5.47 11.40
CA MET A 85 2.47 6.76 10.84
C MET A 85 2.71 7.87 11.85
N ALA A 86 2.49 7.58 13.13
CA ALA A 86 2.67 8.56 14.19
C ALA A 86 4.16 8.73 14.51
N GLN A 87 4.96 7.75 14.12
CA GLN A 87 6.39 7.80 14.37
C GLN A 87 7.12 8.55 13.27
N ASP A 88 6.35 9.16 12.37
CA ASP A 88 6.92 9.92 11.26
C ASP A 88 7.71 9.01 10.33
N LYS A 89 7.51 7.70 10.46
CA LYS A 89 8.19 6.73 9.63
C LYS A 89 7.40 6.43 8.36
N MET A 90 6.21 7.02 8.26
CA MET A 90 5.35 6.82 7.09
C MET A 90 4.48 8.05 6.85
N GLU A 91 4.31 8.39 5.57
CA GLU A 91 3.50 9.55 5.21
C GLU A 91 2.64 9.24 3.99
N VAL A 92 1.61 10.06 3.77
CA VAL A 92 0.72 9.87 2.64
C VAL A 92 0.28 11.20 2.05
N ASP A 93 0.14 11.25 0.73
CA ASP A 93 -0.27 12.46 0.04
C ASP A 93 -1.53 12.23 -0.78
N GLY A 94 -2.03 13.30 -1.41
CA GLY A 94 -3.24 13.19 -2.21
C GLY A 94 -4.50 13.37 -1.39
N GLN A 95 -5.32 12.33 -1.34
CA GLN A 95 -6.56 12.39 -0.58
C GLN A 95 -6.42 11.67 0.76
N VAL A 96 -6.44 12.44 1.84
CA VAL A 96 -6.31 11.88 3.18
C VAL A 96 -7.58 11.18 3.60
N GLU A 97 -8.68 11.49 2.92
CA GLU A 97 -9.97 10.87 3.23
C GLU A 97 -10.02 9.43 2.75
N LEU A 98 -9.49 9.19 1.56
CA LEU A 98 -9.46 7.85 0.98
C LEU A 98 -8.37 7.00 1.62
N ILE A 99 -7.16 7.57 1.71
CA ILE A 99 -6.04 6.87 2.30
C ILE A 99 -6.37 6.34 3.68
N PHE A 100 -7.22 7.07 4.40
CA PHE A 100 -7.62 6.68 5.74
C PHE A 100 -8.56 5.48 5.69
N LEU A 101 -9.39 5.43 4.67
CA LEU A 101 -10.34 4.34 4.51
C LEU A 101 -9.63 3.06 4.09
N LEU A 102 -8.35 3.17 3.76
CA LEU A 102 -7.55 2.02 3.35
C LEU A 102 -6.85 1.40 4.56
N GLU A 103 -6.46 2.22 5.52
CA GLU A 103 -5.78 1.75 6.72
C GLU A 103 -6.50 0.53 7.30
N PRO A 104 -7.79 0.72 7.63
CA PRO A 104 -8.61 -0.35 8.21
C PRO A 104 -8.92 -1.45 7.20
N PHE A 105 -8.50 -1.24 5.96
CA PHE A 105 -8.73 -2.21 4.90
C PHE A 105 -7.69 -3.33 4.94
N ILE A 106 -6.54 -3.03 5.55
CA ILE A 106 -5.47 -4.00 5.65
C ILE A 106 -5.88 -5.19 6.52
N ALA A 107 -6.80 -4.94 7.46
CA ALA A 107 -7.28 -5.99 8.34
C ALA A 107 -7.88 -7.15 7.56
N SER A 108 -8.67 -6.82 6.54
CA SER A 108 -9.30 -7.85 5.72
C SER A 108 -8.26 -8.78 5.12
N LEU A 109 -7.34 -8.23 4.34
CA LEU A 109 -6.29 -9.01 3.70
C LEU A 109 -4.97 -8.87 4.46
N LYS A 110 -4.69 -9.84 5.31
CA LYS A 110 -3.46 -9.83 6.11
C LYS A 110 -3.29 -8.50 6.83
N MET A 1 17.54 -6.78 -8.46
CA MET A 1 17.01 -5.89 -7.43
C MET A 1 15.72 -6.45 -6.84
N SER A 2 15.77 -6.80 -5.56
CA SER A 2 14.60 -7.36 -4.88
C SER A 2 14.36 -6.65 -3.55
N LEU A 3 13.10 -6.40 -3.23
CA LEU A 3 12.74 -5.73 -1.99
C LEU A 3 11.94 -6.67 -1.07
N LYS A 4 12.06 -6.46 0.23
CA LYS A 4 11.36 -7.28 1.20
C LYS A 4 9.85 -7.10 1.07
N SER A 5 9.42 -5.89 0.73
CA SER A 5 8.01 -5.59 0.59
C SER A 5 7.39 -6.45 -0.52
N ASP A 6 8.24 -6.97 -1.40
CA ASP A 6 7.79 -7.81 -2.50
C ASP A 6 6.96 -8.98 -1.98
N GLU A 7 7.40 -9.56 -0.86
CA GLU A 7 6.70 -10.70 -0.27
C GLU A 7 5.27 -10.32 0.11
N VAL A 8 5.11 -9.10 0.63
CA VAL A 8 3.79 -8.61 1.04
C VAL A 8 2.97 -8.18 -0.17
N PHE A 9 3.61 -7.50 -1.11
CA PHE A 9 2.94 -7.02 -2.32
C PHE A 9 2.49 -8.20 -3.18
N ALA A 10 3.33 -9.24 -3.22
CA ALA A 10 3.02 -10.42 -4.01
C ALA A 10 1.80 -11.14 -3.46
N LYS A 11 1.80 -11.39 -2.15
CA LYS A 11 0.69 -12.08 -1.50
C LYS A 11 -0.59 -11.24 -1.58
N ILE A 12 -0.44 -9.93 -1.46
CA ILE A 12 -1.57 -9.02 -1.52
C ILE A 12 -2.25 -9.06 -2.89
N ALA A 13 -1.43 -9.04 -3.94
CA ALA A 13 -1.94 -9.08 -5.31
C ALA A 13 -2.76 -10.34 -5.55
N LYS A 14 -2.22 -11.48 -5.15
CA LYS A 14 -2.89 -12.76 -5.33
C LYS A 14 -4.24 -12.77 -4.60
N ARG A 15 -4.26 -12.22 -3.39
CA ARG A 15 -5.49 -12.16 -2.59
C ARG A 15 -6.52 -11.28 -3.27
N LEU A 16 -6.05 -10.28 -4.01
CA LEU A 16 -6.94 -9.36 -4.71
C LEU A 16 -7.56 -10.02 -5.94
N GLU A 17 -7.05 -11.20 -6.28
CA GLU A 17 -7.57 -11.94 -7.44
C GLU A 17 -8.88 -12.64 -7.09
N SER A 18 -9.17 -12.75 -5.80
CA SER A 18 -10.40 -13.39 -5.34
C SER A 18 -11.48 -12.35 -5.05
N ILE A 19 -11.14 -11.09 -5.24
CA ILE A 19 -12.08 -10.00 -4.99
C ILE A 19 -13.35 -10.16 -5.84
N ASP A 20 -14.49 -9.85 -5.25
CA ASP A 20 -15.77 -9.96 -5.94
C ASP A 20 -16.35 -8.58 -6.24
N PRO A 21 -17.24 -8.52 -7.23
CA PRO A 21 -17.89 -7.27 -7.64
C PRO A 21 -18.88 -6.76 -6.59
N ALA A 22 -19.51 -7.70 -5.89
CA ALA A 22 -20.47 -7.34 -4.86
C ALA A 22 -19.78 -6.77 -3.62
N ASN A 23 -18.83 -7.52 -3.09
CA ASN A 23 -18.09 -7.10 -1.91
C ASN A 23 -16.84 -6.32 -2.30
N ARG A 24 -16.76 -5.07 -1.87
CA ARG A 24 -15.61 -4.22 -2.18
C ARG A 24 -15.64 -2.94 -1.34
N GLN A 25 -16.84 -2.41 -1.14
CA GLN A 25 -16.99 -1.18 -0.35
C GLN A 25 -16.47 0.03 -1.12
N VAL A 26 -15.15 0.09 -1.28
CA VAL A 26 -14.51 1.19 -1.99
C VAL A 26 -13.13 0.80 -2.48
N GLU A 27 -12.82 1.15 -3.73
CA GLU A 27 -11.54 0.83 -4.32
C GLU A 27 -10.95 2.05 -5.04
N HIS A 28 -9.77 2.48 -4.60
CA HIS A 28 -9.11 3.64 -5.20
C HIS A 28 -7.64 3.34 -5.47
N VAL A 29 -7.12 3.88 -6.56
CA VAL A 29 -5.73 3.67 -6.92
C VAL A 29 -4.79 4.24 -5.87
N TYR A 30 -3.83 3.42 -5.44
CA TYR A 30 -2.87 3.84 -4.41
C TYR A 30 -1.44 3.65 -4.91
N LYS A 31 -0.55 4.54 -4.46
CA LYS A 31 0.85 4.48 -4.86
C LYS A 31 1.74 4.12 -3.67
N PHE A 32 2.65 3.17 -3.89
CA PHE A 32 3.55 2.73 -2.83
C PHE A 32 4.99 3.09 -3.17
N ARG A 33 5.66 3.78 -2.26
CA ARG A 33 7.05 4.19 -2.46
C ARG A 33 7.97 3.49 -1.47
N ILE A 34 8.93 2.73 -1.99
CA ILE A 34 9.88 2.01 -1.15
C ILE A 34 11.28 2.58 -1.30
N THR A 35 11.81 3.11 -0.20
CA THR A 35 13.15 3.69 -0.20
C THR A 35 14.19 2.67 0.26
N GLN A 36 15.36 2.72 -0.35
CA GLN A 36 16.45 1.80 0.01
C GLN A 36 17.38 2.42 1.04
N GLY A 37 17.28 1.95 2.28
CA GLY A 37 18.12 2.47 3.33
C GLY A 37 17.61 3.79 3.88
N GLY A 38 17.29 4.72 2.99
CA GLY A 38 16.79 6.02 3.40
C GLY A 38 16.47 6.91 2.23
N LYS A 39 16.56 6.37 1.03
CA LYS A 39 16.27 7.13 -0.19
C LYS A 39 15.41 6.32 -1.15
N VAL A 40 14.44 6.99 -1.78
CA VAL A 40 13.55 6.32 -2.72
C VAL A 40 14.34 5.54 -3.76
N VAL A 41 13.87 4.33 -4.06
CA VAL A 41 14.52 3.47 -5.03
C VAL A 41 13.59 3.14 -6.19
N LYS A 42 12.28 3.14 -5.91
CA LYS A 42 11.29 2.83 -6.93
C LYS A 42 9.88 3.09 -6.40
N ASN A 43 8.94 3.32 -7.31
CA ASN A 43 7.55 3.57 -6.94
C ASN A 43 6.61 2.60 -7.65
N TRP A 44 5.68 2.04 -6.90
CA TRP A 44 4.71 1.11 -7.46
C TRP A 44 3.32 1.72 -7.55
N VAL A 45 2.50 1.21 -8.44
CA VAL A 45 1.14 1.71 -8.63
C VAL A 45 0.12 0.58 -8.62
N MET A 46 -0.93 0.74 -7.83
CA MET A 46 -1.98 -0.27 -7.73
C MET A 46 -3.17 0.10 -8.61
N ASP A 47 -3.56 -0.83 -9.48
CA ASP A 47 -4.68 -0.61 -10.38
C ASP A 47 -5.97 -0.37 -9.59
N LEU A 48 -7.10 -0.49 -10.27
CA LEU A 48 -8.40 -0.28 -9.64
C LEU A 48 -9.50 -1.02 -10.39
N LYS A 49 -9.53 -0.84 -11.72
CA LYS A 49 -10.52 -1.49 -12.55
C LYS A 49 -10.22 -2.98 -12.71
N ASN A 50 -8.95 -3.33 -12.60
CA ASN A 50 -8.52 -4.73 -12.73
C ASN A 50 -8.21 -5.32 -11.37
N VAL A 51 -7.86 -4.46 -10.42
CA VAL A 51 -7.53 -4.90 -9.06
C VAL A 51 -6.23 -5.71 -9.05
N LYS A 52 -5.19 -5.14 -9.64
CA LYS A 52 -3.89 -5.80 -9.70
C LYS A 52 -2.75 -4.81 -9.47
N LEU A 53 -1.63 -5.30 -8.97
CA LEU A 53 -0.47 -4.44 -8.70
C LEU A 53 0.55 -4.55 -9.82
N VAL A 54 1.05 -3.40 -10.26
CA VAL A 54 2.04 -3.36 -11.34
C VAL A 54 3.01 -2.20 -11.15
N GLU A 55 4.19 -2.33 -11.74
CA GLU A 55 5.21 -1.29 -11.63
C GLU A 55 4.97 -0.19 -12.65
N SER A 56 4.43 0.93 -12.20
CA SER A 56 4.14 2.06 -13.06
C SER A 56 4.32 3.39 -12.33
N ASP A 57 4.31 4.48 -13.07
CA ASP A 57 4.49 5.81 -12.49
C ASP A 57 3.19 6.61 -12.61
N ASP A 58 2.10 5.93 -12.95
CA ASP A 58 0.81 6.58 -13.09
C ASP A 58 0.38 7.24 -11.78
N ALA A 59 -0.47 8.26 -11.89
CA ALA A 59 -0.95 8.97 -10.71
C ALA A 59 -1.90 8.10 -9.89
N ALA A 60 -2.30 8.60 -8.72
CA ALA A 60 -3.21 7.86 -7.85
C ALA A 60 -3.94 8.80 -6.90
N GLU A 61 -5.05 8.34 -6.35
CA GLU A 61 -5.84 9.13 -5.43
C GLU A 61 -4.99 9.58 -4.24
N ALA A 62 -4.00 8.76 -3.88
CA ALA A 62 -3.12 9.08 -2.77
C ALA A 62 -1.79 8.36 -2.90
N THR A 63 -0.77 8.84 -2.19
CA THR A 63 0.55 8.24 -2.23
C THR A 63 1.05 7.90 -0.83
N LEU A 64 1.48 6.66 -0.65
CA LEU A 64 1.99 6.20 0.64
C LEU A 64 3.47 5.86 0.55
N THR A 65 4.31 6.69 1.17
CA THR A 65 5.74 6.48 1.17
C THR A 65 6.20 5.79 2.45
N MET A 66 6.90 4.66 2.29
CA MET A 66 7.39 3.90 3.44
C MET A 66 8.60 3.08 3.05
N GLU A 67 9.56 2.98 3.97
CA GLU A 67 10.79 2.22 3.73
C GLU A 67 10.47 0.74 3.53
N ASP A 68 11.34 0.04 2.82
CA ASP A 68 11.16 -1.38 2.57
C ASP A 68 10.82 -2.12 3.85
N ASP A 69 11.61 -1.89 4.90
CA ASP A 69 11.40 -2.54 6.19
C ASP A 69 10.09 -2.07 6.81
N ILE A 70 9.72 -0.82 6.53
CA ILE A 70 8.49 -0.26 7.07
C ILE A 70 7.26 -0.88 6.42
N MET A 71 7.23 -0.87 5.09
CA MET A 71 6.12 -1.44 4.34
C MET A 71 5.84 -2.87 4.78
N PHE A 72 6.89 -3.58 5.18
CA PHE A 72 6.76 -4.96 5.62
C PHE A 72 5.94 -5.04 6.91
N ALA A 73 6.18 -4.09 7.81
CA ALA A 73 5.47 -4.05 9.08
C ALA A 73 3.97 -3.83 8.87
N ILE A 74 3.64 -2.78 8.12
CA ILE A 74 2.25 -2.44 7.85
C ILE A 74 1.62 -3.48 6.92
N GLY A 75 2.46 -4.25 6.24
CA GLY A 75 1.96 -5.27 5.34
C GLY A 75 1.69 -6.58 6.02
N THR A 76 2.49 -6.90 7.04
CA THR A 76 2.33 -8.14 7.79
C THR A 76 1.55 -7.90 9.08
N GLY A 77 0.72 -6.86 9.08
CA GLY A 77 -0.07 -6.55 10.26
C GLY A 77 0.78 -6.40 11.50
N ALA A 78 2.06 -6.10 11.31
CA ALA A 78 2.98 -5.94 12.44
C ALA A 78 2.71 -4.63 13.17
N LEU A 79 3.15 -3.52 12.57
CA LEU A 79 2.97 -2.21 13.18
C LEU A 79 1.86 -1.44 12.46
N PRO A 80 1.08 -0.67 13.24
CA PRO A 80 -0.03 0.14 12.70
C PRO A 80 0.47 1.30 11.86
N ALA A 81 -0.10 1.45 10.66
CA ALA A 81 0.29 2.52 9.76
C ALA A 81 0.01 3.89 10.39
N LYS A 82 -0.94 3.93 11.31
CA LYS A 82 -1.30 5.17 11.99
C LYS A 82 -0.16 5.65 12.87
N GLU A 83 0.28 4.80 13.80
CA GLU A 83 1.36 5.15 14.71
C GLU A 83 2.61 5.53 13.93
N ALA A 84 3.01 4.68 12.98
CA ALA A 84 4.20 4.93 12.17
C ALA A 84 4.16 6.34 11.58
N MET A 85 2.98 6.77 11.17
CA MET A 85 2.82 8.10 10.58
C MET A 85 3.04 9.19 11.62
N ALA A 86 2.65 8.90 12.86
CA ALA A 86 2.82 9.85 13.96
C ALA A 86 4.28 9.94 14.39
N GLN A 87 5.04 8.88 14.11
CA GLN A 87 6.45 8.85 14.48
C GLN A 87 7.31 9.45 13.37
N ASP A 88 6.66 10.08 12.40
CA ASP A 88 7.38 10.70 11.28
C ASP A 88 8.17 9.65 10.50
N LYS A 89 7.82 8.38 10.70
CA LYS A 89 8.50 7.29 10.01
C LYS A 89 7.80 6.97 8.68
N MET A 90 6.75 7.72 8.37
CA MET A 90 6.00 7.52 7.14
C MET A 90 5.07 8.69 6.87
N GLU A 91 4.86 9.00 5.60
CA GLU A 91 3.99 10.11 5.21
C GLU A 91 2.96 9.65 4.17
N VAL A 92 1.96 10.48 3.94
CA VAL A 92 0.91 10.16 2.98
C VAL A 92 0.40 11.42 2.29
N ASP A 93 0.07 11.29 1.01
CA ASP A 93 -0.43 12.41 0.23
C ASP A 93 -1.74 12.06 -0.48
N GLY A 94 -2.59 13.05 -0.69
CA GLY A 94 -3.86 12.82 -1.35
C GLY A 94 -5.05 13.18 -0.47
N GLN A 95 -5.92 12.21 -0.23
CA GLN A 95 -7.10 12.44 0.59
C GLN A 95 -6.97 11.74 1.94
N VAL A 96 -6.71 12.54 2.98
CA VAL A 96 -6.56 11.99 4.34
C VAL A 96 -7.69 11.04 4.67
N GLU A 97 -8.87 11.28 4.09
CA GLU A 97 -10.03 10.44 4.33
C GLU A 97 -9.89 9.09 3.62
N LEU A 98 -9.43 9.14 2.37
CA LEU A 98 -9.25 7.93 1.58
C LEU A 98 -8.39 6.92 2.33
N ILE A 99 -7.19 7.32 2.70
CA ILE A 99 -6.28 6.44 3.42
C ILE A 99 -6.96 5.84 4.65
N PHE A 100 -7.93 6.55 5.20
CA PHE A 100 -8.66 6.09 6.38
C PHE A 100 -9.48 4.85 6.04
N LEU A 101 -10.07 4.83 4.85
CA LEU A 101 -10.89 3.70 4.42
C LEU A 101 -10.02 2.47 4.20
N LEU A 102 -8.72 2.68 4.05
CA LEU A 102 -7.79 1.57 3.84
C LEU A 102 -7.45 0.88 5.16
N GLU A 103 -7.22 1.68 6.20
CA GLU A 103 -6.90 1.13 7.52
C GLU A 103 -7.66 -0.15 7.78
N PRO A 104 -9.01 -0.07 7.74
CA PRO A 104 -9.88 -1.22 7.97
C PRO A 104 -9.81 -2.23 6.83
N PHE A 105 -9.56 -1.75 5.63
CA PHE A 105 -9.47 -2.62 4.45
C PHE A 105 -8.38 -3.65 4.63
N ILE A 106 -7.34 -3.29 5.38
CA ILE A 106 -6.23 -4.19 5.62
C ILE A 106 -6.70 -5.51 6.23
N ALA A 107 -7.83 -5.46 6.93
CA ALA A 107 -8.40 -6.65 7.56
C ALA A 107 -8.86 -7.66 6.50
N SER A 108 -9.27 -7.14 5.35
CA SER A 108 -9.74 -8.00 4.26
C SER A 108 -8.65 -8.98 3.83
N LEU A 109 -7.51 -8.44 3.41
CA LEU A 109 -6.39 -9.26 2.97
C LEU A 109 -5.13 -8.91 3.75
N LYS A 110 -4.72 -9.82 4.62
CA LYS A 110 -3.51 -9.62 5.43
C LYS A 110 -3.58 -8.29 6.18
N MET A 1 19.79 -6.97 -4.99
CA MET A 1 18.99 -5.75 -4.93
C MET A 1 17.51 -6.08 -4.87
N SER A 2 17.06 -6.59 -3.73
CA SER A 2 15.66 -6.96 -3.55
C SER A 2 15.09 -6.30 -2.29
N LEU A 3 13.81 -5.96 -2.34
CA LEU A 3 13.14 -5.32 -1.21
C LEU A 3 12.14 -6.28 -0.57
N LYS A 4 12.28 -6.47 0.75
CA LYS A 4 11.39 -7.35 1.49
C LYS A 4 9.93 -6.99 1.25
N SER A 5 9.68 -5.70 1.02
CA SER A 5 8.33 -5.22 0.78
C SER A 5 7.70 -5.92 -0.42
N ASP A 6 8.55 -6.42 -1.31
CA ASP A 6 8.08 -7.11 -2.51
C ASP A 6 7.13 -8.25 -2.13
N GLU A 7 7.41 -8.90 -1.02
CA GLU A 7 6.59 -10.01 -0.55
C GLU A 7 5.19 -9.53 -0.17
N VAL A 8 5.13 -8.49 0.64
CA VAL A 8 3.85 -7.93 1.07
C VAL A 8 2.92 -7.70 -0.12
N PHE A 9 3.44 -7.02 -1.15
CA PHE A 9 2.66 -6.73 -2.34
C PHE A 9 2.18 -8.02 -3.00
N ALA A 10 3.01 -9.06 -2.93
CA ALA A 10 2.67 -10.35 -3.53
C ALA A 10 1.50 -10.99 -2.80
N LYS A 11 1.53 -10.96 -1.47
CA LYS A 11 0.48 -11.55 -0.65
C LYS A 11 -0.80 -10.73 -0.76
N ILE A 12 -0.66 -9.41 -0.65
CA ILE A 12 -1.81 -8.51 -0.72
C ILE A 12 -2.51 -8.64 -2.06
N ALA A 13 -1.72 -8.77 -3.13
CA ALA A 13 -2.28 -8.92 -4.47
C ALA A 13 -3.14 -10.17 -4.59
N LYS A 14 -2.65 -11.27 -4.02
CA LYS A 14 -3.38 -12.53 -4.06
C LYS A 14 -4.77 -12.38 -3.45
N ARG A 15 -4.87 -11.56 -2.41
CA ARG A 15 -6.14 -11.33 -1.75
C ARG A 15 -7.09 -10.54 -2.64
N LEU A 16 -6.52 -9.74 -3.54
CA LEU A 16 -7.32 -8.94 -4.46
C LEU A 16 -8.13 -9.82 -5.41
N GLU A 17 -7.68 -11.06 -5.58
CA GLU A 17 -8.36 -12.01 -6.45
C GLU A 17 -9.56 -12.63 -5.74
N SER A 18 -9.64 -12.43 -4.43
CA SER A 18 -10.73 -12.97 -3.64
C SER A 18 -11.86 -11.96 -3.50
N ILE A 19 -11.56 -10.70 -3.79
CA ILE A 19 -12.55 -9.64 -3.70
C ILE A 19 -13.73 -9.91 -4.62
N ASP A 20 -14.92 -9.52 -4.18
CA ASP A 20 -16.13 -9.73 -4.98
C ASP A 20 -16.82 -8.40 -5.26
N PRO A 21 -17.57 -8.35 -6.37
CA PRO A 21 -18.29 -7.14 -6.79
C PRO A 21 -19.46 -6.82 -5.87
N ALA A 22 -19.91 -7.81 -5.13
CA ALA A 22 -21.02 -7.63 -4.20
C ALA A 22 -20.68 -6.60 -3.13
N ASN A 23 -19.52 -6.76 -2.51
CA ASN A 23 -19.07 -5.84 -1.47
C ASN A 23 -17.91 -4.99 -1.96
N ARG A 24 -18.13 -3.68 -2.03
CA ARG A 24 -17.10 -2.76 -2.48
C ARG A 24 -17.39 -1.34 -1.99
N GLN A 25 -16.99 -1.06 -0.75
CA GLN A 25 -17.20 0.25 -0.15
C GLN A 25 -16.68 1.36 -1.07
N VAL A 26 -15.42 1.23 -1.47
CA VAL A 26 -14.79 2.23 -2.34
C VAL A 26 -13.47 1.71 -2.88
N GLU A 27 -13.22 1.98 -4.16
CA GLU A 27 -11.99 1.54 -4.80
C GLU A 27 -11.38 2.67 -5.64
N HIS A 28 -10.15 3.06 -5.31
CA HIS A 28 -9.46 4.13 -6.02
C HIS A 28 -8.00 3.77 -6.25
N VAL A 29 -7.31 4.59 -7.04
CA VAL A 29 -5.91 4.35 -7.34
C VAL A 29 -5.02 4.70 -6.14
N TYR A 30 -3.99 3.89 -5.94
CA TYR A 30 -3.06 4.12 -4.83
C TYR A 30 -1.62 3.87 -5.26
N LYS A 31 -0.76 4.86 -5.04
CA LYS A 31 0.64 4.75 -5.40
C LYS A 31 1.51 4.50 -4.17
N PHE A 32 2.49 3.62 -4.31
CA PHE A 32 3.38 3.30 -3.21
C PHE A 32 4.83 3.67 -3.55
N ARG A 33 5.49 4.35 -2.62
CA ARG A 33 6.87 4.77 -2.83
C ARG A 33 7.82 3.99 -1.92
N ILE A 34 8.68 3.18 -2.53
CA ILE A 34 9.62 2.37 -1.77
C ILE A 34 10.95 3.11 -1.60
N THR A 35 11.27 3.44 -0.36
CA THR A 35 12.51 4.15 -0.05
C THR A 35 13.50 3.26 0.69
N GLN A 36 14.78 3.43 0.41
CA GLN A 36 15.81 2.63 1.05
C GLN A 36 16.47 3.41 2.19
N GLY A 37 16.07 3.11 3.42
CA GLY A 37 16.62 3.79 4.58
C GLY A 37 15.98 5.14 4.82
N GLY A 38 15.58 5.81 3.75
CA GLY A 38 14.95 7.12 3.86
C GLY A 38 14.91 7.87 2.55
N LYS A 39 15.35 7.21 1.48
CA LYS A 39 15.36 7.82 0.15
C LYS A 39 14.64 6.93 -0.86
N VAL A 40 13.74 7.54 -1.64
CA VAL A 40 12.98 6.81 -2.64
C VAL A 40 13.91 6.07 -3.59
N VAL A 41 13.57 4.82 -3.90
CA VAL A 41 14.37 4.01 -4.80
C VAL A 41 13.49 3.31 -5.84
N LYS A 42 12.18 3.50 -5.72
CA LYS A 42 11.23 2.88 -6.64
C LYS A 42 9.81 3.31 -6.31
N ASN A 43 8.91 3.15 -7.28
CA ASN A 43 7.50 3.52 -7.09
C ASN A 43 6.58 2.53 -7.80
N TRP A 44 5.63 1.99 -7.05
CA TRP A 44 4.69 1.02 -7.60
C TRP A 44 3.31 1.65 -7.79
N VAL A 45 2.54 1.13 -8.73
CA VAL A 45 1.20 1.64 -8.99
C VAL A 45 0.14 0.58 -8.71
N MET A 46 -1.01 1.03 -8.22
CA MET A 46 -2.11 0.12 -7.90
C MET A 46 -3.29 0.35 -8.83
N ASP A 47 -3.61 -0.67 -9.64
CA ASP A 47 -4.71 -0.57 -10.58
C ASP A 47 -6.02 -0.25 -9.85
N LEU A 48 -7.13 -0.38 -10.56
CA LEU A 48 -8.45 -0.10 -9.98
C LEU A 48 -9.54 -0.91 -10.68
N LYS A 49 -9.61 -0.77 -12.01
CA LYS A 49 -10.60 -1.49 -12.79
C LYS A 49 -10.26 -2.98 -12.86
N ASN A 50 -8.98 -3.30 -12.75
CA ASN A 50 -8.53 -4.68 -12.80
C ASN A 50 -8.19 -5.20 -11.40
N VAL A 51 -7.87 -4.27 -10.50
CA VAL A 51 -7.53 -4.64 -9.12
C VAL A 51 -6.24 -5.43 -9.07
N LYS A 52 -5.25 -4.99 -9.84
CA LYS A 52 -3.95 -5.66 -9.88
C LYS A 52 -2.83 -4.71 -9.47
N LEU A 53 -1.61 -5.22 -9.41
CA LEU A 53 -0.46 -4.42 -9.03
C LEU A 53 0.69 -4.62 -10.02
N VAL A 54 1.22 -3.52 -10.53
CA VAL A 54 2.33 -3.57 -11.48
C VAL A 54 3.24 -2.36 -11.32
N GLU A 55 4.44 -2.46 -11.90
CA GLU A 55 5.41 -1.36 -11.83
C GLU A 55 5.12 -0.30 -12.88
N SER A 56 4.53 0.81 -12.45
CA SER A 56 4.18 1.90 -13.35
C SER A 56 4.13 3.23 -12.61
N ASP A 57 4.01 4.32 -13.35
CA ASP A 57 3.94 5.65 -12.77
C ASP A 57 2.63 6.34 -13.13
N ASP A 58 1.66 5.56 -13.57
CA ASP A 58 0.35 6.10 -13.95
C ASP A 58 -0.20 7.01 -12.86
N ALA A 59 -0.98 8.00 -13.28
CA ALA A 59 -1.57 8.95 -12.34
C ALA A 59 -2.24 8.23 -11.17
N ALA A 60 -2.34 8.91 -10.04
CA ALA A 60 -2.95 8.33 -8.85
C ALA A 60 -3.68 9.39 -8.03
N GLU A 61 -4.44 8.95 -7.04
CA GLU A 61 -5.20 9.86 -6.19
C GLU A 61 -4.46 10.11 -4.88
N ALA A 62 -3.53 9.22 -4.54
CA ALA A 62 -2.76 9.34 -3.31
C ALA A 62 -1.43 8.60 -3.43
N THR A 63 -0.46 9.00 -2.61
CA THR A 63 0.85 8.37 -2.62
C THR A 63 1.31 8.02 -1.21
N LEU A 64 1.72 6.77 -1.02
CA LEU A 64 2.18 6.31 0.28
C LEU A 64 3.67 5.95 0.23
N THR A 65 4.49 6.78 0.88
CA THR A 65 5.93 6.56 0.91
C THR A 65 6.37 6.10 2.30
N MET A 66 7.09 4.98 2.33
CA MET A 66 7.58 4.43 3.60
C MET A 66 8.76 3.49 3.35
N GLU A 67 9.65 3.40 4.34
CA GLU A 67 10.82 2.53 4.24
C GLU A 67 10.41 1.08 4.03
N ASP A 68 11.28 0.30 3.39
CA ASP A 68 11.01 -1.10 3.12
C ASP A 68 10.56 -1.82 4.40
N ASP A 69 11.33 -1.65 5.46
CA ASP A 69 11.01 -2.29 6.74
C ASP A 69 9.62 -1.90 7.21
N ILE A 70 9.22 -0.66 6.92
CA ILE A 70 7.92 -0.16 7.31
C ILE A 70 6.81 -0.90 6.58
N MET A 71 6.92 -0.96 5.25
CA MET A 71 5.92 -1.64 4.42
C MET A 71 5.69 -3.06 4.92
N PHE A 72 6.77 -3.74 5.26
CA PHE A 72 6.70 -5.12 5.75
C PHE A 72 5.83 -5.20 7.01
N ALA A 73 6.00 -4.23 7.90
CA ALA A 73 5.23 -4.19 9.13
C ALA A 73 3.74 -4.06 8.86
N ILE A 74 3.38 -3.10 8.02
CA ILE A 74 1.98 -2.87 7.67
C ILE A 74 1.45 -3.99 6.78
N GLY A 75 2.36 -4.75 6.18
CA GLY A 75 1.96 -5.85 5.32
C GLY A 75 1.73 -7.14 6.08
N THR A 76 2.60 -7.41 7.05
CA THR A 76 2.49 -8.62 7.87
C THR A 76 1.71 -8.35 9.15
N GLY A 77 0.80 -7.39 9.09
CA GLY A 77 -0.01 -7.05 10.26
C GLY A 77 0.84 -6.89 11.50
N ALA A 78 2.11 -6.52 11.32
CA ALA A 78 3.02 -6.33 12.44
C ALA A 78 2.72 -5.03 13.17
N LEU A 79 3.00 -3.91 12.53
CA LEU A 79 2.76 -2.59 13.12
C LEU A 79 1.65 -1.86 12.39
N PRO A 80 0.85 -1.08 13.13
CA PRO A 80 -0.26 -0.31 12.57
C PRO A 80 0.22 0.85 11.70
N ALA A 81 -0.34 0.95 10.50
CA ALA A 81 0.03 2.01 9.57
C ALA A 81 -0.19 3.38 10.19
N LYS A 82 -1.13 3.44 11.14
CA LYS A 82 -1.44 4.70 11.81
C LYS A 82 -0.28 5.15 12.69
N GLU A 83 0.13 4.29 13.62
CA GLU A 83 1.23 4.60 14.52
C GLU A 83 2.49 4.97 13.74
N ALA A 84 2.83 4.13 12.76
CA ALA A 84 4.01 4.37 11.94
C ALA A 84 4.01 5.78 11.37
N MET A 85 2.85 6.25 10.94
CA MET A 85 2.72 7.59 10.38
C MET A 85 2.98 8.65 11.44
N ALA A 86 2.66 8.32 12.69
CA ALA A 86 2.87 9.24 13.80
C ALA A 86 4.35 9.31 14.19
N GLN A 87 5.08 8.23 13.91
CA GLN A 87 6.50 8.17 14.24
C GLN A 87 7.34 8.78 13.12
N ASP A 88 6.67 9.37 12.13
CA ASP A 88 7.35 9.98 11.01
C ASP A 88 8.11 8.94 10.18
N LYS A 89 7.77 7.67 10.41
CA LYS A 89 8.41 6.57 9.69
C LYS A 89 7.71 6.31 8.36
N MET A 90 6.61 7.02 8.13
CA MET A 90 5.85 6.86 6.90
C MET A 90 4.94 8.06 6.66
N GLU A 91 4.77 8.44 5.40
CA GLU A 91 3.93 9.57 5.04
C GLU A 91 2.95 9.19 3.94
N VAL A 92 1.92 10.02 3.75
CA VAL A 92 0.92 9.78 2.73
C VAL A 92 0.42 11.08 2.13
N ASP A 93 0.15 11.06 0.82
CA ASP A 93 -0.34 12.24 0.12
C ASP A 93 -1.68 11.96 -0.55
N GLY A 94 -2.25 13.00 -1.16
CA GLY A 94 -3.53 12.84 -1.82
C GLY A 94 -4.70 12.96 -0.87
N GLN A 95 -5.52 11.92 -0.80
CA GLN A 95 -6.68 11.91 0.08
C GLN A 95 -6.37 11.17 1.38
N VAL A 96 -6.06 11.92 2.42
CA VAL A 96 -5.75 11.35 3.73
C VAL A 96 -6.93 10.58 4.29
N GLU A 97 -8.13 11.00 3.90
CA GLU A 97 -9.36 10.34 4.36
C GLU A 97 -9.54 8.99 3.69
N LEU A 98 -9.05 8.88 2.47
CA LEU A 98 -9.17 7.64 1.70
C LEU A 98 -8.15 6.61 2.19
N ILE A 99 -6.87 6.99 2.19
CA ILE A 99 -5.81 6.10 2.63
C ILE A 99 -6.10 5.53 4.01
N PHE A 100 -6.87 6.27 4.80
CA PHE A 100 -7.24 5.84 6.15
C PHE A 100 -8.24 4.69 6.09
N LEU A 101 -9.15 4.75 5.12
CA LEU A 101 -10.16 3.72 4.96
C LEU A 101 -9.54 2.39 4.55
N LEU A 102 -8.27 2.44 4.15
CA LEU A 102 -7.55 1.24 3.74
C LEU A 102 -7.02 0.48 4.94
N GLU A 103 -6.63 1.20 5.99
CA GLU A 103 -6.11 0.59 7.19
C GLU A 103 -7.01 -0.55 7.67
N PRO A 104 -8.29 -0.22 7.91
CA PRO A 104 -9.28 -1.20 8.37
C PRO A 104 -9.65 -2.20 7.28
N PHE A 105 -9.12 -1.98 6.08
CA PHE A 105 -9.41 -2.87 4.95
C PHE A 105 -8.38 -3.98 4.87
N ILE A 106 -7.26 -3.80 5.57
CA ILE A 106 -6.19 -4.80 5.58
C ILE A 106 -6.71 -6.17 6.00
N ALA A 107 -7.74 -6.16 6.84
CA ALA A 107 -8.33 -7.40 7.32
C ALA A 107 -8.74 -8.30 6.16
N SER A 108 -9.19 -7.68 5.07
CA SER A 108 -9.62 -8.42 3.89
C SER A 108 -8.44 -8.74 2.99
N LEU A 109 -7.40 -7.90 3.06
CA LEU A 109 -6.21 -8.09 2.25
C LEU A 109 -5.06 -8.66 3.08
N LYS A 110 -5.41 -9.51 4.04
CA LYS A 110 -4.41 -10.14 4.91
C LYS A 110 -3.43 -10.98 4.09
N MET A 1 18.73 -7.00 -6.30
CA MET A 1 17.68 -6.05 -5.92
C MET A 1 16.48 -6.77 -5.33
N SER A 2 16.61 -7.21 -4.08
CA SER A 2 15.54 -7.91 -3.39
C SER A 2 15.07 -7.14 -2.16
N LEU A 3 13.82 -6.70 -2.18
CA LEU A 3 13.26 -5.96 -1.06
C LEU A 3 12.23 -6.79 -0.30
N LYS A 4 12.24 -6.66 1.02
CA LYS A 4 11.32 -7.41 1.86
C LYS A 4 9.88 -7.07 1.53
N SER A 5 9.63 -5.80 1.19
CA SER A 5 8.29 -5.35 0.85
C SER A 5 7.71 -6.19 -0.28
N ASP A 6 8.58 -6.79 -1.07
CA ASP A 6 8.14 -7.62 -2.19
C ASP A 6 7.19 -8.72 -1.72
N GLU A 7 7.48 -9.30 -0.56
CA GLU A 7 6.65 -10.36 -0.01
C GLU A 7 5.23 -9.84 0.26
N VAL A 8 5.13 -8.66 0.84
CA VAL A 8 3.84 -8.05 1.14
C VAL A 8 3.10 -7.69 -0.14
N PHE A 9 3.80 -7.08 -1.08
CA PHE A 9 3.21 -6.69 -2.35
C PHE A 9 2.72 -7.91 -3.13
N ALA A 10 3.51 -8.97 -3.09
CA ALA A 10 3.16 -10.21 -3.80
C ALA A 10 1.85 -10.77 -3.28
N LYS A 11 1.74 -10.91 -1.96
CA LYS A 11 0.53 -11.45 -1.36
C LYS A 11 -0.66 -10.53 -1.60
N ILE A 12 -0.42 -9.23 -1.55
CA ILE A 12 -1.47 -8.24 -1.79
C ILE A 12 -2.14 -8.47 -3.14
N ALA A 13 -1.33 -8.51 -4.19
CA ALA A 13 -1.85 -8.72 -5.54
C ALA A 13 -2.64 -10.03 -5.63
N LYS A 14 -2.11 -11.08 -5.01
CA LYS A 14 -2.77 -12.37 -5.02
C LYS A 14 -4.07 -12.34 -4.24
N ARG A 15 -4.09 -11.53 -3.18
CA ARG A 15 -5.28 -11.41 -2.34
C ARG A 15 -6.33 -10.52 -3.00
N LEU A 16 -5.86 -9.55 -3.79
CA LEU A 16 -6.76 -8.64 -4.48
C LEU A 16 -7.52 -9.36 -5.58
N GLU A 17 -7.06 -10.56 -5.93
CA GLU A 17 -7.70 -11.35 -6.96
C GLU A 17 -8.95 -12.05 -6.42
N SER A 18 -9.07 -12.09 -5.10
CA SER A 18 -10.21 -12.74 -4.46
C SER A 18 -11.32 -11.73 -4.18
N ILE A 19 -11.01 -10.45 -4.37
CA ILE A 19 -11.98 -9.39 -4.14
C ILE A 19 -13.20 -9.55 -5.05
N ASP A 20 -14.38 -9.27 -4.51
CA ASP A 20 -15.61 -9.38 -5.26
C ASP A 20 -16.41 -8.09 -5.21
N PRO A 21 -17.18 -7.81 -6.28
CA PRO A 21 -18.00 -6.60 -6.37
C PRO A 21 -19.18 -6.63 -5.41
N ALA A 22 -19.55 -7.82 -4.95
CA ALA A 22 -20.66 -7.99 -4.02
C ALA A 22 -20.41 -7.21 -2.73
N ASN A 23 -19.26 -7.47 -2.11
CA ASN A 23 -18.90 -6.79 -0.87
C ASN A 23 -17.82 -5.75 -1.11
N ARG A 24 -18.18 -4.48 -0.89
CA ARG A 24 -17.24 -3.38 -1.08
C ARG A 24 -17.91 -2.04 -0.76
N GLN A 25 -17.14 -0.96 -0.88
CA GLN A 25 -17.66 0.37 -0.60
C GLN A 25 -17.06 1.39 -1.58
N VAL A 26 -15.80 1.75 -1.35
CA VAL A 26 -15.11 2.71 -2.20
C VAL A 26 -13.83 2.11 -2.78
N GLU A 27 -13.61 2.34 -4.07
CA GLU A 27 -12.42 1.82 -4.75
C GLU A 27 -11.79 2.90 -5.63
N HIS A 28 -10.54 3.22 -5.35
CA HIS A 28 -9.82 4.23 -6.11
C HIS A 28 -8.37 3.82 -6.33
N VAL A 29 -7.67 4.55 -7.19
CA VAL A 29 -6.27 4.26 -7.49
C VAL A 29 -5.37 4.63 -6.33
N TYR A 30 -4.33 3.82 -6.11
CA TYR A 30 -3.39 4.06 -5.02
C TYR A 30 -1.96 3.87 -5.49
N LYS A 31 -1.02 4.44 -4.75
CA LYS A 31 0.40 4.35 -5.08
C LYS A 31 1.24 4.05 -3.84
N PHE A 32 2.18 3.12 -3.99
CA PHE A 32 3.05 2.73 -2.88
C PHE A 32 4.51 2.78 -3.29
N ARG A 33 5.24 3.75 -2.74
CA ARG A 33 6.65 3.91 -3.06
C ARG A 33 7.53 3.43 -1.90
N ILE A 34 8.40 2.47 -2.18
CA ILE A 34 9.30 1.93 -1.15
C ILE A 34 10.63 2.67 -1.14
N THR A 35 11.06 3.08 0.04
CA THR A 35 12.32 3.80 0.20
C THR A 35 13.40 2.90 0.79
N GLN A 36 14.63 3.07 0.32
CA GLN A 36 15.75 2.28 0.81
C GLN A 36 16.59 3.07 1.80
N GLY A 37 16.53 2.69 3.07
CA GLY A 37 17.29 3.37 4.10
C GLY A 37 16.63 4.66 4.55
N GLY A 38 16.21 5.48 3.59
CA GLY A 38 15.56 6.74 3.92
C GLY A 38 15.21 7.55 2.69
N LYS A 39 15.34 6.93 1.51
CA LYS A 39 15.04 7.60 0.25
C LYS A 39 14.29 6.67 -0.69
N VAL A 40 13.39 7.24 -1.49
CA VAL A 40 12.61 6.46 -2.44
C VAL A 40 13.51 5.79 -3.47
N VAL A 41 13.17 4.56 -3.83
CA VAL A 41 13.94 3.81 -4.81
C VAL A 41 13.06 3.30 -5.94
N LYS A 42 11.78 3.07 -5.63
CA LYS A 42 10.83 2.58 -6.62
C LYS A 42 9.41 3.00 -6.25
N ASN A 43 8.50 2.89 -7.21
CA ASN A 43 7.11 3.26 -6.99
C ASN A 43 6.18 2.27 -7.68
N TRP A 44 5.23 1.74 -6.91
CA TRP A 44 4.27 0.77 -7.44
C TRP A 44 2.89 1.41 -7.61
N VAL A 45 2.16 0.98 -8.63
CA VAL A 45 0.83 1.51 -8.91
C VAL A 45 -0.22 0.41 -8.82
N MET A 46 -1.35 0.73 -8.20
CA MET A 46 -2.44 -0.23 -8.05
C MET A 46 -3.64 0.18 -8.91
N ASP A 47 -4.00 -0.70 -9.85
CA ASP A 47 -5.13 -0.44 -10.73
C ASP A 47 -6.41 -0.25 -9.94
N LEU A 48 -7.54 -0.36 -10.62
CA LEU A 48 -8.85 -0.20 -9.99
C LEU A 48 -9.89 -1.10 -10.65
N LYS A 49 -9.99 -1.01 -11.96
CA LYS A 49 -10.94 -1.82 -12.72
C LYS A 49 -10.52 -3.28 -12.74
N ASN A 50 -9.22 -3.51 -12.59
CA ASN A 50 -8.68 -4.87 -12.60
C ASN A 50 -8.34 -5.33 -11.18
N VAL A 51 -8.08 -4.38 -10.30
CA VAL A 51 -7.75 -4.68 -8.92
C VAL A 51 -6.39 -5.34 -8.80
N LYS A 52 -5.45 -4.89 -9.64
CA LYS A 52 -4.09 -5.43 -9.63
C LYS A 52 -3.06 -4.30 -9.66
N LEU A 53 -1.95 -4.51 -8.96
CA LEU A 53 -0.89 -3.51 -8.90
C LEU A 53 0.38 -4.04 -9.59
N VAL A 54 1.02 -3.16 -10.36
CA VAL A 54 2.23 -3.53 -11.08
C VAL A 54 3.28 -2.42 -10.99
N GLU A 55 4.53 -2.77 -11.28
CA GLU A 55 5.62 -1.81 -11.24
C GLU A 55 5.44 -0.73 -12.31
N SER A 56 4.96 0.44 -11.89
CA SER A 56 4.74 1.55 -12.81
C SER A 56 4.85 2.89 -12.08
N ASP A 57 4.88 3.97 -12.85
CA ASP A 57 4.99 5.30 -12.28
C ASP A 57 3.74 6.13 -12.59
N ASP A 58 2.72 5.47 -13.15
CA ASP A 58 1.48 6.14 -13.51
C ASP A 58 0.93 6.93 -12.32
N ALA A 59 0.18 7.99 -12.61
CA ALA A 59 -0.39 8.83 -11.57
C ALA A 59 -1.38 8.05 -10.72
N ALA A 60 -1.79 8.64 -9.60
CA ALA A 60 -2.72 7.99 -8.69
C ALA A 60 -3.48 9.02 -7.85
N GLU A 61 -4.57 8.57 -7.22
CA GLU A 61 -5.38 9.46 -6.39
C GLU A 61 -4.62 9.86 -5.13
N ALA A 62 -3.66 9.03 -4.72
CA ALA A 62 -2.87 9.30 -3.53
C ALA A 62 -1.55 8.54 -3.58
N THR A 63 -0.59 8.99 -2.77
CA THR A 63 0.73 8.36 -2.72
C THR A 63 1.10 7.98 -1.30
N LEU A 64 1.52 6.74 -1.11
CA LEU A 64 1.91 6.25 0.22
C LEU A 64 3.38 5.87 0.25
N THR A 65 4.18 6.68 0.94
CA THR A 65 5.62 6.44 1.04
C THR A 65 5.95 5.71 2.34
N MET A 66 6.54 4.53 2.21
CA MET A 66 6.90 3.72 3.37
C MET A 66 8.18 2.93 3.10
N GLU A 67 9.11 2.97 4.05
CA GLU A 67 10.37 2.24 3.91
C GLU A 67 10.14 0.74 3.77
N ASP A 68 11.18 0.03 3.37
CA ASP A 68 11.09 -1.43 3.20
C ASP A 68 10.90 -2.11 4.54
N ASP A 69 11.72 -1.72 5.52
CA ASP A 69 11.65 -2.31 6.85
C ASP A 69 10.35 -1.94 7.54
N ILE A 70 9.84 -0.74 7.24
CA ILE A 70 8.60 -0.27 7.84
C ILE A 70 7.39 -0.87 7.13
N MET A 71 7.37 -0.77 5.80
CA MET A 71 6.27 -1.30 5.01
C MET A 71 6.04 -2.77 5.33
N PHE A 72 7.12 -3.50 5.58
CA PHE A 72 7.03 -4.91 5.90
C PHE A 72 6.16 -5.15 7.14
N ALA A 73 6.40 -4.35 8.18
CA ALA A 73 5.63 -4.47 9.41
C ALA A 73 4.15 -4.19 9.18
N ILE A 74 3.87 -3.09 8.48
CA ILE A 74 2.48 -2.72 8.20
C ILE A 74 1.87 -3.68 7.18
N GLY A 75 2.71 -4.41 6.47
CA GLY A 75 2.23 -5.36 5.47
C GLY A 75 1.95 -6.72 6.07
N THR A 76 2.76 -7.12 7.04
CA THR A 76 2.60 -8.42 7.68
C THR A 76 1.78 -8.30 8.97
N GLY A 77 0.91 -7.29 9.02
CA GLY A 77 0.09 -7.08 10.19
C GLY A 77 0.90 -7.05 11.47
N ALA A 78 2.16 -6.63 11.37
CA ALA A 78 3.04 -6.57 12.53
C ALA A 78 2.83 -5.26 13.30
N LEU A 79 3.35 -4.17 12.75
CA LEU A 79 3.22 -2.86 13.38
C LEU A 79 2.05 -2.09 12.80
N PRO A 80 1.35 -1.33 13.67
CA PRO A 80 0.18 -0.54 13.26
C PRO A 80 0.57 0.65 12.38
N ALA A 81 -0.02 0.73 11.20
CA ALA A 81 0.26 1.82 10.28
C ALA A 81 0.09 3.18 10.94
N LYS A 82 -0.75 3.22 11.98
CA LYS A 82 -1.00 4.45 12.71
C LYS A 82 0.25 4.92 13.43
N GLU A 83 0.86 4.04 14.21
CA GLU A 83 2.07 4.36 14.95
C GLU A 83 3.19 4.78 14.01
N ALA A 84 3.47 3.93 13.02
CA ALA A 84 4.51 4.22 12.05
C ALA A 84 4.36 5.61 11.46
N MET A 85 3.12 5.97 11.10
CA MET A 85 2.84 7.28 10.53
C MET A 85 2.99 8.37 11.58
N ALA A 86 2.68 8.05 12.83
CA ALA A 86 2.78 9.00 13.92
C ALA A 86 4.23 9.27 14.27
N GLN A 87 5.10 8.32 13.96
CA GLN A 87 6.52 8.45 14.26
C GLN A 87 7.26 9.10 13.08
N ASP A 88 6.50 9.64 12.14
CA ASP A 88 7.08 10.29 10.97
C ASP A 88 7.86 9.28 10.13
N LYS A 89 7.55 8.01 10.30
CA LYS A 89 8.22 6.95 9.54
C LYS A 89 7.46 6.61 8.27
N MET A 90 6.32 7.28 8.07
CA MET A 90 5.51 7.05 6.88
C MET A 90 4.70 8.30 6.54
N GLU A 91 4.63 8.62 5.25
CA GLU A 91 3.88 9.78 4.80
C GLU A 91 2.86 9.39 3.74
N VAL A 92 1.81 10.20 3.61
CA VAL A 92 0.76 9.94 2.63
C VAL A 92 0.28 11.22 1.98
N ASP A 93 0.04 11.17 0.67
CA ASP A 93 -0.42 12.33 -0.08
C ASP A 93 -1.74 12.04 -0.78
N GLY A 94 -2.34 13.08 -1.37
CA GLY A 94 -3.60 12.90 -2.05
C GLY A 94 -4.80 13.15 -1.15
N GLN A 95 -5.63 12.13 -1.00
CA GLN A 95 -6.83 12.24 -0.16
C GLN A 95 -6.63 11.47 1.15
N VAL A 96 -6.39 12.22 2.23
CA VAL A 96 -6.19 11.61 3.54
C VAL A 96 -7.44 10.88 4.00
N GLU A 97 -8.59 11.24 3.43
CA GLU A 97 -9.85 10.61 3.78
C GLU A 97 -9.94 9.20 3.20
N LEU A 98 -9.38 9.01 2.01
CA LEU A 98 -9.40 7.72 1.34
C LEU A 98 -8.36 6.79 1.96
N ILE A 99 -7.12 7.27 2.07
CA ILE A 99 -6.04 6.48 2.64
C ILE A 99 -6.42 5.92 4.00
N PHE A 100 -7.27 6.65 4.72
CA PHE A 100 -7.72 6.22 6.04
C PHE A 100 -8.69 5.06 5.93
N LEU A 101 -9.51 5.07 4.88
CA LEU A 101 -10.48 4.00 4.65
C LEU A 101 -9.80 2.69 4.31
N LEU A 102 -8.50 2.77 4.04
CA LEU A 102 -7.71 1.58 3.69
C LEU A 102 -7.10 0.95 4.94
N GLU A 103 -6.68 1.80 5.87
CA GLU A 103 -6.07 1.33 7.11
C GLU A 103 -6.81 0.10 7.64
N PRO A 104 -8.11 0.25 7.89
CA PRO A 104 -8.96 -0.83 8.41
C PRO A 104 -9.18 -1.93 7.37
N PHE A 105 -9.11 -1.56 6.09
CA PHE A 105 -9.31 -2.52 5.00
C PHE A 105 -8.18 -3.53 4.96
N ILE A 106 -7.11 -3.24 5.69
CA ILE A 106 -5.95 -4.13 5.74
C ILE A 106 -6.35 -5.52 6.23
N ALA A 107 -7.39 -5.58 7.04
CA ALA A 107 -7.88 -6.85 7.58
C ALA A 107 -8.22 -7.82 6.45
N SER A 108 -8.51 -7.27 5.27
CA SER A 108 -8.87 -8.10 4.12
C SER A 108 -7.88 -7.88 2.98
N LEU A 109 -7.03 -6.87 3.13
CA LEU A 109 -6.03 -6.56 2.10
C LEU A 109 -6.70 -6.18 0.79
N LYS A 110 -7.65 -5.26 0.85
CA LYS A 110 -8.36 -4.80 -0.34
C LYS A 110 -7.92 -3.40 -0.73
N MET A 1 18.07 -4.89 -5.96
CA MET A 1 17.33 -5.66 -6.95
C MET A 1 16.18 -6.42 -6.31
N SER A 2 16.35 -6.78 -5.04
CA SER A 2 15.33 -7.52 -4.31
C SER A 2 14.90 -6.77 -3.05
N LEU A 3 13.61 -6.47 -2.96
CA LEU A 3 13.07 -5.76 -1.81
C LEU A 3 12.12 -6.64 -1.01
N LYS A 4 12.18 -6.52 0.31
CA LYS A 4 11.32 -7.31 1.18
C LYS A 4 9.85 -7.00 0.93
N SER A 5 9.56 -5.73 0.66
CA SER A 5 8.19 -5.30 0.40
C SER A 5 7.57 -6.12 -0.72
N ASP A 6 8.41 -6.66 -1.59
CA ASP A 6 7.94 -7.47 -2.71
C ASP A 6 7.07 -8.62 -2.22
N GLU A 7 7.44 -9.21 -1.09
CA GLU A 7 6.68 -10.31 -0.52
C GLU A 7 5.27 -9.86 -0.14
N VAL A 8 5.19 -8.76 0.61
CA VAL A 8 3.91 -8.23 1.03
C VAL A 8 3.02 -7.91 -0.15
N PHE A 9 3.57 -7.20 -1.12
CA PHE A 9 2.82 -6.82 -2.32
C PHE A 9 2.36 -8.06 -3.09
N ALA A 10 3.18 -9.11 -3.06
CA ALA A 10 2.86 -10.35 -3.75
C ALA A 10 1.67 -11.04 -3.10
N LYS A 11 1.67 -11.11 -1.78
CA LYS A 11 0.58 -11.74 -1.04
C LYS A 11 -0.72 -10.95 -1.20
N ILE A 12 -0.61 -9.63 -1.17
CA ILE A 12 -1.77 -8.76 -1.32
C ILE A 12 -2.44 -8.96 -2.68
N ALA A 13 -1.64 -8.89 -3.74
CA ALA A 13 -2.16 -9.06 -5.09
C ALA A 13 -3.03 -10.31 -5.19
N LYS A 14 -2.50 -11.43 -4.70
CA LYS A 14 -3.22 -12.69 -4.75
C LYS A 14 -4.58 -12.56 -4.07
N ARG A 15 -4.65 -11.72 -3.04
CA ARG A 15 -5.89 -11.50 -2.31
C ARG A 15 -6.83 -10.59 -3.09
N LEU A 16 -6.25 -9.66 -3.85
CA LEU A 16 -7.03 -8.73 -4.65
C LEU A 16 -7.79 -9.45 -5.75
N GLU A 17 -7.42 -10.71 -5.98
CA GLU A 17 -8.06 -11.51 -7.02
C GLU A 17 -9.30 -12.21 -6.46
N SER A 18 -9.45 -12.19 -5.14
CA SER A 18 -10.59 -12.83 -4.49
C SER A 18 -11.62 -11.78 -4.05
N ILE A 19 -11.19 -10.52 -4.04
CA ILE A 19 -12.08 -9.43 -3.65
C ILE A 19 -13.29 -9.35 -4.56
N ASP A 20 -14.44 -9.00 -3.98
CA ASP A 20 -15.68 -8.89 -4.75
C ASP A 20 -16.21 -7.46 -4.70
N PRO A 21 -16.99 -7.09 -5.73
CA PRO A 21 -17.58 -5.74 -5.82
C PRO A 21 -18.67 -5.52 -4.79
N ALA A 22 -19.48 -6.55 -4.54
CA ALA A 22 -20.55 -6.46 -3.57
C ALA A 22 -20.02 -6.11 -2.18
N ASN A 23 -18.73 -6.35 -1.97
CA ASN A 23 -18.09 -6.07 -0.69
C ASN A 23 -17.55 -4.64 -0.66
N ARG A 24 -16.96 -4.26 0.47
CA ARG A 24 -16.40 -2.93 0.63
C ARG A 24 -17.36 -1.87 0.10
N GLN A 25 -16.86 -0.66 -0.09
CA GLN A 25 -17.67 0.44 -0.60
C GLN A 25 -16.88 1.28 -1.60
N VAL A 26 -15.88 1.99 -1.12
CA VAL A 26 -15.05 2.84 -1.98
C VAL A 26 -13.82 2.08 -2.48
N GLU A 27 -13.43 2.36 -3.71
CA GLU A 27 -12.27 1.71 -4.32
C GLU A 27 -11.65 2.59 -5.38
N HIS A 28 -10.37 2.93 -5.20
CA HIS A 28 -9.66 3.77 -6.14
C HIS A 28 -8.20 3.34 -6.26
N VAL A 29 -7.49 3.91 -7.22
CA VAL A 29 -6.08 3.59 -7.43
C VAL A 29 -5.22 4.16 -6.32
N TYR A 30 -4.17 3.42 -5.94
CA TYR A 30 -3.27 3.85 -4.88
C TYR A 30 -1.81 3.76 -5.34
N LYS A 31 -1.00 4.69 -4.86
CA LYS A 31 0.42 4.71 -5.22
C LYS A 31 1.29 4.34 -4.03
N PHE A 32 2.26 3.46 -4.25
CA PHE A 32 3.16 3.02 -3.19
C PHE A 32 4.61 3.35 -3.54
N ARG A 33 5.29 4.02 -2.61
CA ARG A 33 6.68 4.40 -2.81
C ARG A 33 7.61 3.59 -1.90
N ILE A 34 8.53 2.85 -2.49
CA ILE A 34 9.47 2.03 -1.73
C ILE A 34 10.84 2.71 -1.66
N THR A 35 11.23 3.10 -0.44
CA THR A 35 12.51 3.75 -0.23
C THR A 35 13.46 2.86 0.57
N GLN A 36 14.74 2.96 0.27
CA GLN A 36 15.76 2.15 0.96
C GLN A 36 16.37 2.94 2.11
N GLY A 37 15.91 2.66 3.33
CA GLY A 37 16.43 3.36 4.49
C GLY A 37 15.88 4.76 4.64
N GLY A 38 15.58 5.39 3.51
CA GLY A 38 15.05 6.75 3.53
C GLY A 38 15.07 7.40 2.17
N LYS A 39 15.67 6.73 1.20
CA LYS A 39 15.76 7.25 -0.16
C LYS A 39 14.97 6.38 -1.14
N VAL A 40 14.03 6.98 -1.84
CA VAL A 40 13.21 6.25 -2.81
C VAL A 40 14.08 5.42 -3.74
N VAL A 41 13.66 4.18 -3.99
CA VAL A 41 14.40 3.28 -4.87
C VAL A 41 13.52 2.80 -6.02
N LYS A 42 12.20 2.83 -5.80
CA LYS A 42 11.26 2.39 -6.81
C LYS A 42 9.84 2.82 -6.45
N ASN A 43 8.95 2.82 -7.44
CA ASN A 43 7.56 3.19 -7.23
C ASN A 43 6.61 2.15 -7.79
N TRP A 44 5.61 1.77 -7.00
CA TRP A 44 4.64 0.78 -7.42
C TRP A 44 3.24 1.39 -7.51
N VAL A 45 2.45 0.92 -8.47
CA VAL A 45 1.10 1.41 -8.66
C VAL A 45 0.08 0.28 -8.61
N MET A 46 -1.04 0.53 -7.94
CA MET A 46 -2.10 -0.48 -7.82
C MET A 46 -3.18 -0.25 -8.86
N ASP A 47 -3.33 -1.22 -9.77
CA ASP A 47 -4.34 -1.12 -10.82
C ASP A 47 -5.72 -1.48 -10.29
N LEU A 48 -6.64 -0.53 -10.39
CA LEU A 48 -8.01 -0.75 -9.91
C LEU A 48 -8.89 -1.31 -11.02
N LYS A 49 -8.45 -1.14 -12.26
CA LYS A 49 -9.20 -1.63 -13.41
C LYS A 49 -9.01 -3.14 -13.58
N ASN A 50 -7.78 -3.60 -13.39
CA ASN A 50 -7.47 -5.02 -13.51
C ASN A 50 -7.32 -5.67 -12.15
N VAL A 51 -7.19 -4.83 -11.11
CA VAL A 51 -7.05 -5.33 -9.75
C VAL A 51 -5.72 -6.08 -9.58
N LYS A 52 -4.69 -5.60 -10.25
CA LYS A 52 -3.37 -6.23 -10.17
C LYS A 52 -2.30 -5.21 -9.82
N LEU A 53 -1.17 -5.69 -9.32
CA LEU A 53 -0.06 -4.82 -8.95
C LEU A 53 1.01 -4.80 -10.04
N VAL A 54 1.47 -3.61 -10.38
CA VAL A 54 2.51 -3.45 -11.41
C VAL A 54 3.39 -2.25 -11.12
N GLU A 55 4.48 -2.12 -11.87
CA GLU A 55 5.41 -1.02 -11.70
C GLU A 55 5.09 0.12 -12.68
N SER A 56 4.53 1.19 -12.16
CA SER A 56 4.17 2.34 -12.98
C SER A 56 4.28 3.64 -12.19
N ASP A 57 4.18 4.77 -12.89
CA ASP A 57 4.27 6.07 -12.25
C ASP A 57 2.95 6.83 -12.37
N ASP A 58 1.91 6.13 -12.84
CA ASP A 58 0.60 6.74 -13.00
C ASP A 58 0.15 7.43 -11.72
N ALA A 59 -0.80 8.35 -11.85
CA ALA A 59 -1.32 9.08 -10.71
C ALA A 59 -2.24 8.21 -9.86
N ALA A 60 -2.72 8.76 -8.75
CA ALA A 60 -3.61 8.03 -7.86
C ALA A 60 -4.31 8.97 -6.89
N GLU A 61 -5.44 8.53 -6.35
CA GLU A 61 -6.21 9.34 -5.41
C GLU A 61 -5.38 9.68 -4.18
N ALA A 62 -4.35 8.88 -3.93
CA ALA A 62 -3.47 9.11 -2.78
C ALA A 62 -2.12 8.44 -2.99
N THR A 63 -1.12 8.87 -2.23
CA THR A 63 0.22 8.32 -2.33
C THR A 63 0.74 7.87 -0.97
N LEU A 64 1.29 6.66 -0.92
CA LEU A 64 1.82 6.12 0.33
C LEU A 64 3.32 5.83 0.20
N THR A 65 4.12 6.58 0.95
CA THR A 65 5.56 6.41 0.92
C THR A 65 6.08 5.80 2.23
N MET A 66 6.85 4.73 2.11
CA MET A 66 7.39 4.06 3.28
C MET A 66 8.61 3.20 2.91
N GLU A 67 9.53 3.06 3.84
CA GLU A 67 10.74 2.28 3.61
C GLU A 67 10.40 0.81 3.37
N ASP A 68 11.40 0.03 2.94
CA ASP A 68 11.21 -1.38 2.67
C ASP A 68 10.97 -2.15 3.96
N ASP A 69 11.84 -1.94 4.94
CA ASP A 69 11.72 -2.61 6.23
C ASP A 69 10.49 -2.13 6.98
N ILE A 70 10.10 -0.88 6.73
CA ILE A 70 8.93 -0.29 7.39
C ILE A 70 7.65 -0.76 6.73
N MET A 71 7.58 -0.62 5.41
CA MET A 71 6.39 -1.03 4.66
C MET A 71 6.03 -2.48 4.97
N PHE A 72 7.03 -3.29 5.28
CA PHE A 72 6.81 -4.70 5.60
C PHE A 72 6.08 -4.85 6.92
N ALA A 73 6.48 -4.06 7.91
CA ALA A 73 5.85 -4.11 9.23
C ALA A 73 4.34 -3.88 9.12
N ILE A 74 3.95 -2.84 8.40
CA ILE A 74 2.54 -2.52 8.23
C ILE A 74 1.91 -3.40 7.16
N GLY A 75 2.71 -3.83 6.19
CA GLY A 75 2.21 -4.68 5.13
C GLY A 75 1.80 -6.05 5.63
N THR A 76 2.52 -6.56 6.63
CA THR A 76 2.24 -7.87 7.19
C THR A 76 1.37 -7.75 8.44
N GLY A 77 0.97 -6.53 8.77
CA GLY A 77 0.14 -6.31 9.94
C GLY A 77 0.95 -6.26 11.22
N ALA A 78 2.25 -6.49 11.11
CA ALA A 78 3.14 -6.46 12.27
C ALA A 78 2.94 -5.18 13.08
N LEU A 79 3.48 -4.08 12.56
CA LEU A 79 3.36 -2.80 13.24
C LEU A 79 2.11 -2.06 12.80
N PRO A 80 1.47 -1.35 13.74
CA PRO A 80 0.25 -0.57 13.47
C PRO A 80 0.53 0.65 12.60
N ALA A 81 -0.18 0.74 11.48
CA ALA A 81 -0.02 1.87 10.56
C ALA A 81 -0.28 3.19 11.27
N LYS A 82 -1.08 3.14 12.33
CA LYS A 82 -1.41 4.35 13.09
C LYS A 82 -0.18 4.88 13.81
N GLU A 83 0.53 4.00 14.51
CA GLU A 83 1.73 4.39 15.24
C GLU A 83 2.81 4.89 14.27
N ALA A 84 3.14 4.07 13.28
CA ALA A 84 4.14 4.43 12.30
C ALA A 84 3.90 5.83 11.74
N MET A 85 2.63 6.17 11.54
CA MET A 85 2.27 7.49 11.02
C MET A 85 2.55 8.58 12.04
N ALA A 86 2.28 8.28 13.31
CA ALA A 86 2.51 9.23 14.38
C ALA A 86 3.99 9.32 14.73
N GLN A 87 4.76 8.31 14.34
CA GLN A 87 6.19 8.27 14.62
C GLN A 87 6.97 8.96 13.50
N ASP A 88 6.25 9.60 12.59
CA ASP A 88 6.88 10.31 11.48
C ASP A 88 7.72 9.35 10.64
N LYS A 89 7.43 8.06 10.75
CA LYS A 89 8.16 7.04 10.00
C LYS A 89 7.44 6.72 8.70
N MET A 90 6.33 7.40 8.45
CA MET A 90 5.55 7.18 7.23
C MET A 90 4.64 8.38 6.95
N GLU A 91 4.47 8.68 5.67
CA GLU A 91 3.62 9.80 5.27
C GLU A 91 2.72 9.40 4.11
N VAL A 92 1.68 10.21 3.87
CA VAL A 92 0.74 9.95 2.79
C VAL A 92 0.23 11.25 2.17
N ASP A 93 -0.03 11.21 0.87
CA ASP A 93 -0.53 12.38 0.15
C ASP A 93 -1.87 12.09 -0.50
N GLY A 94 -2.52 13.13 -1.00
CA GLY A 94 -3.81 12.97 -1.65
C GLY A 94 -4.96 13.35 -0.75
N GLN A 95 -5.81 12.38 -0.45
CA GLN A 95 -6.97 12.61 0.41
C GLN A 95 -6.83 11.87 1.74
N VAL A 96 -6.71 12.63 2.83
CA VAL A 96 -6.55 12.05 4.15
C VAL A 96 -7.55 10.92 4.38
N GLU A 97 -8.82 11.19 4.07
CA GLU A 97 -9.87 10.19 4.24
C GLU A 97 -9.58 8.96 3.40
N LEU A 98 -9.43 9.15 2.09
CA LEU A 98 -9.15 8.04 1.18
C LEU A 98 -7.97 7.20 1.69
N ILE A 99 -7.04 7.87 2.37
CA ILE A 99 -5.87 7.18 2.91
C ILE A 99 -6.24 6.27 4.08
N PHE A 100 -6.96 6.84 5.05
CA PHE A 100 -7.38 6.09 6.23
C PHE A 100 -8.44 5.05 5.84
N LEU A 101 -9.12 5.29 4.73
CA LEU A 101 -10.16 4.38 4.27
C LEU A 101 -9.60 2.98 4.02
N LEU A 102 -8.28 2.89 3.90
CA LEU A 102 -7.62 1.61 3.67
C LEU A 102 -7.14 1.00 4.99
N GLU A 103 -6.84 1.87 5.96
CA GLU A 103 -6.38 1.42 7.26
C GLU A 103 -7.12 0.16 7.70
N PRO A 104 -8.45 0.25 7.75
CA PRO A 104 -9.30 -0.88 8.16
C PRO A 104 -9.32 -1.99 7.12
N PHE A 105 -9.19 -1.62 5.85
CA PHE A 105 -9.19 -2.59 4.75
C PHE A 105 -8.07 -3.60 4.93
N ILE A 106 -7.04 -3.22 5.68
CA ILE A 106 -5.90 -4.09 5.92
C ILE A 106 -6.33 -5.36 6.64
N ALA A 107 -7.42 -5.27 7.40
CA ALA A 107 -7.93 -6.42 8.14
C ALA A 107 -8.40 -7.52 7.20
N SER A 108 -8.92 -7.11 6.04
CA SER A 108 -9.40 -8.07 5.05
C SER A 108 -8.25 -8.81 4.38
N LEU A 109 -7.20 -8.05 4.03
CA LEU A 109 -6.03 -8.64 3.39
C LEU A 109 -5.37 -9.66 4.30
N LYS A 110 -5.73 -10.93 4.13
CA LYS A 110 -5.17 -12.00 4.92
C LYS A 110 -5.48 -11.81 6.40
N MET A 1 18.25 -6.68 -7.27
CA MET A 1 17.94 -6.38 -5.88
C MET A 1 16.49 -6.73 -5.56
N SER A 2 16.23 -7.10 -4.31
CA SER A 2 14.88 -7.46 -3.88
C SER A 2 14.51 -6.74 -2.59
N LEU A 3 13.26 -6.34 -2.47
CA LEU A 3 12.77 -5.63 -1.30
C LEU A 3 11.78 -6.50 -0.52
N LYS A 4 11.83 -6.40 0.81
CA LYS A 4 10.94 -7.17 1.67
C LYS A 4 9.48 -6.83 1.37
N SER A 5 9.22 -5.57 1.04
CA SER A 5 7.87 -5.13 0.73
C SER A 5 7.25 -5.99 -0.37
N ASP A 6 8.10 -6.51 -1.25
CA ASP A 6 7.64 -7.35 -2.36
C ASP A 6 6.81 -8.52 -1.84
N GLU A 7 7.25 -9.11 -0.72
CA GLU A 7 6.56 -10.23 -0.12
C GLU A 7 5.12 -9.87 0.23
N VAL A 8 4.92 -8.63 0.68
CA VAL A 8 3.59 -8.16 1.05
C VAL A 8 2.76 -7.82 -0.20
N PHE A 9 3.40 -7.19 -1.18
CA PHE A 9 2.72 -6.81 -2.41
C PHE A 9 2.31 -8.05 -3.20
N ALA A 10 3.19 -9.04 -3.23
CA ALA A 10 2.91 -10.28 -3.95
C ALA A 10 1.69 -10.99 -3.36
N LYS A 11 1.71 -11.18 -2.05
CA LYS A 11 0.60 -11.86 -1.36
C LYS A 11 -0.69 -11.06 -1.50
N ILE A 12 -0.57 -9.73 -1.48
CA ILE A 12 -1.72 -8.86 -1.60
C ILE A 12 -2.30 -8.90 -3.01
N ALA A 13 -1.42 -8.88 -4.01
CA ALA A 13 -1.84 -8.93 -5.40
C ALA A 13 -2.67 -10.18 -5.68
N LYS A 14 -2.13 -11.33 -5.33
CA LYS A 14 -2.81 -12.61 -5.55
C LYS A 14 -4.16 -12.61 -4.84
N ARG A 15 -4.19 -12.12 -3.61
CA ARG A 15 -5.42 -12.06 -2.83
C ARG A 15 -6.44 -11.16 -3.50
N LEU A 16 -5.98 -10.17 -4.24
CA LEU A 16 -6.85 -9.24 -4.92
C LEU A 16 -7.48 -9.89 -6.15
N GLU A 17 -6.97 -11.07 -6.51
CA GLU A 17 -7.48 -11.80 -7.67
C GLU A 17 -8.79 -12.51 -7.33
N SER A 18 -9.09 -12.61 -6.04
CA SER A 18 -10.29 -13.28 -5.58
C SER A 18 -11.38 -12.27 -5.25
N ILE A 19 -11.06 -10.99 -5.42
CA ILE A 19 -12.01 -9.93 -5.13
C ILE A 19 -13.28 -10.08 -5.96
N ASP A 20 -14.43 -9.79 -5.34
CA ASP A 20 -15.71 -9.91 -6.02
C ASP A 20 -16.42 -8.56 -6.06
N PRO A 21 -17.28 -8.37 -7.07
CA PRO A 21 -18.04 -7.13 -7.24
C PRO A 21 -19.12 -6.96 -6.18
N ALA A 22 -19.79 -8.05 -5.84
CA ALA A 22 -20.85 -8.01 -4.83
C ALA A 22 -20.29 -7.59 -3.48
N ASN A 23 -19.26 -8.30 -3.02
CA ASN A 23 -18.64 -8.00 -1.73
C ASN A 23 -17.60 -6.90 -1.88
N ARG A 24 -17.85 -5.75 -1.25
CA ARG A 24 -16.93 -4.63 -1.31
C ARG A 24 -17.46 -3.44 -0.52
N GLN A 25 -16.79 -2.30 -0.64
CA GLN A 25 -17.19 -1.10 0.07
C GLN A 25 -16.61 0.15 -0.59
N VAL A 26 -15.33 0.08 -0.94
CA VAL A 26 -14.65 1.20 -1.58
C VAL A 26 -13.29 0.78 -2.13
N GLU A 27 -12.98 1.25 -3.34
CA GLU A 27 -11.71 0.93 -3.98
C GLU A 27 -11.19 2.10 -4.79
N HIS A 28 -9.99 2.58 -4.42
CA HIS A 28 -9.38 3.70 -5.11
C HIS A 28 -7.91 3.43 -5.40
N VAL A 29 -7.42 3.95 -6.52
CA VAL A 29 -6.03 3.76 -6.92
C VAL A 29 -5.08 4.36 -5.88
N TYR A 30 -4.09 3.58 -5.49
CA TYR A 30 -3.11 4.04 -4.50
C TYR A 30 -1.68 3.78 -4.99
N LYS A 31 -0.79 4.72 -4.70
CA LYS A 31 0.60 4.61 -5.10
C LYS A 31 1.48 4.22 -3.92
N PHE A 32 2.44 3.34 -4.16
CA PHE A 32 3.35 2.88 -3.13
C PHE A 32 4.80 3.21 -3.48
N ARG A 33 5.48 3.90 -2.56
CA ARG A 33 6.87 4.29 -2.78
C ARG A 33 7.78 3.59 -1.78
N ILE A 34 8.66 2.74 -2.28
CA ILE A 34 9.60 2.01 -1.44
C ILE A 34 10.95 2.72 -1.36
N THR A 35 11.34 3.09 -0.15
CA THR A 35 12.61 3.78 0.07
C THR A 35 13.57 2.92 0.86
N GLN A 36 14.87 3.07 0.58
CA GLN A 36 15.90 2.30 1.28
C GLN A 36 16.51 3.12 2.41
N GLY A 37 16.07 2.86 3.63
CA GLY A 37 16.58 3.58 4.78
C GLY A 37 16.00 4.98 4.89
N GLY A 38 15.66 5.57 3.76
CA GLY A 38 15.10 6.91 3.77
C GLY A 38 15.10 7.55 2.39
N LYS A 39 15.70 6.85 1.42
CA LYS A 39 15.77 7.36 0.05
C LYS A 39 14.97 6.47 -0.89
N VAL A 40 14.05 7.08 -1.63
CA VAL A 40 13.22 6.33 -2.58
C VAL A 40 14.08 5.58 -3.58
N VAL A 41 13.66 4.36 -3.92
CA VAL A 41 14.38 3.52 -4.85
C VAL A 41 13.49 3.09 -6.01
N LYS A 42 12.20 3.01 -5.75
CA LYS A 42 11.23 2.61 -6.77
C LYS A 42 9.82 3.01 -6.37
N ASN A 43 8.90 2.97 -7.32
CA ASN A 43 7.51 3.34 -7.07
C ASN A 43 6.56 2.37 -7.78
N TRP A 44 5.63 1.80 -7.03
CA TRP A 44 4.66 0.86 -7.59
C TRP A 44 3.28 1.50 -7.69
N VAL A 45 2.47 1.01 -8.62
CA VAL A 45 1.12 1.54 -8.81
C VAL A 45 0.08 0.45 -8.61
N MET A 46 -1.03 0.80 -7.97
CA MET A 46 -2.10 -0.15 -7.72
C MET A 46 -3.32 0.16 -8.59
N ASP A 47 -3.69 -0.79 -9.43
CA ASP A 47 -4.84 -0.62 -10.32
C ASP A 47 -6.12 -0.41 -9.52
N LEU A 48 -7.27 -0.58 -10.17
CA LEU A 48 -8.55 -0.40 -9.53
C LEU A 48 -9.65 -1.12 -10.30
N LYS A 49 -9.69 -0.92 -11.61
CA LYS A 49 -10.68 -1.55 -12.46
C LYS A 49 -10.38 -3.03 -12.66
N ASN A 50 -9.09 -3.37 -12.61
CA ASN A 50 -8.65 -4.76 -12.77
C ASN A 50 -8.29 -5.39 -11.43
N VAL A 51 -7.96 -4.54 -10.46
CA VAL A 51 -7.60 -5.01 -9.13
C VAL A 51 -6.29 -5.79 -9.16
N LYS A 52 -5.28 -5.21 -9.80
CA LYS A 52 -3.97 -5.85 -9.90
C LYS A 52 -2.85 -4.85 -9.59
N LEU A 53 -1.69 -5.38 -9.24
CA LEU A 53 -0.54 -4.54 -8.92
C LEU A 53 0.53 -4.65 -10.00
N VAL A 54 1.06 -3.51 -10.42
CA VAL A 54 2.10 -3.48 -11.45
C VAL A 54 3.10 -2.36 -11.18
N GLU A 55 4.28 -2.48 -11.80
CA GLU A 55 5.32 -1.48 -11.62
C GLU A 55 5.17 -0.34 -12.63
N SER A 56 4.71 0.81 -12.14
CA SER A 56 4.51 1.98 -12.99
C SER A 56 4.61 3.27 -12.19
N ASP A 57 4.62 4.39 -12.88
CA ASP A 57 4.71 5.69 -12.23
C ASP A 57 3.41 6.49 -12.41
N ASP A 58 2.39 5.83 -12.94
CA ASP A 58 1.10 6.47 -13.17
C ASP A 58 0.61 7.17 -11.90
N ALA A 59 -0.25 8.16 -12.08
CA ALA A 59 -0.79 8.91 -10.95
C ALA A 59 -1.80 8.07 -10.17
N ALA A 60 -2.27 8.61 -9.05
CA ALA A 60 -3.25 7.92 -8.22
C ALA A 60 -3.97 8.89 -7.29
N GLU A 61 -5.10 8.45 -6.74
CA GLU A 61 -5.89 9.28 -5.84
C GLU A 61 -5.05 9.71 -4.64
N ALA A 62 -4.00 8.96 -4.35
CA ALA A 62 -3.12 9.27 -3.23
C ALA A 62 -1.78 8.55 -3.37
N THR A 63 -0.78 9.04 -2.64
CA THR A 63 0.55 8.45 -2.68
C THR A 63 1.03 8.05 -1.29
N LEU A 64 1.53 6.83 -1.15
CA LEU A 64 2.01 6.34 0.12
C LEU A 64 3.50 6.00 0.04
N THR A 65 4.32 6.82 0.68
CA THR A 65 5.77 6.61 0.69
C THR A 65 6.26 6.21 2.08
N MET A 66 7.01 5.11 2.15
CA MET A 66 7.53 4.63 3.42
C MET A 66 8.71 3.67 3.20
N GLU A 67 9.53 3.51 4.22
CA GLU A 67 10.68 2.61 4.13
C GLU A 67 10.23 1.17 3.88
N ASP A 68 11.19 0.33 3.48
CA ASP A 68 10.89 -1.07 3.21
C ASP A 68 10.56 -1.81 4.50
N ASP A 69 11.41 -1.63 5.52
CA ASP A 69 11.21 -2.28 6.80
C ASP A 69 9.87 -1.89 7.41
N ILE A 70 9.46 -0.64 7.18
CA ILE A 70 8.19 -0.15 7.70
C ILE A 70 7.01 -0.73 6.94
N MET A 71 7.06 -0.61 5.61
CA MET A 71 6.00 -1.12 4.76
C MET A 71 5.70 -2.59 5.08
N PHE A 72 6.75 -3.34 5.39
CA PHE A 72 6.60 -4.75 5.72
C PHE A 72 5.78 -4.93 7.00
N ALA A 73 6.07 -4.11 7.99
CA ALA A 73 5.36 -4.18 9.26
C ALA A 73 3.85 -4.04 9.06
N ILE A 74 3.47 -3.05 8.27
CA ILE A 74 2.05 -2.80 8.00
C ILE A 74 1.46 -3.90 7.12
N GLY A 75 2.34 -4.63 6.44
CA GLY A 75 1.89 -5.70 5.56
C GLY A 75 1.75 -7.02 6.29
N THR A 76 2.62 -7.26 7.26
CA THR A 76 2.58 -8.49 8.03
C THR A 76 1.79 -8.31 9.32
N GLY A 77 0.86 -7.37 9.31
CA GLY A 77 0.04 -7.11 10.49
C GLY A 77 0.88 -6.89 11.73
N ALA A 78 2.13 -6.48 11.54
CA ALA A 78 3.04 -6.24 12.66
C ALA A 78 2.79 -4.87 13.27
N LEU A 79 3.26 -3.83 12.59
CA LEU A 79 3.09 -2.46 13.07
C LEU A 79 1.97 -1.75 12.32
N PRO A 80 1.13 -1.03 13.07
CA PRO A 80 0.00 -0.29 12.49
C PRO A 80 0.45 0.91 11.66
N ALA A 81 -0.14 1.08 10.48
CA ALA A 81 0.20 2.18 9.60
C ALA A 81 0.06 3.52 10.31
N LYS A 82 -0.82 3.55 11.31
CA LYS A 82 -1.05 4.78 12.07
C LYS A 82 0.19 5.18 12.85
N GLU A 83 0.69 4.28 13.69
CA GLU A 83 1.87 4.54 14.49
C GLU A 83 3.04 4.97 13.60
N ALA A 84 3.34 4.14 12.60
CA ALA A 84 4.44 4.43 11.69
C ALA A 84 4.34 5.84 11.13
N MET A 85 3.12 6.26 10.80
CA MET A 85 2.89 7.59 10.25
C MET A 85 3.00 8.64 11.35
N ALA A 86 2.64 8.26 12.57
CA ALA A 86 2.70 9.17 13.71
C ALA A 86 4.15 9.42 14.14
N GLN A 87 5.03 8.47 13.84
CA GLN A 87 6.43 8.59 14.19
C GLN A 87 7.23 9.23 13.06
N ASP A 88 6.52 9.84 12.12
CA ASP A 88 7.16 10.51 10.99
C ASP A 88 7.99 9.51 10.18
N LYS A 89 7.67 8.23 10.32
CA LYS A 89 8.38 7.18 9.59
C LYS A 89 7.71 6.87 8.27
N MET A 90 6.66 7.62 7.96
CA MET A 90 5.92 7.43 6.71
C MET A 90 5.02 8.63 6.41
N GLU A 91 4.86 8.95 5.14
CA GLU A 91 4.02 10.07 4.74
C GLU A 91 3.00 9.64 3.69
N VAL A 92 1.97 10.45 3.51
CA VAL A 92 0.92 10.16 2.54
C VAL A 92 0.43 11.43 1.85
N ASP A 93 0.14 11.31 0.56
CA ASP A 93 -0.34 12.45 -0.22
C ASP A 93 -1.71 12.16 -0.83
N GLY A 94 -2.36 13.19 -1.36
CA GLY A 94 -3.66 13.02 -1.97
C GLY A 94 -4.79 13.34 -1.01
N GLN A 95 -5.59 12.33 -0.69
CA GLN A 95 -6.71 12.50 0.22
C GLN A 95 -6.51 11.68 1.50
N VAL A 96 -6.28 12.39 2.60
CA VAL A 96 -6.08 11.73 3.89
C VAL A 96 -7.30 10.92 4.29
N GLU A 97 -8.44 11.20 3.67
CA GLU A 97 -9.67 10.49 3.96
C GLU A 97 -9.56 9.02 3.55
N LEU A 98 -8.87 8.78 2.45
CA LEU A 98 -8.69 7.41 1.95
C LEU A 98 -7.72 6.64 2.82
N ILE A 99 -6.79 7.36 3.46
CA ILE A 99 -5.80 6.74 4.33
C ILE A 99 -6.48 5.89 5.40
N PHE A 100 -7.43 6.48 6.11
CA PHE A 100 -8.14 5.77 7.17
C PHE A 100 -9.07 4.71 6.58
N LEU A 101 -9.54 4.95 5.36
CA LEU A 101 -10.43 4.02 4.69
C LEU A 101 -9.74 2.68 4.43
N LEU A 102 -8.41 2.72 4.37
CA LEU A 102 -7.62 1.52 4.13
C LEU A 102 -7.29 0.81 5.44
N GLU A 103 -7.14 1.59 6.50
CA GLU A 103 -6.83 1.03 7.82
C GLU A 103 -7.55 -0.30 8.03
N PRO A 104 -8.88 -0.27 7.93
CA PRO A 104 -9.71 -1.47 8.11
C PRO A 104 -9.55 -2.46 6.96
N PHE A 105 -9.29 -1.94 5.76
CA PHE A 105 -9.11 -2.78 4.58
C PHE A 105 -7.97 -3.77 4.78
N ILE A 106 -7.06 -3.42 5.69
CA ILE A 106 -5.91 -4.28 5.98
C ILE A 106 -6.35 -5.70 6.33
N ALA A 107 -7.57 -5.82 6.87
CA ALA A 107 -8.11 -7.11 7.25
C ALA A 107 -8.08 -8.08 6.08
N SER A 108 -8.10 -7.54 4.86
CA SER A 108 -8.09 -8.37 3.66
C SER A 108 -6.84 -9.25 3.63
N LEU A 109 -5.69 -8.62 3.46
CA LEU A 109 -4.42 -9.34 3.41
C LEU A 109 -3.25 -8.38 3.23
N LYS A 110 -3.36 -7.20 3.82
CA LYS A 110 -2.31 -6.19 3.73
C LYS A 110 -1.68 -5.94 5.10
N MET A 1 19.29 -5.63 -6.48
CA MET A 1 18.74 -5.27 -5.17
C MET A 1 17.32 -5.82 -5.01
N SER A 2 17.05 -6.38 -3.83
CA SER A 2 15.75 -6.95 -3.54
C SER A 2 15.15 -6.32 -2.28
N LEU A 3 13.88 -5.95 -2.36
CA LEU A 3 13.19 -5.34 -1.22
C LEU A 3 12.29 -6.35 -0.52
N LYS A 4 12.41 -6.43 0.80
CA LYS A 4 11.59 -7.35 1.58
C LYS A 4 10.11 -7.12 1.35
N SER A 5 9.75 -5.86 1.12
CA SER A 5 8.36 -5.49 0.88
C SER A 5 7.82 -6.20 -0.36
N ASP A 6 8.72 -6.72 -1.18
CA ASP A 6 8.33 -7.41 -2.40
C ASP A 6 7.34 -8.54 -2.08
N GLU A 7 7.58 -9.22 -0.97
CA GLU A 7 6.71 -10.32 -0.56
C GLU A 7 5.30 -9.82 -0.25
N VAL A 8 5.23 -8.69 0.45
CA VAL A 8 3.94 -8.10 0.81
C VAL A 8 3.08 -7.85 -0.43
N PHE A 9 3.67 -7.22 -1.43
CA PHE A 9 2.96 -6.92 -2.67
C PHE A 9 2.48 -8.19 -3.34
N ALA A 10 3.26 -9.26 -3.21
CA ALA A 10 2.91 -10.54 -3.81
C ALA A 10 1.69 -11.15 -3.11
N LYS A 11 1.71 -11.14 -1.79
CA LYS A 11 0.60 -11.70 -1.00
C LYS A 11 -0.64 -10.82 -1.12
N ILE A 12 -0.46 -9.51 -0.95
CA ILE A 12 -1.56 -8.57 -1.04
C ILE A 12 -2.27 -8.69 -2.39
N ALA A 13 -1.50 -8.86 -3.45
CA ALA A 13 -2.05 -8.99 -4.79
C ALA A 13 -2.93 -10.22 -4.90
N LYS A 14 -2.45 -11.35 -4.40
CA LYS A 14 -3.20 -12.60 -4.44
C LYS A 14 -4.57 -12.43 -3.78
N ARG A 15 -4.64 -11.53 -2.80
CA ARG A 15 -5.88 -11.28 -2.10
C ARG A 15 -6.84 -10.43 -2.94
N LEU A 16 -6.27 -9.52 -3.72
CA LEU A 16 -7.06 -8.66 -4.58
C LEU A 16 -7.85 -9.47 -5.61
N GLU A 17 -7.38 -10.68 -5.88
CA GLU A 17 -8.03 -11.57 -6.83
C GLU A 17 -9.23 -12.27 -6.20
N SER A 18 -9.38 -12.11 -4.89
CA SER A 18 -10.48 -12.73 -4.16
C SER A 18 -11.62 -11.74 -3.94
N ILE A 19 -11.33 -10.46 -4.16
CA ILE A 19 -12.32 -9.41 -4.00
C ILE A 19 -13.57 -9.69 -4.85
N ASP A 20 -14.73 -9.36 -4.30
CA ASP A 20 -15.99 -9.56 -5.01
C ASP A 20 -16.75 -8.25 -5.17
N PRO A 21 -17.57 -8.16 -6.23
CA PRO A 21 -18.37 -6.97 -6.52
C PRO A 21 -19.50 -6.77 -5.50
N ALA A 22 -19.95 -7.86 -4.91
CA ALA A 22 -21.02 -7.80 -3.91
C ALA A 22 -20.63 -6.91 -2.74
N ASN A 23 -19.49 -7.22 -2.12
CA ASN A 23 -19.01 -6.45 -0.98
C ASN A 23 -17.80 -5.60 -1.38
N ARG A 24 -17.97 -4.29 -1.32
CA ARG A 24 -16.89 -3.36 -1.67
C ARG A 24 -17.19 -1.95 -1.16
N GLN A 25 -16.90 -1.72 0.12
CA GLN A 25 -17.14 -0.41 0.73
C GLN A 25 -16.47 0.69 -0.08
N VAL A 26 -15.16 0.57 -0.29
CA VAL A 26 -14.41 1.56 -1.04
C VAL A 26 -13.11 0.97 -1.57
N GLU A 27 -12.67 1.47 -2.72
CA GLU A 27 -11.43 1.00 -3.34
C GLU A 27 -10.96 1.96 -4.43
N HIS A 28 -9.76 2.50 -4.26
CA HIS A 28 -9.19 3.43 -5.23
C HIS A 28 -7.70 3.16 -5.44
N VAL A 29 -7.14 3.73 -6.50
CA VAL A 29 -5.73 3.55 -6.81
C VAL A 29 -4.84 4.12 -5.70
N TYR A 30 -3.86 3.34 -5.27
CA TYR A 30 -2.95 3.75 -4.22
C TYR A 30 -1.50 3.49 -4.62
N LYS A 31 -0.66 4.50 -4.50
CA LYS A 31 0.76 4.38 -4.85
C LYS A 31 1.57 3.98 -3.63
N PHE A 32 2.51 3.06 -3.83
CA PHE A 32 3.37 2.58 -2.74
C PHE A 32 4.83 2.66 -3.14
N ARG A 33 5.51 3.70 -2.67
CA ARG A 33 6.93 3.88 -2.97
C ARG A 33 7.79 3.53 -1.77
N ILE A 34 8.79 2.68 -1.98
CA ILE A 34 9.69 2.26 -0.91
C ILE A 34 11.04 2.96 -1.04
N THR A 35 11.53 3.49 0.08
CA THR A 35 12.81 4.18 0.10
C THR A 35 13.88 3.32 0.77
N GLN A 36 15.09 3.37 0.22
CA GLN A 36 16.21 2.61 0.77
C GLN A 36 16.94 3.39 1.85
N GLY A 37 16.67 3.07 3.11
CA GLY A 37 17.31 3.76 4.20
C GLY A 37 16.70 5.12 4.47
N GLY A 38 16.41 5.85 3.40
CA GLY A 38 15.83 7.17 3.54
C GLY A 38 15.61 7.85 2.21
N LYS A 39 16.00 7.19 1.14
CA LYS A 39 15.85 7.74 -0.21
C LYS A 39 15.03 6.81 -1.09
N VAL A 40 14.02 7.36 -1.76
CA VAL A 40 13.17 6.58 -2.65
C VAL A 40 13.98 5.80 -3.67
N VAL A 41 13.62 4.54 -3.88
CA VAL A 41 14.32 3.69 -4.84
C VAL A 41 13.41 3.29 -5.99
N LYS A 42 12.12 3.21 -5.70
CA LYS A 42 11.14 2.83 -6.72
C LYS A 42 9.72 3.10 -6.22
N ASN A 43 8.79 3.25 -7.16
CA ASN A 43 7.39 3.50 -6.81
C ASN A 43 6.47 2.50 -7.50
N TRP A 44 5.57 1.91 -6.73
CA TRP A 44 4.62 0.94 -7.27
C TRP A 44 3.22 1.53 -7.37
N VAL A 45 2.44 1.02 -8.32
CA VAL A 45 1.08 1.50 -8.53
C VAL A 45 0.11 0.34 -8.73
N MET A 46 -0.93 0.30 -7.91
CA MET A 46 -1.93 -0.75 -8.00
C MET A 46 -3.15 -0.29 -8.79
N ASP A 47 -3.55 -1.08 -9.78
CA ASP A 47 -4.70 -0.74 -10.61
C ASP A 47 -5.97 -0.65 -9.77
N LEU A 48 -7.12 -0.69 -10.43
CA LEU A 48 -8.40 -0.60 -9.74
C LEU A 48 -9.50 -1.29 -10.55
N LYS A 49 -9.52 -1.04 -11.85
CA LYS A 49 -10.51 -1.63 -12.73
C LYS A 49 -10.18 -3.09 -13.02
N ASN A 50 -8.89 -3.40 -13.03
CA ASN A 50 -8.43 -4.76 -13.30
C ASN A 50 -8.10 -5.49 -12.00
N VAL A 51 -7.88 -4.72 -10.93
CA VAL A 51 -7.56 -5.29 -9.63
C VAL A 51 -6.22 -6.02 -9.66
N LYS A 52 -5.22 -5.36 -10.24
CA LYS A 52 -3.88 -5.94 -10.32
C LYS A 52 -2.81 -4.89 -10.02
N LEU A 53 -1.70 -5.35 -9.47
CA LEU A 53 -0.59 -4.45 -9.13
C LEU A 53 0.50 -4.49 -10.19
N VAL A 54 1.00 -3.31 -10.56
CA VAL A 54 2.05 -3.21 -11.57
C VAL A 54 3.01 -2.08 -11.24
N GLU A 55 4.19 -2.12 -11.87
CA GLU A 55 5.20 -1.09 -11.65
C GLU A 55 4.99 0.09 -12.60
N SER A 56 4.50 1.20 -12.06
CA SER A 56 4.25 2.39 -12.85
C SER A 56 4.35 3.64 -11.99
N ASP A 57 4.35 4.81 -12.65
CA ASP A 57 4.44 6.08 -11.95
C ASP A 57 3.23 6.96 -12.25
N ASP A 58 2.27 6.40 -12.98
CA ASP A 58 1.07 7.14 -13.35
C ASP A 58 0.42 7.77 -12.12
N ALA A 59 -0.49 8.71 -12.35
CA ALA A 59 -1.17 9.40 -11.26
C ALA A 59 -1.96 8.41 -10.40
N ALA A 60 -2.39 8.87 -9.23
CA ALA A 60 -3.14 8.03 -8.32
C ALA A 60 -3.94 8.87 -7.33
N GLU A 61 -5.00 8.29 -6.76
CA GLU A 61 -5.84 8.98 -5.81
C GLU A 61 -5.02 9.47 -4.61
N ALA A 62 -3.94 8.74 -4.32
CA ALA A 62 -3.07 9.09 -3.20
C ALA A 62 -1.72 8.39 -3.31
N THR A 63 -0.73 8.90 -2.60
CA THR A 63 0.61 8.32 -2.62
C THR A 63 1.08 7.96 -1.22
N LEU A 64 1.54 6.72 -1.06
CA LEU A 64 2.01 6.25 0.24
C LEU A 64 3.51 5.97 0.20
N THR A 65 4.29 6.83 0.85
CA THR A 65 5.74 6.68 0.89
C THR A 65 6.20 6.15 2.25
N MET A 66 6.94 5.05 2.23
CA MET A 66 7.44 4.45 3.46
C MET A 66 8.64 3.55 3.17
N GLU A 67 9.53 3.43 4.15
CA GLU A 67 10.72 2.60 4.00
C GLU A 67 10.34 1.14 3.76
N ASP A 68 11.32 0.33 3.38
CA ASP A 68 11.09 -1.08 3.12
C ASP A 68 10.74 -1.82 4.40
N ASP A 69 11.48 -1.54 5.47
CA ASP A 69 11.24 -2.18 6.76
C ASP A 69 9.86 -1.83 7.29
N ILE A 70 9.43 -0.59 7.04
CA ILE A 70 8.12 -0.13 7.50
C ILE A 70 7.00 -0.78 6.69
N MET A 71 7.10 -0.69 5.36
CA MET A 71 6.10 -1.27 4.48
C MET A 71 5.84 -2.73 4.84
N PHE A 72 6.90 -3.46 5.13
CA PHE A 72 6.79 -4.88 5.48
C PHE A 72 5.91 -5.05 6.72
N ALA A 73 6.12 -4.22 7.72
CA ALA A 73 5.36 -4.28 8.96
C ALA A 73 3.86 -4.14 8.68
N ILE A 74 3.50 -3.13 7.90
CA ILE A 74 2.11 -2.89 7.55
C ILE A 74 1.59 -3.96 6.59
N GLY A 75 2.51 -4.67 5.95
CA GLY A 75 2.12 -5.71 5.01
C GLY A 75 1.89 -7.04 5.69
N THR A 76 2.70 -7.34 6.70
CA THR A 76 2.58 -8.60 7.44
C THR A 76 1.81 -8.40 8.73
N GLY A 77 0.90 -7.44 8.73
CA GLY A 77 0.10 -7.16 9.92
C GLY A 77 0.96 -7.03 11.16
N ALA A 78 2.22 -6.66 10.98
CA ALA A 78 3.13 -6.50 12.10
C ALA A 78 2.82 -5.21 12.87
N LEU A 79 3.12 -4.07 12.26
CA LEU A 79 2.87 -2.78 12.90
C LEU A 79 1.75 -2.03 12.18
N PRO A 80 0.94 -1.30 12.96
CA PRO A 80 -0.18 -0.52 12.43
C PRO A 80 0.29 0.68 11.62
N ALA A 81 -0.27 0.83 10.41
CA ALA A 81 0.09 1.93 9.53
C ALA A 81 -0.16 3.28 10.22
N LYS A 82 -1.08 3.29 11.16
CA LYS A 82 -1.41 4.51 11.89
C LYS A 82 -0.23 4.97 12.74
N GLU A 83 0.24 4.10 13.62
CA GLU A 83 1.37 4.42 14.49
C GLU A 83 2.59 4.81 13.67
N ALA A 84 2.91 3.98 12.68
CA ALA A 84 4.07 4.23 11.82
C ALA A 84 4.04 5.66 11.27
N MET A 85 2.86 6.10 10.83
CA MET A 85 2.71 7.45 10.29
C MET A 85 2.95 8.50 11.37
N ALA A 86 2.63 8.16 12.62
CA ALA A 86 2.84 9.07 13.73
C ALA A 86 4.30 9.16 14.12
N GLN A 87 5.05 8.10 13.82
CA GLN A 87 6.48 8.06 14.14
C GLN A 87 7.31 8.69 13.03
N ASP A 88 6.62 9.28 12.05
CA ASP A 88 7.30 9.92 10.93
C ASP A 88 8.06 8.89 10.10
N LYS A 89 7.75 7.62 10.31
CA LYS A 89 8.41 6.54 9.59
C LYS A 89 7.72 6.30 8.24
N MET A 90 6.58 6.95 8.04
CA MET A 90 5.83 6.81 6.80
C MET A 90 4.96 8.03 6.54
N GLU A 91 4.81 8.40 5.27
CA GLU A 91 4.00 9.56 4.90
C GLU A 91 3.00 9.18 3.81
N VAL A 92 1.94 9.98 3.70
CA VAL A 92 0.91 9.74 2.70
C VAL A 92 0.32 11.05 2.20
N ASP A 93 0.03 11.11 0.90
CA ASP A 93 -0.55 12.30 0.30
C ASP A 93 -1.84 11.97 -0.44
N GLY A 94 -2.44 12.98 -1.06
CA GLY A 94 -3.68 12.78 -1.79
C GLY A 94 -4.89 13.20 -0.98
N GLN A 95 -5.73 12.23 -0.61
CA GLN A 95 -6.94 12.51 0.16
C GLN A 95 -6.89 11.80 1.51
N VAL A 96 -6.79 12.58 2.58
CA VAL A 96 -6.74 12.03 3.93
C VAL A 96 -7.98 11.20 4.23
N GLU A 97 -9.03 11.40 3.44
CA GLU A 97 -10.27 10.66 3.62
C GLU A 97 -10.10 9.20 3.20
N LEU A 98 -9.47 8.98 2.05
CA LEU A 98 -9.24 7.64 1.54
C LEU A 98 -8.13 6.94 2.32
N ILE A 99 -7.16 7.71 2.77
CA ILE A 99 -6.04 7.17 3.54
C ILE A 99 -6.54 6.35 4.72
N PHE A 100 -7.40 6.96 5.53
CA PHE A 100 -7.95 6.30 6.71
C PHE A 100 -8.84 5.12 6.29
N LEU A 101 -9.46 5.24 5.14
CA LEU A 101 -10.34 4.19 4.63
C LEU A 101 -9.57 2.89 4.42
N LEU A 102 -8.24 2.99 4.37
CA LEU A 102 -7.39 1.82 4.18
C LEU A 102 -7.10 1.15 5.52
N GLU A 103 -6.95 1.95 6.57
CA GLU A 103 -6.67 1.43 7.90
C GLU A 103 -7.44 0.13 8.15
N PRO A 104 -8.77 0.21 8.04
CA PRO A 104 -9.64 -0.96 8.25
C PRO A 104 -9.52 -1.98 7.14
N PHE A 105 -9.23 -1.51 5.93
CA PHE A 105 -9.08 -2.40 4.78
C PHE A 105 -7.98 -3.43 5.03
N ILE A 106 -6.94 -3.01 5.75
CA ILE A 106 -5.82 -3.90 6.06
C ILE A 106 -6.29 -5.17 6.74
N ALA A 107 -7.42 -5.09 7.43
CA ALA A 107 -7.99 -6.24 8.13
C ALA A 107 -8.39 -7.33 7.14
N SER A 108 -8.82 -6.92 5.95
CA SER A 108 -9.23 -7.86 4.92
C SER A 108 -8.04 -8.69 4.43
N LEU A 109 -6.99 -8.00 4.02
CA LEU A 109 -5.78 -8.67 3.52
C LEU A 109 -4.67 -8.62 4.56
N LYS A 110 -4.57 -9.69 5.36
CA LYS A 110 -3.55 -9.77 6.39
C LYS A 110 -2.97 -11.18 6.47
N MET A 1 18.62 -7.82 -6.35
CA MET A 1 17.86 -6.59 -6.55
C MET A 1 16.39 -6.81 -6.25
N SER A 2 16.08 -7.17 -5.01
CA SER A 2 14.69 -7.42 -4.61
C SER A 2 14.39 -6.73 -3.28
N LEU A 3 13.14 -6.30 -3.12
CA LEU A 3 12.72 -5.63 -1.88
C LEU A 3 11.80 -6.53 -1.07
N LYS A 4 11.95 -6.48 0.25
CA LYS A 4 11.12 -7.28 1.14
C LYS A 4 9.65 -6.98 0.94
N SER A 5 9.33 -5.71 0.70
CA SER A 5 7.95 -5.27 0.49
C SER A 5 7.29 -6.10 -0.60
N ASP A 6 8.10 -6.59 -1.54
CA ASP A 6 7.59 -7.41 -2.63
C ASP A 6 6.79 -8.60 -2.11
N GLU A 7 7.28 -9.19 -1.03
CA GLU A 7 6.61 -10.35 -0.43
C GLU A 7 5.20 -9.98 0.02
N VAL A 8 5.06 -8.81 0.63
CA VAL A 8 3.76 -8.35 1.10
C VAL A 8 2.87 -7.89 -0.06
N PHE A 9 3.47 -7.15 -0.99
CA PHE A 9 2.73 -6.67 -2.15
C PHE A 9 2.26 -7.82 -3.02
N ALA A 10 3.08 -8.85 -3.12
CA ALA A 10 2.74 -10.02 -3.93
C ALA A 10 1.57 -10.78 -3.33
N LYS A 11 1.63 -11.04 -2.03
CA LYS A 11 0.57 -11.75 -1.33
C LYS A 11 -0.72 -10.93 -1.32
N ILE A 12 -0.58 -9.62 -1.13
CA ILE A 12 -1.73 -8.73 -1.09
C ILE A 12 -2.47 -8.74 -2.42
N ALA A 13 -1.73 -8.57 -3.52
CA ALA A 13 -2.33 -8.57 -4.85
C ALA A 13 -3.17 -9.82 -5.08
N LYS A 14 -2.63 -10.98 -4.72
CA LYS A 14 -3.33 -12.24 -4.88
C LYS A 14 -4.69 -12.20 -4.19
N ARG A 15 -4.73 -11.55 -3.04
CA ARG A 15 -5.98 -11.43 -2.27
C ARG A 15 -7.00 -10.57 -3.02
N LEU A 16 -6.51 -9.54 -3.70
CA LEU A 16 -7.36 -8.64 -4.45
C LEU A 16 -8.15 -9.40 -5.51
N GLU A 17 -7.65 -10.56 -5.90
CA GLU A 17 -8.31 -11.39 -6.90
C GLU A 17 -9.54 -12.08 -6.32
N SER A 18 -9.61 -12.13 -5.00
CA SER A 18 -10.73 -12.77 -4.31
C SER A 18 -11.85 -11.77 -4.05
N ILE A 19 -11.55 -10.50 -4.28
CA ILE A 19 -12.54 -9.44 -4.07
C ILE A 19 -13.79 -9.67 -4.91
N ASP A 20 -14.95 -9.31 -4.35
CA ASP A 20 -16.21 -9.48 -5.06
C ASP A 20 -16.90 -8.13 -5.26
N PRO A 21 -17.71 -8.05 -6.33
CA PRO A 21 -18.43 -6.82 -6.67
C PRO A 21 -19.55 -6.52 -5.68
N ALA A 22 -20.07 -7.56 -5.04
CA ALA A 22 -21.14 -7.41 -4.06
C ALA A 22 -20.71 -6.49 -2.93
N ASN A 23 -19.60 -6.83 -2.29
CA ASN A 23 -19.09 -6.04 -1.17
C ASN A 23 -17.93 -5.15 -1.62
N ARG A 24 -18.16 -3.84 -1.57
CA ARG A 24 -17.13 -2.88 -1.98
C ARG A 24 -17.64 -1.44 -1.81
N GLN A 25 -17.39 -0.87 -0.63
CA GLN A 25 -17.82 0.49 -0.35
C GLN A 25 -17.05 1.50 -1.19
N VAL A 26 -15.77 1.68 -0.86
CA VAL A 26 -14.92 2.60 -1.58
C VAL A 26 -13.69 1.90 -2.16
N GLU A 27 -13.33 2.26 -3.38
CA GLU A 27 -12.17 1.66 -4.05
C GLU A 27 -11.56 2.63 -5.06
N HIS A 28 -10.29 2.96 -4.85
CA HIS A 28 -9.58 3.87 -5.73
C HIS A 28 -8.13 3.44 -5.93
N VAL A 29 -7.44 4.09 -6.86
CA VAL A 29 -6.05 3.77 -7.14
C VAL A 29 -5.12 4.38 -6.09
N TYR A 30 -4.18 3.59 -5.60
CA TYR A 30 -3.22 4.06 -4.60
C TYR A 30 -1.79 3.86 -5.08
N LYS A 31 -0.94 4.85 -4.84
CA LYS A 31 0.45 4.79 -5.23
C LYS A 31 1.34 4.43 -4.04
N PHE A 32 2.29 3.54 -4.26
CA PHE A 32 3.21 3.11 -3.21
C PHE A 32 4.66 3.43 -3.59
N ARG A 33 5.37 4.08 -2.69
CA ARG A 33 6.77 4.44 -2.92
C ARG A 33 7.70 3.64 -2.01
N ILE A 34 8.53 2.81 -2.61
CA ILE A 34 9.47 2.00 -1.85
C ILE A 34 10.81 2.70 -1.70
N THR A 35 11.20 2.97 -0.46
CA THR A 35 12.46 3.64 -0.18
C THR A 35 13.41 2.73 0.60
N GLN A 36 14.70 2.90 0.37
CA GLN A 36 15.71 2.09 1.04
C GLN A 36 16.32 2.85 2.23
N GLY A 37 15.84 2.54 3.42
CA GLY A 37 16.33 3.21 4.61
C GLY A 37 15.77 4.61 4.78
N GLY A 38 15.41 5.23 3.67
CA GLY A 38 14.87 6.58 3.72
C GLY A 38 14.91 7.27 2.37
N LYS A 39 15.54 6.63 1.40
CA LYS A 39 15.66 7.19 0.06
C LYS A 39 14.86 6.37 -0.95
N VAL A 40 13.96 7.03 -1.67
CA VAL A 40 13.13 6.36 -2.67
C VAL A 40 13.99 5.59 -3.66
N VAL A 41 13.59 4.34 -3.92
CA VAL A 41 14.32 3.49 -4.86
C VAL A 41 13.42 3.02 -6.00
N LYS A 42 12.12 3.14 -5.80
CA LYS A 42 11.14 2.72 -6.81
C LYS A 42 9.73 3.13 -6.40
N ASN A 43 8.80 3.04 -7.34
CA ASN A 43 7.41 3.38 -7.08
C ASN A 43 6.46 2.42 -7.79
N TRP A 44 5.54 1.83 -7.03
CA TRP A 44 4.58 0.89 -7.59
C TRP A 44 3.19 1.52 -7.66
N VAL A 45 2.35 1.00 -8.56
CA VAL A 45 1.00 1.51 -8.73
C VAL A 45 -0.02 0.38 -8.69
N MET A 46 -1.06 0.56 -7.89
CA MET A 46 -2.12 -0.45 -7.77
C MET A 46 -3.32 -0.08 -8.62
N ASP A 47 -3.64 -0.95 -9.58
CA ASP A 47 -4.78 -0.72 -10.46
C ASP A 47 -6.07 -1.23 -9.84
N LEU A 48 -6.95 -0.30 -9.46
CA LEU A 48 -8.22 -0.66 -8.85
C LEU A 48 -9.25 -1.03 -9.90
N LYS A 49 -8.98 -0.65 -11.15
CA LYS A 49 -9.88 -0.95 -12.25
C LYS A 49 -9.72 -2.40 -12.70
N ASN A 50 -8.48 -2.88 -12.72
CA ASN A 50 -8.19 -4.25 -13.13
C ASN A 50 -7.91 -5.13 -11.91
N VAL A 51 -7.68 -4.50 -10.77
CA VAL A 51 -7.40 -5.22 -9.54
C VAL A 51 -6.10 -5.99 -9.64
N LYS A 52 -5.07 -5.34 -10.18
CA LYS A 52 -3.77 -5.96 -10.34
C LYS A 52 -2.65 -4.97 -10.01
N LEU A 53 -1.55 -5.48 -9.47
CA LEU A 53 -0.42 -4.65 -9.11
C LEU A 53 0.64 -4.67 -10.21
N VAL A 54 1.12 -3.48 -10.60
CA VAL A 54 2.14 -3.37 -11.63
C VAL A 54 3.03 -2.16 -11.39
N GLU A 55 4.06 -2.01 -12.22
CA GLU A 55 4.98 -0.90 -12.10
C GLU A 55 4.67 0.19 -13.12
N SER A 56 4.17 1.31 -12.64
CA SER A 56 3.81 2.43 -13.52
C SER A 56 4.06 3.76 -12.82
N ASP A 57 4.10 4.83 -13.61
CA ASP A 57 4.32 6.17 -13.06
C ASP A 57 3.02 6.98 -13.06
N ASP A 58 1.90 6.27 -13.14
CA ASP A 58 0.59 6.92 -13.13
C ASP A 58 0.26 7.48 -11.76
N ALA A 59 -0.54 8.54 -11.73
CA ALA A 59 -0.92 9.18 -10.48
C ALA A 59 -2.17 8.52 -9.89
N ALA A 60 -2.25 8.51 -8.57
CA ALA A 60 -3.40 7.91 -7.88
C ALA A 60 -4.07 8.92 -6.96
N GLU A 61 -5.18 8.51 -6.35
CA GLU A 61 -5.92 9.37 -5.44
C GLU A 61 -5.05 9.80 -4.27
N ALA A 62 -3.98 9.04 -4.01
CA ALA A 62 -3.07 9.35 -2.93
C ALA A 62 -1.74 8.63 -3.10
N THR A 63 -0.70 9.12 -2.42
CA THR A 63 0.62 8.52 -2.50
C THR A 63 1.12 8.11 -1.12
N LEU A 64 1.55 6.86 -1.00
CA LEU A 64 2.06 6.34 0.27
C LEU A 64 3.53 5.95 0.15
N THR A 65 4.38 6.67 0.87
CA THR A 65 5.81 6.41 0.86
C THR A 65 6.28 5.84 2.18
N MET A 66 6.98 4.70 2.12
CA MET A 66 7.49 4.05 3.31
C MET A 66 8.70 3.19 2.99
N GLU A 67 9.61 3.06 3.96
CA GLU A 67 10.81 2.26 3.76
C GLU A 67 10.47 0.79 3.54
N ASP A 68 11.42 0.03 3.03
CA ASP A 68 11.22 -1.39 2.78
C ASP A 68 11.01 -2.15 4.08
N ASP A 69 11.84 -1.86 5.08
CA ASP A 69 11.73 -2.51 6.37
C ASP A 69 10.48 -2.06 7.12
N ILE A 70 10.05 -0.83 6.85
CA ILE A 70 8.87 -0.28 7.50
C ILE A 70 7.60 -0.82 6.86
N MET A 71 7.50 -0.70 5.53
CA MET A 71 6.34 -1.18 4.81
C MET A 71 6.05 -2.64 5.14
N PHE A 72 7.11 -3.41 5.37
CA PHE A 72 6.97 -4.82 5.70
C PHE A 72 6.19 -5.00 7.01
N ALA A 73 6.45 -4.13 7.96
CA ALA A 73 5.77 -4.18 9.25
C ALA A 73 4.27 -3.95 9.10
N ILE A 74 3.91 -2.87 8.43
CA ILE A 74 2.50 -2.54 8.21
C ILE A 74 1.85 -3.53 7.25
N GLY A 75 2.68 -4.27 6.52
CA GLY A 75 2.15 -5.24 5.58
C GLY A 75 1.98 -6.61 6.20
N THR A 76 2.86 -6.96 7.12
CA THR A 76 2.80 -8.25 7.79
C THR A 76 2.02 -8.17 9.10
N GLY A 77 1.11 -7.19 9.18
CA GLY A 77 0.32 -7.02 10.37
C GLY A 77 1.17 -6.78 11.61
N ALA A 78 2.42 -6.39 11.39
CA ALA A 78 3.34 -6.12 12.50
C ALA A 78 2.96 -4.83 13.24
N LEU A 79 3.16 -3.70 12.58
CA LEU A 79 2.84 -2.41 13.17
C LEU A 79 1.71 -1.72 12.40
N PRO A 80 0.84 -1.02 13.14
CA PRO A 80 -0.30 -0.30 12.55
C PRO A 80 0.14 0.91 11.73
N ALA A 81 -0.46 1.07 10.56
CA ALA A 81 -0.13 2.18 9.68
C ALA A 81 -0.42 3.52 10.37
N LYS A 82 -1.35 3.51 11.33
CA LYS A 82 -1.72 4.71 12.05
C LYS A 82 -0.58 5.16 12.97
N GLU A 83 -0.16 4.27 13.86
CA GLU A 83 0.92 4.57 14.79
C GLU A 83 2.15 5.06 14.05
N ALA A 84 2.58 4.30 13.04
CA ALA A 84 3.74 4.66 12.25
C ALA A 84 3.67 6.10 11.78
N MET A 85 2.46 6.55 11.43
CA MET A 85 2.26 7.92 10.97
C MET A 85 2.34 8.91 12.14
N ALA A 86 2.00 8.44 13.33
CA ALA A 86 2.03 9.28 14.52
C ALA A 86 3.48 9.57 14.94
N GLN A 87 4.34 8.58 14.78
CA GLN A 87 5.75 8.74 15.15
C GLN A 87 6.56 9.27 13.97
N ASP A 88 5.88 9.89 13.03
CA ASP A 88 6.54 10.45 11.85
C ASP A 88 7.46 9.42 11.20
N LYS A 89 6.92 8.22 10.99
CA LYS A 89 7.68 7.14 10.38
C LYS A 89 7.15 6.81 8.99
N MET A 90 6.18 7.60 8.54
CA MET A 90 5.58 7.39 7.22
C MET A 90 4.86 8.66 6.75
N GLU A 91 4.85 8.87 5.45
CA GLU A 91 4.20 10.04 4.86
C GLU A 91 3.14 9.62 3.85
N VAL A 92 2.12 10.46 3.70
CA VAL A 92 1.03 10.19 2.77
C VAL A 92 0.55 11.46 2.08
N ASP A 93 0.32 11.37 0.78
CA ASP A 93 -0.15 12.53 0.01
C ASP A 93 -1.49 12.23 -0.65
N GLY A 94 -2.14 13.27 -1.15
CA GLY A 94 -3.43 13.10 -1.80
C GLY A 94 -4.58 13.25 -0.83
N GLN A 95 -5.44 12.24 -0.79
CA GLN A 95 -6.61 12.27 0.10
C GLN A 95 -6.36 11.40 1.33
N VAL A 96 -6.06 12.05 2.45
CA VAL A 96 -5.82 11.33 3.70
C VAL A 96 -7.05 10.56 4.16
N GLU A 97 -8.21 10.95 3.63
CA GLU A 97 -9.47 10.30 3.98
C GLU A 97 -9.56 8.92 3.33
N LEU A 98 -8.97 8.78 2.15
CA LEU A 98 -8.99 7.53 1.42
C LEU A 98 -7.98 6.53 2.01
N ILE A 99 -6.73 6.96 2.10
CA ILE A 99 -5.67 6.12 2.65
C ILE A 99 -6.04 5.62 4.04
N PHE A 100 -6.91 6.37 4.72
CA PHE A 100 -7.34 5.98 6.06
C PHE A 100 -8.29 4.79 6.01
N LEU A 101 -9.13 4.75 4.98
CA LEU A 101 -10.08 3.66 4.83
C LEU A 101 -9.37 2.37 4.44
N LEU A 102 -8.08 2.46 4.17
CA LEU A 102 -7.28 1.30 3.79
C LEU A 102 -6.78 0.56 5.02
N GLU A 103 -6.39 1.32 6.04
CA GLU A 103 -5.88 0.73 7.28
C GLU A 103 -6.79 -0.41 7.74
N PRO A 104 -8.08 -0.10 7.96
CA PRO A 104 -9.07 -1.09 8.41
C PRO A 104 -9.38 -2.11 7.33
N PHE A 105 -8.87 -1.88 6.12
CA PHE A 105 -9.11 -2.78 5.01
C PHE A 105 -8.11 -3.94 5.01
N ILE A 106 -7.04 -3.78 5.79
CA ILE A 106 -6.01 -4.81 5.89
C ILE A 106 -6.57 -6.10 6.48
N ALA A 107 -7.58 -5.96 7.33
CA ALA A 107 -8.21 -7.11 7.96
C ALA A 107 -8.65 -8.13 6.91
N SER A 108 -8.96 -7.65 5.72
CA SER A 108 -9.39 -8.53 4.63
C SER A 108 -8.40 -9.67 4.42
N LEU A 109 -7.18 -9.31 4.04
CA LEU A 109 -6.14 -10.30 3.79
C LEU A 109 -5.55 -10.81 5.11
N LYS A 110 -6.12 -11.90 5.61
CA LYS A 110 -5.65 -12.49 6.86
C LYS A 110 -4.19 -12.89 6.76
N MET A 1 19.08 -6.17 -6.70
CA MET A 1 18.22 -5.13 -6.15
C MET A 1 16.84 -5.69 -5.84
N SER A 2 16.64 -6.11 -4.59
CA SER A 2 15.35 -6.67 -4.17
C SER A 2 14.89 -6.05 -2.86
N LEU A 3 13.59 -5.90 -2.71
CA LEU A 3 13.01 -5.31 -1.51
C LEU A 3 12.13 -6.32 -0.78
N LYS A 4 12.23 -6.34 0.55
CA LYS A 4 11.45 -7.26 1.36
C LYS A 4 9.95 -7.01 1.16
N SER A 5 9.60 -5.75 0.94
CA SER A 5 8.20 -5.36 0.74
C SER A 5 7.61 -6.08 -0.47
N ASP A 6 8.49 -6.58 -1.34
CA ASP A 6 8.06 -7.29 -2.54
C ASP A 6 7.10 -8.42 -2.20
N GLU A 7 7.37 -9.09 -1.08
CA GLU A 7 6.54 -10.20 -0.64
C GLU A 7 5.12 -9.73 -0.34
N VAL A 8 5.01 -8.66 0.46
CA VAL A 8 3.72 -8.11 0.82
C VAL A 8 2.86 -7.84 -0.41
N PHE A 9 3.45 -7.16 -1.40
CA PHE A 9 2.73 -6.84 -2.63
C PHE A 9 2.27 -8.11 -3.33
N ALA A 10 3.09 -9.15 -3.27
CA ALA A 10 2.76 -10.42 -3.90
C ALA A 10 1.58 -11.10 -3.19
N LYS A 11 1.59 -11.05 -1.87
CA LYS A 11 0.52 -11.66 -1.08
C LYS A 11 -0.78 -10.90 -1.25
N ILE A 12 -0.71 -9.56 -1.23
CA ILE A 12 -1.89 -8.73 -1.40
C ILE A 12 -2.48 -8.90 -2.78
N ALA A 13 -1.62 -9.08 -3.79
CA ALA A 13 -2.08 -9.26 -5.16
C ALA A 13 -2.91 -10.52 -5.30
N LYS A 14 -2.48 -11.59 -4.63
CA LYS A 14 -3.19 -12.86 -4.69
C LYS A 14 -4.58 -12.74 -4.07
N ARG A 15 -4.70 -11.87 -3.07
CA ARG A 15 -5.98 -11.66 -2.40
C ARG A 15 -6.91 -10.81 -3.25
N LEU A 16 -6.33 -10.02 -4.14
CA LEU A 16 -7.10 -9.15 -5.03
C LEU A 16 -7.90 -9.97 -6.04
N GLU A 17 -7.47 -11.21 -6.25
CA GLU A 17 -8.14 -12.10 -7.19
C GLU A 17 -9.34 -12.78 -6.53
N SER A 18 -9.44 -12.65 -5.21
CA SER A 18 -10.53 -13.26 -4.46
C SER A 18 -11.63 -12.25 -4.19
N ILE A 19 -11.29 -10.97 -4.27
CA ILE A 19 -12.26 -9.90 -4.02
C ILE A 19 -13.48 -10.07 -4.91
N ASP A 20 -14.65 -9.75 -4.36
CA ASP A 20 -15.90 -9.86 -5.10
C ASP A 20 -16.65 -8.53 -5.09
N PRO A 21 -17.43 -8.28 -6.16
CA PRO A 21 -18.22 -7.05 -6.29
C PRO A 21 -19.38 -7.00 -5.32
N ALA A 22 -19.81 -8.17 -4.84
CA ALA A 22 -20.91 -8.26 -3.90
C ALA A 22 -20.62 -7.48 -2.63
N ASN A 23 -19.48 -7.79 -1.99
CA ASN A 23 -19.09 -7.12 -0.76
C ASN A 23 -18.01 -6.08 -1.04
N ARG A 24 -18.35 -4.81 -0.83
CA ARG A 24 -17.41 -3.71 -1.06
C ARG A 24 -18.05 -2.37 -0.73
N GLN A 25 -17.21 -1.35 -0.53
CA GLN A 25 -17.70 -0.02 -0.21
C GLN A 25 -17.06 1.03 -1.11
N VAL A 26 -15.73 1.03 -1.14
CA VAL A 26 -14.98 1.98 -1.96
C VAL A 26 -13.70 1.36 -2.50
N GLU A 27 -13.38 1.66 -3.75
CA GLU A 27 -12.18 1.12 -4.38
C GLU A 27 -11.53 2.17 -5.30
N HIS A 28 -10.29 2.51 -5.00
CA HIS A 28 -9.56 3.50 -5.79
C HIS A 28 -8.10 3.08 -5.96
N VAL A 29 -7.37 3.81 -6.81
CA VAL A 29 -5.97 3.53 -7.06
C VAL A 29 -5.08 4.11 -5.96
N TYR A 30 -4.01 3.41 -5.65
CA TYR A 30 -3.07 3.85 -4.62
C TYR A 30 -1.63 3.76 -5.10
N LYS A 31 -0.74 4.44 -4.40
CA LYS A 31 0.68 4.44 -4.76
C LYS A 31 1.54 4.05 -3.56
N PHE A 32 2.42 3.09 -3.77
CA PHE A 32 3.31 2.62 -2.71
C PHE A 32 4.77 2.79 -3.11
N ARG A 33 5.40 3.84 -2.60
CA ARG A 33 6.80 4.11 -2.90
C ARG A 33 7.70 3.71 -1.74
N ILE A 34 8.60 2.77 -1.99
CA ILE A 34 9.52 2.30 -0.96
C ILE A 34 10.85 3.03 -1.04
N THR A 35 11.34 3.49 0.11
CA THR A 35 12.62 4.21 0.17
C THR A 35 13.72 3.30 0.69
N GLN A 36 14.92 3.46 0.13
CA GLN A 36 16.07 2.65 0.54
C GLN A 36 16.96 3.44 1.49
N GLY A 37 16.97 3.04 2.75
CA GLY A 37 17.79 3.71 3.75
C GLY A 37 17.13 4.98 4.27
N GLY A 38 16.65 5.81 3.36
CA GLY A 38 16.01 7.06 3.74
C GLY A 38 15.55 7.87 2.55
N LYS A 39 15.70 7.31 1.35
CA LYS A 39 15.30 7.99 0.13
C LYS A 39 14.56 7.04 -0.81
N VAL A 40 13.54 7.56 -1.47
CA VAL A 40 12.75 6.75 -2.40
C VAL A 40 13.65 6.12 -3.47
N VAL A 41 13.31 4.90 -3.87
CA VAL A 41 14.09 4.19 -4.88
C VAL A 41 13.17 3.57 -5.94
N LYS A 42 11.96 3.20 -5.53
CA LYS A 42 10.99 2.61 -6.43
C LYS A 42 9.57 3.01 -6.04
N ASN A 43 8.65 2.91 -7.01
CA ASN A 43 7.26 3.27 -6.77
C ASN A 43 6.32 2.24 -7.40
N TRP A 44 5.42 1.71 -6.58
CA TRP A 44 4.46 0.71 -7.05
C TRP A 44 3.06 1.31 -7.17
N VAL A 45 2.35 0.93 -8.23
CA VAL A 45 1.00 1.43 -8.46
C VAL A 45 -0.03 0.31 -8.37
N MET A 46 -1.18 0.62 -7.79
CA MET A 46 -2.25 -0.36 -7.63
C MET A 46 -3.32 -0.17 -8.69
N ASP A 47 -3.36 -1.09 -9.65
CA ASP A 47 -4.34 -1.03 -10.73
C ASP A 47 -5.73 -1.39 -10.22
N LEU A 48 -6.66 -0.45 -10.35
CA LEU A 48 -8.04 -0.68 -9.90
C LEU A 48 -8.88 -1.27 -11.03
N LYS A 49 -8.44 -1.07 -12.27
CA LYS A 49 -9.15 -1.59 -13.42
C LYS A 49 -8.90 -3.09 -13.59
N ASN A 50 -7.67 -3.51 -13.32
CA ASN A 50 -7.32 -4.91 -13.44
C ASN A 50 -7.23 -5.57 -12.07
N VAL A 51 -7.23 -4.76 -11.02
CA VAL A 51 -7.15 -5.26 -9.66
C VAL A 51 -5.82 -5.95 -9.40
N LYS A 52 -4.76 -5.43 -10.02
CA LYS A 52 -3.43 -6.00 -9.86
C LYS A 52 -2.41 -4.91 -9.52
N LEU A 53 -1.26 -5.33 -9.00
CA LEU A 53 -0.20 -4.38 -8.64
C LEU A 53 0.99 -4.52 -9.59
N VAL A 54 1.48 -3.40 -10.09
CA VAL A 54 2.62 -3.38 -11.00
C VAL A 54 3.49 -2.14 -10.78
N GLU A 55 4.61 -2.08 -11.50
CA GLU A 55 5.52 -0.95 -11.39
C GLU A 55 5.22 0.09 -12.47
N SER A 56 4.68 1.22 -12.04
CA SER A 56 4.34 2.30 -12.96
C SER A 56 4.37 3.65 -12.26
N ASP A 57 4.26 4.72 -13.04
CA ASP A 57 4.28 6.07 -12.50
C ASP A 57 2.97 6.80 -12.80
N ASP A 58 2.03 6.07 -13.39
CA ASP A 58 0.73 6.65 -13.73
C ASP A 58 0.13 7.39 -12.54
N ALA A 59 -0.85 8.24 -12.82
CA ALA A 59 -1.51 9.02 -11.77
C ALA A 59 -2.01 8.12 -10.65
N ALA A 60 -2.25 8.71 -9.48
CA ALA A 60 -2.73 7.96 -8.33
C ALA A 60 -3.60 8.83 -7.43
N GLU A 61 -4.69 8.27 -6.93
CA GLU A 61 -5.59 9.00 -6.04
C GLU A 61 -4.85 9.53 -4.82
N ALA A 62 -3.78 8.84 -4.43
CA ALA A 62 -2.99 9.24 -3.28
C ALA A 62 -1.60 8.61 -3.33
N THR A 63 -0.67 9.18 -2.57
CA THR A 63 0.70 8.68 -2.53
C THR A 63 1.08 8.24 -1.11
N LEU A 64 1.48 6.98 -0.98
CA LEU A 64 1.87 6.44 0.31
C LEU A 64 3.35 6.05 0.32
N THR A 65 4.14 6.78 1.10
CA THR A 65 5.57 6.53 1.20
C THR A 65 5.90 5.74 2.46
N MET A 66 6.46 4.55 2.28
CA MET A 66 6.83 3.69 3.40
C MET A 66 8.11 2.91 3.10
N GLU A 67 9.06 2.96 4.02
CA GLU A 67 10.33 2.26 3.85
C GLU A 67 10.09 0.76 3.64
N ASP A 68 11.13 0.07 3.20
CA ASP A 68 11.04 -1.37 2.97
C ASP A 68 10.79 -2.12 4.27
N ASP A 69 11.65 -1.87 5.25
CA ASP A 69 11.53 -2.53 6.55
C ASP A 69 10.18 -2.21 7.19
N ILE A 70 9.70 -0.99 6.97
CA ILE A 70 8.43 -0.56 7.53
C ILE A 70 7.25 -1.17 6.76
N MET A 71 7.28 -1.03 5.44
CA MET A 71 6.23 -1.56 4.60
C MET A 71 6.01 -3.05 4.87
N PHE A 72 7.10 -3.76 5.15
CA PHE A 72 7.03 -5.19 5.43
C PHE A 72 6.37 -5.45 6.77
N ALA A 73 6.69 -4.61 7.76
CA ALA A 73 6.13 -4.76 9.10
C ALA A 73 4.61 -4.59 9.07
N ILE A 74 4.16 -3.51 8.43
CA ILE A 74 2.73 -3.22 8.35
C ILE A 74 2.07 -4.08 7.28
N GLY A 75 2.80 -4.35 6.20
CA GLY A 75 2.26 -5.17 5.13
C GLY A 75 1.91 -6.58 5.59
N THR A 76 2.65 -7.06 6.57
CA THR A 76 2.42 -8.41 7.10
C THR A 76 1.60 -8.36 8.38
N GLY A 77 1.11 -7.17 8.71
CA GLY A 77 0.31 -7.00 9.92
C GLY A 77 1.14 -7.05 11.18
N ALA A 78 2.44 -6.86 11.04
CA ALA A 78 3.35 -6.89 12.17
C ALA A 78 3.25 -5.61 12.99
N LEU A 79 3.61 -4.49 12.36
CA LEU A 79 3.56 -3.20 13.03
C LEU A 79 2.31 -2.41 12.62
N PRO A 80 1.73 -1.67 13.57
CA PRO A 80 0.54 -0.86 13.34
C PRO A 80 0.81 0.32 12.43
N ALA A 81 0.13 0.36 11.29
CA ALA A 81 0.30 1.45 10.33
C ALA A 81 0.05 2.80 10.99
N LYS A 82 -0.77 2.80 12.04
CA LYS A 82 -1.10 4.02 12.75
C LYS A 82 0.13 4.59 13.46
N GLU A 83 0.83 3.73 14.20
CA GLU A 83 2.02 4.14 14.93
C GLU A 83 3.11 4.60 13.95
N ALA A 84 3.42 3.75 12.98
CA ALA A 84 4.44 4.07 11.98
C ALA A 84 4.21 5.45 11.37
N MET A 85 2.96 5.75 11.05
CA MET A 85 2.60 7.03 10.47
C MET A 85 2.77 8.16 11.48
N ALA A 86 2.49 7.86 12.75
CA ALA A 86 2.61 8.83 13.81
C ALA A 86 4.07 9.05 14.20
N GLN A 87 4.92 8.09 13.85
CA GLN A 87 6.34 8.17 14.16
C GLN A 87 7.10 8.88 13.05
N ASP A 88 6.37 9.49 12.14
CA ASP A 88 6.97 10.21 11.02
C ASP A 88 7.74 9.25 10.11
N LYS A 89 7.48 7.96 10.28
CA LYS A 89 8.15 6.95 9.47
C LYS A 89 7.36 6.64 8.20
N MET A 90 6.17 7.22 8.10
CA MET A 90 5.31 7.02 6.94
C MET A 90 4.47 8.25 6.66
N GLU A 91 4.40 8.64 5.39
CA GLU A 91 3.62 9.81 5.00
C GLU A 91 2.60 9.45 3.92
N VAL A 92 1.50 10.20 3.86
CA VAL A 92 0.46 9.96 2.88
C VAL A 92 -0.05 11.27 2.29
N ASP A 93 -0.27 11.28 0.98
CA ASP A 93 -0.76 12.47 0.30
C ASP A 93 -2.02 12.16 -0.50
N GLY A 94 -2.50 13.13 -1.26
CA GLY A 94 -3.70 12.95 -2.06
C GLY A 94 -4.96 13.14 -1.27
N GLN A 95 -5.83 12.13 -1.29
CA GLN A 95 -7.10 12.20 -0.55
C GLN A 95 -6.95 11.63 0.86
N VAL A 96 -6.87 12.53 1.84
CA VAL A 96 -6.72 12.11 3.23
C VAL A 96 -7.94 11.33 3.70
N GLU A 97 -9.08 11.56 3.06
CA GLU A 97 -10.32 10.87 3.41
C GLU A 97 -10.29 9.42 2.93
N LEU A 98 -9.70 9.21 1.75
CA LEU A 98 -9.61 7.87 1.19
C LEU A 98 -8.51 7.06 1.86
N ILE A 99 -7.30 7.63 1.93
CA ILE A 99 -6.18 6.96 2.55
C ILE A 99 -6.53 6.51 3.97
N PHE A 100 -7.43 7.23 4.61
CA PHE A 100 -7.85 6.89 5.97
C PHE A 100 -8.72 5.64 5.98
N LEU A 101 -9.53 5.48 4.94
CA LEU A 101 -10.41 4.33 4.83
C LEU A 101 -9.61 3.06 4.54
N LEU A 102 -8.33 3.23 4.23
CA LEU A 102 -7.45 2.11 3.95
C LEU A 102 -6.88 1.50 5.23
N GLU A 103 -6.59 2.37 6.20
CA GLU A 103 -6.04 1.93 7.48
C GLU A 103 -6.83 0.74 8.02
N PRO A 104 -8.15 0.95 8.22
CA PRO A 104 -9.04 -0.09 8.74
C PRO A 104 -9.27 -1.22 7.74
N PHE A 105 -8.72 -1.05 6.53
CA PHE A 105 -8.87 -2.05 5.49
C PHE A 105 -7.62 -2.92 5.39
N ILE A 106 -6.60 -2.58 6.18
CA ILE A 106 -5.36 -3.33 6.17
C ILE A 106 -5.60 -4.81 6.43
N ALA A 107 -6.69 -5.11 7.13
CA ALA A 107 -7.04 -6.49 7.44
C ALA A 107 -7.54 -7.22 6.19
N SER A 108 -8.19 -6.48 5.30
CA SER A 108 -8.73 -7.07 4.07
C SER A 108 -7.62 -7.72 3.26
N LEU A 109 -6.72 -6.91 2.71
CA LEU A 109 -5.62 -7.40 1.90
C LEU A 109 -4.30 -6.74 2.32
N LYS A 110 -3.59 -7.40 3.24
CA LYS A 110 -2.31 -6.89 3.73
C LYS A 110 -1.73 -7.81 4.79
N MET A 1 18.29 -4.39 -5.55
CA MET A 1 17.81 -5.33 -6.54
C MET A 1 16.59 -6.09 -6.04
N SER A 2 16.67 -6.56 -4.80
CA SER A 2 15.57 -7.30 -4.18
C SER A 2 15.09 -6.61 -2.92
N LEU A 3 13.81 -6.24 -2.90
CA LEU A 3 13.22 -5.57 -1.75
C LEU A 3 12.27 -6.51 -1.00
N LYS A 4 12.35 -6.48 0.33
CA LYS A 4 11.49 -7.32 1.16
C LYS A 4 10.02 -6.99 0.94
N SER A 5 9.73 -5.73 0.66
CA SER A 5 8.36 -5.28 0.43
C SER A 5 7.75 -6.02 -0.76
N ASP A 6 8.61 -6.60 -1.59
CA ASP A 6 8.15 -7.33 -2.77
C ASP A 6 7.14 -8.41 -2.38
N GLU A 7 7.35 -9.03 -1.23
CA GLU A 7 6.46 -10.08 -0.75
C GLU A 7 5.08 -9.50 -0.43
N VAL A 8 5.06 -8.43 0.34
CA VAL A 8 3.81 -7.78 0.72
C VAL A 8 2.90 -7.58 -0.49
N PHE A 9 3.44 -6.94 -1.53
CA PHE A 9 2.69 -6.68 -2.75
C PHE A 9 2.18 -7.98 -3.36
N ALA A 10 2.96 -9.05 -3.18
CA ALA A 10 2.60 -10.35 -3.72
C ALA A 10 1.40 -10.94 -2.98
N LYS A 11 1.42 -10.82 -1.66
CA LYS A 11 0.33 -11.34 -0.83
C LYS A 11 -0.92 -10.48 -0.98
N ILE A 12 -0.75 -9.17 -0.85
CA ILE A 12 -1.87 -8.25 -0.98
C ILE A 12 -2.53 -8.36 -2.35
N ALA A 13 -1.73 -8.62 -3.37
CA ALA A 13 -2.23 -8.75 -4.72
C ALA A 13 -3.09 -10.02 -4.87
N LYS A 14 -2.68 -11.08 -4.19
CA LYS A 14 -3.40 -12.35 -4.24
C LYS A 14 -4.75 -12.22 -3.53
N ARG A 15 -4.80 -11.41 -2.49
CA ARG A 15 -6.03 -11.20 -1.72
C ARG A 15 -7.01 -10.33 -2.51
N LEU A 16 -6.48 -9.39 -3.27
CA LEU A 16 -7.31 -8.49 -4.06
C LEU A 16 -8.07 -9.26 -5.13
N GLU A 17 -7.63 -10.49 -5.40
CA GLU A 17 -8.27 -11.33 -6.40
C GLU A 17 -9.53 -11.99 -5.83
N SER A 18 -9.66 -11.96 -4.50
CA SER A 18 -10.81 -12.56 -3.84
C SER A 18 -11.92 -11.54 -3.64
N ILE A 19 -11.59 -10.27 -3.87
CA ILE A 19 -12.56 -9.20 -3.72
C ILE A 19 -13.79 -9.44 -4.60
N ASP A 20 -14.96 -9.07 -4.09
CA ASP A 20 -16.20 -9.24 -4.83
C ASP A 20 -16.80 -7.90 -5.22
N PRO A 21 -17.59 -7.89 -6.30
CA PRO A 21 -18.23 -6.67 -6.80
C PRO A 21 -19.33 -6.17 -5.87
N ALA A 22 -20.09 -7.10 -5.29
CA ALA A 22 -21.17 -6.75 -4.38
C ALA A 22 -20.65 -5.97 -3.19
N ASN A 23 -19.67 -6.53 -2.50
CA ASN A 23 -19.08 -5.87 -1.33
C ASN A 23 -17.89 -5.02 -1.72
N ARG A 24 -18.02 -3.71 -1.55
CA ARG A 24 -16.96 -2.78 -1.89
C ARG A 24 -17.37 -1.33 -1.59
N GLN A 25 -17.10 -0.89 -0.36
CA GLN A 25 -17.45 0.47 0.04
C GLN A 25 -16.74 1.50 -0.83
N VAL A 26 -15.45 1.28 -1.06
CA VAL A 26 -14.66 2.20 -1.89
C VAL A 26 -13.30 1.58 -2.23
N GLU A 27 -12.82 1.87 -3.44
CA GLU A 27 -11.54 1.35 -3.90
C GLU A 27 -11.01 2.16 -5.07
N HIS A 28 -9.82 2.74 -4.89
CA HIS A 28 -9.20 3.56 -5.93
C HIS A 28 -7.72 3.21 -6.07
N VAL A 29 -7.09 3.75 -7.10
CA VAL A 29 -5.67 3.50 -7.36
C VAL A 29 -4.80 4.15 -6.28
N TYR A 30 -3.82 3.40 -5.79
CA TYR A 30 -2.92 3.90 -4.76
C TYR A 30 -1.47 3.86 -5.23
N LYS A 31 -0.60 4.59 -4.55
CA LYS A 31 0.81 4.64 -4.90
C LYS A 31 1.68 4.22 -3.71
N PHE A 32 2.57 3.26 -3.94
CA PHE A 32 3.45 2.77 -2.89
C PHE A 32 4.91 2.88 -3.32
N ARG A 33 5.63 3.84 -2.74
CA ARG A 33 7.04 4.05 -3.07
C ARG A 33 7.94 3.54 -1.94
N ILE A 34 8.90 2.70 -2.30
CA ILE A 34 9.82 2.14 -1.33
C ILE A 34 11.20 2.79 -1.43
N THR A 35 11.69 3.31 -0.30
CA THR A 35 12.98 3.96 -0.27
C THR A 35 14.05 3.03 0.32
N GLN A 36 15.26 3.11 -0.23
CA GLN A 36 16.36 2.28 0.25
C GLN A 36 17.24 3.05 1.24
N GLY A 37 17.17 2.65 2.51
CA GLY A 37 17.96 3.30 3.53
C GLY A 37 17.36 4.64 3.96
N GLY A 38 16.97 5.45 2.99
CA GLY A 38 16.39 6.74 3.29
C GLY A 38 16.06 7.54 2.05
N LYS A 39 16.24 6.92 0.89
CA LYS A 39 15.96 7.58 -0.39
C LYS A 39 15.18 6.67 -1.31
N VAL A 40 14.21 7.25 -2.02
CA VAL A 40 13.38 6.48 -2.95
C VAL A 40 14.23 5.66 -3.90
N VAL A 41 13.88 4.39 -4.05
CA VAL A 41 14.62 3.50 -4.95
C VAL A 41 13.71 2.91 -6.02
N LYS A 42 12.40 2.98 -5.78
CA LYS A 42 11.42 2.46 -6.73
C LYS A 42 10.01 2.81 -6.29
N ASN A 43 9.09 2.89 -7.25
CA ASN A 43 7.70 3.22 -6.97
C ASN A 43 6.76 2.20 -7.61
N TRP A 44 5.84 1.66 -6.82
CA TRP A 44 4.88 0.69 -7.32
C TRP A 44 3.49 1.31 -7.44
N VAL A 45 2.70 0.80 -8.40
CA VAL A 45 1.36 1.30 -8.61
C VAL A 45 0.32 0.20 -8.40
N MET A 46 -0.81 0.56 -7.80
CA MET A 46 -1.88 -0.40 -7.54
C MET A 46 -3.00 -0.24 -8.55
N ASP A 47 -3.16 -1.24 -9.41
CA ASP A 47 -4.21 -1.22 -10.43
C ASP A 47 -5.53 -1.72 -9.86
N LEU A 48 -6.54 -0.84 -9.87
CA LEU A 48 -7.86 -1.19 -9.35
C LEU A 48 -8.78 -1.66 -10.48
N LYS A 49 -8.37 -1.38 -11.72
CA LYS A 49 -9.15 -1.77 -12.88
C LYS A 49 -8.96 -3.25 -13.20
N ASN A 50 -7.72 -3.72 -13.10
CA ASN A 50 -7.40 -5.11 -13.38
C ASN A 50 -7.17 -5.88 -12.08
N VAL A 51 -7.04 -5.15 -10.98
CA VAL A 51 -6.81 -5.76 -9.67
C VAL A 51 -5.46 -6.45 -9.62
N LYS A 52 -4.43 -5.77 -10.11
CA LYS A 52 -3.08 -6.32 -10.11
C LYS A 52 -2.04 -5.22 -9.90
N LEU A 53 -1.03 -5.53 -9.10
CA LEU A 53 0.03 -4.56 -8.81
C LEU A 53 1.24 -4.80 -9.72
N VAL A 54 1.82 -3.71 -10.22
CA VAL A 54 2.98 -3.79 -11.09
C VAL A 54 3.91 -2.60 -10.89
N GLU A 55 5.13 -2.72 -11.41
CA GLU A 55 6.12 -1.66 -11.28
C GLU A 55 5.85 -0.54 -12.29
N SER A 56 5.30 0.57 -11.81
CA SER A 56 4.99 1.70 -12.68
C SER A 56 5.04 3.00 -11.90
N ASP A 57 5.01 4.12 -12.62
CA ASP A 57 5.06 5.44 -11.99
C ASP A 57 3.71 6.15 -12.13
N ASP A 58 2.69 5.41 -12.53
CA ASP A 58 1.35 5.97 -12.70
C ASP A 58 0.93 6.75 -11.46
N ALA A 59 0.10 7.76 -11.66
CA ALA A 59 -0.38 8.59 -10.55
C ALA A 59 -1.69 8.03 -9.99
N ALA A 60 -1.82 8.08 -8.67
CA ALA A 60 -3.02 7.59 -8.01
C ALA A 60 -3.70 8.69 -7.21
N GLU A 61 -4.88 8.40 -6.66
CA GLU A 61 -5.63 9.36 -5.88
C GLU A 61 -4.84 9.81 -4.65
N ALA A 62 -3.84 9.01 -4.29
CA ALA A 62 -3.01 9.31 -3.13
C ALA A 62 -1.64 8.65 -3.24
N THR A 63 -0.68 9.15 -2.47
CA THR A 63 0.67 8.61 -2.50
C THR A 63 1.11 8.20 -1.09
N LEU A 64 1.53 6.95 -0.95
CA LEU A 64 1.99 6.43 0.34
C LEU A 64 3.48 6.12 0.31
N THR A 65 4.27 6.95 1.00
CA THR A 65 5.71 6.75 1.04
C THR A 65 6.12 5.96 2.28
N MET A 66 6.77 4.82 2.06
CA MET A 66 7.21 3.98 3.16
C MET A 66 8.45 3.18 2.77
N GLU A 67 9.41 3.10 3.68
CA GLU A 67 10.65 2.36 3.43
C GLU A 67 10.37 0.88 3.19
N ASP A 68 11.39 0.16 2.73
CA ASP A 68 11.25 -1.26 2.45
C ASP A 68 10.95 -2.03 3.73
N ASP A 69 11.80 -1.86 4.73
CA ASP A 69 11.62 -2.55 6.02
C ASP A 69 10.30 -2.12 6.67
N ILE A 70 9.90 -0.87 6.44
CA ILE A 70 8.67 -0.36 7.01
C ILE A 70 7.45 -0.91 6.29
N MET A 71 7.45 -0.80 4.97
CA MET A 71 6.35 -1.29 4.15
C MET A 71 6.02 -2.74 4.50
N PHE A 72 7.05 -3.50 4.90
CA PHE A 72 6.87 -4.90 5.25
C PHE A 72 6.13 -5.03 6.57
N ALA A 73 6.47 -4.18 7.53
CA ALA A 73 5.82 -4.19 8.84
C ALA A 73 4.33 -3.96 8.71
N ILE A 74 3.95 -2.89 8.03
CA ILE A 74 2.54 -2.56 7.85
C ILE A 74 1.93 -3.38 6.72
N GLY A 75 2.79 -3.92 5.86
CA GLY A 75 2.31 -4.72 4.74
C GLY A 75 1.84 -6.09 5.17
N THR A 76 2.51 -6.66 6.17
CA THR A 76 2.15 -7.98 6.68
C THR A 76 1.30 -7.88 7.94
N GLY A 77 0.88 -6.65 8.27
CA GLY A 77 0.06 -6.44 9.45
C GLY A 77 0.89 -6.40 10.73
N ALA A 78 2.19 -6.62 10.59
CA ALA A 78 3.10 -6.60 11.73
C ALA A 78 2.88 -5.35 12.59
N LEU A 79 3.07 -4.19 11.97
CA LEU A 79 2.90 -2.92 12.67
C LEU A 79 1.69 -2.16 12.14
N PRO A 80 0.98 -1.47 13.04
CA PRO A 80 -0.20 -0.68 12.68
C PRO A 80 0.15 0.55 11.86
N ALA A 81 -0.58 0.74 10.76
CA ALA A 81 -0.35 1.88 9.88
C ALA A 81 -0.65 3.20 10.59
N LYS A 82 -1.52 3.14 11.60
CA LYS A 82 -1.88 4.32 12.37
C LYS A 82 -0.70 4.82 13.19
N GLU A 83 -0.07 3.92 13.93
CA GLU A 83 1.08 4.28 14.75
C GLU A 83 2.25 4.76 13.88
N ALA A 84 2.59 3.97 12.88
CA ALA A 84 3.69 4.32 11.97
C ALA A 84 3.53 5.74 11.46
N MET A 85 2.30 6.13 11.16
CA MET A 85 2.03 7.48 10.66
C MET A 85 2.24 8.52 11.75
N ALA A 86 1.89 8.16 12.99
CA ALA A 86 2.03 9.07 14.11
C ALA A 86 3.49 9.13 14.58
N GLN A 87 4.24 8.08 14.28
CA GLN A 87 5.65 8.01 14.67
C GLN A 87 6.54 8.66 13.62
N ASP A 88 5.91 9.32 12.65
CA ASP A 88 6.65 9.98 11.58
C ASP A 88 7.47 8.98 10.78
N LYS A 89 7.16 7.70 10.93
CA LYS A 89 7.88 6.64 10.23
C LYS A 89 7.31 6.43 8.84
N MET A 90 6.26 7.18 8.50
CA MET A 90 5.62 7.08 7.20
C MET A 90 4.73 8.29 6.93
N GLU A 91 4.53 8.61 5.66
CA GLU A 91 3.70 9.73 5.27
C GLU A 91 2.75 9.34 4.14
N VAL A 92 1.73 10.18 3.91
CA VAL A 92 0.76 9.92 2.86
C VAL A 92 0.23 11.23 2.28
N ASP A 93 -0.01 11.24 0.97
CA ASP A 93 -0.52 12.42 0.29
C ASP A 93 -1.84 12.12 -0.41
N GLY A 94 -2.41 13.13 -1.05
CA GLY A 94 -3.66 12.94 -1.77
C GLY A 94 -4.88 13.11 -0.85
N GLN A 95 -5.71 12.09 -0.81
CA GLN A 95 -6.92 12.12 0.02
C GLN A 95 -6.67 11.42 1.36
N VAL A 96 -6.41 12.22 2.39
CA VAL A 96 -6.17 11.68 3.72
C VAL A 96 -7.35 10.87 4.22
N GLU A 97 -8.54 11.23 3.75
CA GLU A 97 -9.75 10.53 4.15
C GLU A 97 -9.84 9.16 3.48
N LEU A 98 -9.15 9.00 2.36
CA LEU A 98 -9.15 7.74 1.63
C LEU A 98 -8.23 6.73 2.30
N ILE A 99 -6.96 7.08 2.44
CA ILE A 99 -5.98 6.20 3.07
C ILE A 99 -6.46 5.75 4.43
N PHE A 100 -7.32 6.54 5.06
CA PHE A 100 -7.86 6.22 6.37
C PHE A 100 -8.82 5.04 6.29
N LEU A 101 -9.61 4.99 5.22
CA LEU A 101 -10.58 3.92 5.03
C LEU A 101 -9.86 2.59 4.77
N LEU A 102 -8.56 2.65 4.53
CA LEU A 102 -7.77 1.46 4.27
C LEU A 102 -7.33 0.81 5.58
N GLU A 103 -7.02 1.64 6.57
CA GLU A 103 -6.59 1.14 7.87
C GLU A 103 -7.48 0.00 8.35
N PRO A 104 -8.80 0.29 8.48
CA PRO A 104 -9.78 -0.71 8.93
C PRO A 104 -10.03 -1.78 7.88
N PHE A 105 -9.41 -1.63 6.72
CA PHE A 105 -9.56 -2.59 5.63
C PHE A 105 -8.38 -3.56 5.59
N ILE A 106 -7.31 -3.19 6.30
CA ILE A 106 -6.11 -4.02 6.34
C ILE A 106 -6.46 -5.46 6.71
N ALA A 107 -7.44 -5.62 7.59
CA ALA A 107 -7.88 -6.95 8.02
C ALA A 107 -8.28 -7.82 6.83
N SER A 108 -8.80 -7.18 5.79
CA SER A 108 -9.23 -7.89 4.60
C SER A 108 -8.04 -8.44 3.83
N LEU A 109 -7.07 -7.56 3.57
CA LEU A 109 -5.86 -7.95 2.84
C LEU A 109 -4.71 -8.22 3.79
N LYS A 110 -4.86 -9.24 4.64
CA LYS A 110 -3.83 -9.60 5.60
C LYS A 110 -3.43 -8.40 6.45
N MET A 1 17.80 -5.21 -7.03
CA MET A 1 16.39 -4.89 -7.28
C MET A 1 15.48 -5.86 -6.53
N SER A 2 15.87 -6.22 -5.32
CA SER A 2 15.10 -7.15 -4.50
C SER A 2 14.77 -6.52 -3.14
N LEU A 3 13.49 -6.30 -2.90
CA LEU A 3 13.04 -5.72 -1.63
C LEU A 3 12.11 -6.67 -0.89
N LYS A 4 12.18 -6.64 0.44
CA LYS A 4 11.34 -7.50 1.27
C LYS A 4 9.86 -7.17 1.06
N SER A 5 9.57 -5.90 0.84
CA SER A 5 8.19 -5.45 0.64
C SER A 5 7.56 -6.19 -0.55
N ASP A 6 8.40 -6.67 -1.46
CA ASP A 6 7.93 -7.38 -2.64
C ASP A 6 7.03 -8.55 -2.23
N GLU A 7 7.38 -9.20 -1.13
CA GLU A 7 6.61 -10.34 -0.64
C GLU A 7 5.20 -9.91 -0.24
N VAL A 8 5.10 -8.85 0.55
CA VAL A 8 3.83 -8.33 1.00
C VAL A 8 2.90 -8.05 -0.17
N PHE A 9 3.41 -7.30 -1.15
CA PHE A 9 2.63 -6.95 -2.34
C PHE A 9 2.19 -8.21 -3.09
N ALA A 10 3.06 -9.22 -3.10
CA ALA A 10 2.75 -10.47 -3.78
C ALA A 10 1.59 -11.19 -3.11
N LYS A 11 1.63 -11.27 -1.78
CA LYS A 11 0.59 -11.93 -1.02
C LYS A 11 -0.72 -11.16 -1.11
N ILE A 12 -0.64 -9.85 -1.04
CA ILE A 12 -1.82 -8.99 -1.13
C ILE A 12 -2.45 -9.07 -2.51
N ALA A 13 -1.63 -8.90 -3.55
CA ALA A 13 -2.09 -8.95 -4.92
C ALA A 13 -2.91 -10.22 -5.18
N LYS A 14 -2.47 -11.32 -4.57
CA LYS A 14 -3.15 -12.60 -4.73
C LYS A 14 -4.52 -12.58 -4.06
N ARG A 15 -4.62 -11.85 -2.95
CA ARG A 15 -5.87 -11.75 -2.21
C ARG A 15 -6.84 -10.81 -2.93
N LEU A 16 -6.30 -9.79 -3.59
CA LEU A 16 -7.12 -8.83 -4.30
C LEU A 16 -7.72 -9.45 -5.56
N GLU A 17 -7.23 -10.63 -5.92
CA GLU A 17 -7.70 -11.33 -7.11
C GLU A 17 -9.03 -12.05 -6.82
N SER A 18 -9.37 -12.17 -5.54
CA SER A 18 -10.60 -12.83 -5.13
C SER A 18 -11.69 -11.81 -4.84
N ILE A 19 -11.35 -10.53 -4.96
CA ILE A 19 -12.31 -9.46 -4.71
C ILE A 19 -13.54 -9.60 -5.58
N ASP A 20 -14.70 -9.33 -5.00
CA ASP A 20 -15.97 -9.43 -5.73
C ASP A 20 -16.80 -8.16 -5.55
N PRO A 21 -17.54 -7.79 -6.60
CA PRO A 21 -18.39 -6.59 -6.57
C PRO A 21 -19.60 -6.77 -5.67
N ALA A 22 -19.79 -7.98 -5.17
CA ALA A 22 -20.91 -8.28 -4.28
C ALA A 22 -20.55 -8.02 -2.83
N ASN A 23 -19.24 -7.92 -2.56
CA ASN A 23 -18.76 -7.69 -1.20
C ASN A 23 -17.56 -6.75 -1.21
N ARG A 24 -17.72 -5.56 -0.64
CA ARG A 24 -16.65 -4.58 -0.58
C ARG A 24 -17.09 -3.33 0.18
N GLN A 25 -16.21 -2.34 0.25
CA GLN A 25 -16.50 -1.10 0.95
C GLN A 25 -15.99 0.10 0.16
N VAL A 26 -14.71 0.06 -0.20
CA VAL A 26 -14.09 1.14 -0.95
C VAL A 26 -12.72 0.74 -1.47
N GLU A 27 -12.44 1.11 -2.72
CA GLU A 27 -11.16 0.79 -3.34
C GLU A 27 -10.79 1.81 -4.39
N HIS A 28 -9.65 2.47 -4.21
CA HIS A 28 -9.19 3.48 -5.15
C HIS A 28 -7.70 3.31 -5.45
N VAL A 29 -7.25 3.92 -6.54
CA VAL A 29 -5.84 3.83 -6.93
C VAL A 29 -4.93 4.44 -5.88
N TYR A 30 -3.97 3.66 -5.40
CA TYR A 30 -3.03 4.13 -4.39
C TYR A 30 -1.59 3.92 -4.84
N LYS A 31 -0.77 4.96 -4.70
CA LYS A 31 0.63 4.89 -5.08
C LYS A 31 1.50 4.44 -3.91
N PHE A 32 2.42 3.52 -4.19
CA PHE A 32 3.32 3.01 -3.15
C PHE A 32 4.76 3.43 -3.42
N ARG A 33 5.37 4.09 -2.44
CA ARG A 33 6.75 4.54 -2.58
C ARG A 33 7.65 3.86 -1.56
N ILE A 34 8.63 3.10 -2.04
CA ILE A 34 9.56 2.40 -1.17
C ILE A 34 10.96 2.99 -1.26
N THR A 35 11.39 3.62 -0.18
CA THR A 35 12.72 4.23 -0.13
C THR A 35 13.72 3.33 0.57
N GLN A 36 14.96 3.34 0.09
CA GLN A 36 16.01 2.52 0.66
C GLN A 36 16.72 3.26 1.79
N GLY A 37 16.36 2.93 3.03
CA GLY A 37 16.97 3.57 4.18
C GLY A 37 16.41 4.96 4.44
N GLY A 38 16.11 5.69 3.35
CA GLY A 38 15.57 7.02 3.49
C GLY A 38 15.46 7.74 2.16
N LYS A 39 15.90 7.08 1.10
CA LYS A 39 15.84 7.66 -0.23
C LYS A 39 15.04 6.77 -1.19
N VAL A 40 14.10 7.38 -1.90
CA VAL A 40 13.26 6.65 -2.84
C VAL A 40 14.11 5.85 -3.82
N VAL A 41 13.88 4.53 -3.86
CA VAL A 41 14.63 3.66 -4.76
C VAL A 41 13.69 2.70 -5.49
N LYS A 42 12.40 2.81 -5.20
CA LYS A 42 11.40 1.96 -5.83
C LYS A 42 10.01 2.56 -5.69
N ASN A 43 9.18 2.36 -6.71
CA ASN A 43 7.82 2.90 -6.72
C ASN A 43 6.86 1.90 -7.35
N TRP A 44 5.80 1.56 -6.61
CA TRP A 44 4.79 0.62 -7.11
C TRP A 44 3.43 1.29 -7.22
N VAL A 45 2.66 0.88 -8.23
CA VAL A 45 1.34 1.44 -8.46
C VAL A 45 0.30 0.34 -8.63
N MET A 46 -0.82 0.47 -7.92
CA MET A 46 -1.89 -0.51 -7.99
C MET A 46 -3.09 0.05 -8.75
N ASP A 47 -3.52 -0.65 -9.79
CA ASP A 47 -4.66 -0.22 -10.59
C ASP A 47 -5.94 -0.21 -9.75
N LEU A 48 -7.08 -0.23 -10.43
CA LEU A 48 -8.37 -0.21 -9.75
C LEU A 48 -9.42 -0.96 -10.56
N LYS A 49 -9.40 -0.76 -11.87
CA LYS A 49 -10.35 -1.42 -12.76
C LYS A 49 -9.96 -2.88 -12.99
N ASN A 50 -8.66 -3.16 -12.95
CA ASN A 50 -8.17 -4.51 -13.14
C ASN A 50 -7.92 -5.20 -11.81
N VAL A 51 -7.70 -4.39 -10.76
CA VAL A 51 -7.44 -4.92 -9.43
C VAL A 51 -6.07 -5.60 -9.36
N LYS A 52 -5.10 -5.03 -10.07
CA LYS A 52 -3.75 -5.57 -10.08
C LYS A 52 -2.72 -4.46 -9.94
N LEU A 53 -1.65 -4.75 -9.21
CA LEU A 53 -0.58 -3.77 -9.00
C LEU A 53 0.75 -4.28 -9.53
N VAL A 54 1.49 -3.41 -10.19
CA VAL A 54 2.79 -3.78 -10.75
C VAL A 54 3.76 -2.61 -10.71
N GLU A 55 5.01 -2.86 -11.09
CA GLU A 55 6.03 -1.82 -11.10
C GLU A 55 5.68 -0.71 -12.09
N SER A 56 5.08 0.36 -11.59
CA SER A 56 4.69 1.48 -12.43
C SER A 56 4.74 2.79 -11.64
N ASP A 57 4.65 3.91 -12.36
CA ASP A 57 4.68 5.22 -11.73
C ASP A 57 3.40 6.00 -12.04
N ASP A 58 2.40 5.30 -12.55
CA ASP A 58 1.13 5.92 -12.89
C ASP A 58 0.59 6.74 -11.71
N ALA A 59 -0.17 7.78 -12.02
CA ALA A 59 -0.75 8.64 -11.00
C ALA A 59 -1.78 7.90 -10.17
N ALA A 60 -2.28 8.54 -9.12
CA ALA A 60 -3.29 7.93 -8.25
C ALA A 60 -4.01 8.99 -7.43
N GLU A 61 -5.19 8.63 -6.92
CA GLU A 61 -5.97 9.55 -6.11
C GLU A 61 -5.19 10.02 -4.89
N ALA A 62 -4.22 9.22 -4.48
CA ALA A 62 -3.40 9.55 -3.33
C ALA A 62 -2.04 8.85 -3.40
N THR A 63 -1.07 9.37 -2.64
CA THR A 63 0.27 8.80 -2.61
C THR A 63 0.65 8.33 -1.21
N LEU A 64 1.02 7.06 -1.10
CA LEU A 64 1.41 6.50 0.20
C LEU A 64 2.89 6.12 0.19
N THR A 65 3.68 6.88 0.93
CA THR A 65 5.12 6.63 1.02
C THR A 65 5.45 5.80 2.25
N MET A 66 6.07 4.64 2.03
CA MET A 66 6.46 3.76 3.13
C MET A 66 7.76 3.03 2.81
N GLU A 67 8.67 3.04 3.77
CA GLU A 67 9.96 2.38 3.60
C GLU A 67 9.78 0.86 3.44
N ASP A 68 10.84 0.19 3.01
CA ASP A 68 10.81 -1.25 2.82
C ASP A 68 10.64 -1.97 4.15
N ASP A 69 11.51 -1.66 5.10
CA ASP A 69 11.46 -2.27 6.43
C ASP A 69 10.14 -1.94 7.12
N ILE A 70 9.63 -0.74 6.87
CA ILE A 70 8.38 -0.30 7.47
C ILE A 70 7.18 -0.93 6.78
N MET A 71 7.14 -0.81 5.45
CA MET A 71 6.05 -1.37 4.66
C MET A 71 5.84 -2.84 5.01
N PHE A 72 6.93 -3.54 5.29
CA PHE A 72 6.85 -4.96 5.62
C PHE A 72 6.04 -5.18 6.89
N ALA A 73 6.29 -4.35 7.90
CA ALA A 73 5.58 -4.45 9.17
C ALA A 73 4.07 -4.33 8.96
N ILE A 74 3.66 -3.33 8.18
CA ILE A 74 2.25 -3.11 7.91
C ILE A 74 1.69 -4.20 7.02
N GLY A 75 2.56 -4.84 6.24
CA GLY A 75 2.12 -5.90 5.36
C GLY A 75 1.91 -7.22 6.09
N THR A 76 2.79 -7.50 7.05
CA THR A 76 2.69 -8.74 7.82
C THR A 76 1.90 -8.52 9.12
N GLY A 77 1.03 -7.51 9.10
CA GLY A 77 0.23 -7.22 10.27
C GLY A 77 1.06 -7.04 11.52
N ALA A 78 2.34 -6.74 11.33
CA ALA A 78 3.25 -6.53 12.45
C ALA A 78 2.95 -5.22 13.18
N LEU A 79 3.38 -4.11 12.58
CA LEU A 79 3.17 -2.79 13.17
C LEU A 79 2.01 -2.08 12.47
N PRO A 80 1.23 -1.33 13.25
CA PRO A 80 0.08 -0.57 12.73
C PRO A 80 0.51 0.61 11.87
N ALA A 81 -0.05 0.69 10.67
CA ALA A 81 0.28 1.78 9.75
C ALA A 81 0.03 3.13 10.40
N LYS A 82 -0.89 3.17 11.36
CA LYS A 82 -1.23 4.41 12.06
C LYS A 82 -0.02 4.92 12.85
N GLU A 83 0.54 4.06 13.69
CA GLU A 83 1.69 4.42 14.50
C GLU A 83 2.87 4.83 13.63
N ALA A 84 3.21 3.98 12.68
CA ALA A 84 4.33 4.25 11.77
C ALA A 84 4.20 5.63 11.14
N MET A 85 2.97 5.98 10.72
CA MET A 85 2.72 7.27 10.11
C MET A 85 2.80 8.40 11.14
N ALA A 86 2.41 8.09 12.37
CA ALA A 86 2.44 9.07 13.45
C ALA A 86 3.87 9.28 13.95
N GLN A 87 4.73 8.32 13.68
CA GLN A 87 6.13 8.40 14.10
C GLN A 87 7.00 9.05 13.03
N ASP A 88 6.34 9.69 12.07
CA ASP A 88 7.05 10.37 10.98
C ASP A 88 7.82 9.36 10.13
N LYS A 89 7.47 8.08 10.27
CA LYS A 89 8.13 7.02 9.53
C LYS A 89 7.36 6.71 8.24
N MET A 90 6.20 7.35 8.08
CA MET A 90 5.37 7.14 6.89
C MET A 90 4.59 8.41 6.55
N GLU A 91 4.51 8.72 5.27
CA GLU A 91 3.79 9.90 4.81
C GLU A 91 2.77 9.54 3.74
N VAL A 92 1.72 10.34 3.63
CA VAL A 92 0.67 10.11 2.64
C VAL A 92 0.09 11.42 2.13
N ASP A 93 -0.20 11.46 0.84
CA ASP A 93 -0.76 12.66 0.22
C ASP A 93 -2.10 12.36 -0.43
N GLY A 94 -2.76 13.40 -0.93
CA GLY A 94 -4.05 13.22 -1.57
C GLY A 94 -5.20 13.55 -0.64
N GLN A 95 -6.01 12.54 -0.33
CA GLN A 95 -7.15 12.73 0.55
C GLN A 95 -7.02 11.88 1.81
N VAL A 96 -6.87 12.54 2.95
CA VAL A 96 -6.72 11.86 4.23
C VAL A 96 -7.75 10.74 4.37
N GLU A 97 -8.96 10.99 3.87
CA GLU A 97 -10.03 10.00 3.93
C GLU A 97 -9.64 8.73 3.19
N LEU A 98 -9.25 8.88 1.93
CA LEU A 98 -8.84 7.74 1.11
C LEU A 98 -7.80 6.89 1.83
N ILE A 99 -6.68 7.51 2.16
CA ILE A 99 -5.60 6.81 2.86
C ILE A 99 -6.09 6.21 4.16
N PHE A 100 -7.03 6.90 4.80
CA PHE A 100 -7.59 6.43 6.08
C PHE A 100 -8.46 5.19 5.87
N LEU A 101 -9.14 5.14 4.73
CA LEU A 101 -10.01 4.01 4.41
C LEU A 101 -9.20 2.74 4.21
N LEU A 102 -7.88 2.89 4.10
CA LEU A 102 -7.00 1.74 3.91
C LEU A 102 -6.64 1.11 5.25
N GLU A 103 -6.39 1.96 6.25
CA GLU A 103 -6.03 1.47 7.58
C GLU A 103 -6.85 0.23 7.95
N PRO A 104 -8.18 0.37 7.95
CA PRO A 104 -9.09 -0.72 8.28
C PRO A 104 -9.10 -1.80 7.20
N PHE A 105 -8.87 -1.40 5.96
CA PHE A 105 -8.86 -2.33 4.84
C PHE A 105 -7.81 -3.43 5.05
N ILE A 106 -6.79 -3.11 5.85
CA ILE A 106 -5.74 -4.07 6.14
C ILE A 106 -6.29 -5.33 6.79
N ALA A 107 -7.38 -5.17 7.54
CA ALA A 107 -8.00 -6.30 8.21
C ALA A 107 -8.30 -7.43 7.24
N SER A 108 -8.53 -7.07 5.98
CA SER A 108 -8.83 -8.06 4.95
C SER A 108 -7.55 -8.74 4.46
N LEU A 109 -6.46 -7.99 4.43
CA LEU A 109 -5.18 -8.53 3.98
C LEU A 109 -4.34 -8.99 5.18
N LYS A 110 -4.92 -9.83 6.01
CA LYS A 110 -4.22 -10.36 7.18
C LYS A 110 -3.66 -9.22 8.02
#